data_4D8T
#
_entry.id   4D8T
#
_cell.length_a   66.483
_cell.length_b   165.450
_cell.length_c   69.208
_cell.angle_alpha   90.00
_cell.angle_beta   119.01
_cell.angle_gamma   90.00
#
_symmetry.space_group_name_H-M   'P 1 21 1'
#
loop_
_entity.id
_entity.type
_entity.pdbx_description
1 polymer 'D-cysteine desulfhydrase'
2 non-polymer 'SULFATE ION'
3 non-polymer 'CHLORIDE ION'
4 non-polymer BENZAMIDINE
5 water water
#
_entity_poly.entity_id   1
_entity_poly.type   'polypeptide(L)'
_entity_poly.pdbx_seq_one_letter_code
;MRGSHHHHHHGMASMPLHHLTRFPRLEFIGAPTPLEYLPRLSDYLGREIYIKRDDVTPIAMGGN(LLP)LRKLEFLVADA
LREGADTLITAGAIQSNHVRQTAAVAAKLGLHCVALLENPIGTTAENYLTNGNRLLLDLFNTQIEMCDALTDPDAQLQTL
ATRIEAQGFRPYVIPVGGSSALGAMGYVESALEIAQQCEEVVGLSSVVVASGSAGTHAGLAVGLEHLMPDVELIGVTVSR
SVAEQKPKVIALQQAIAGQLALTATADIHLWDDYFAPGYGVPNDAGMEAVKLLASLEGVLLDPVYTGKAMAGLIDGISQK
RFNDDGPILFIHTGGAPALFAYHPHV
;
_entity_poly.pdbx_strand_id   A,B,C,D
#
loop_
_chem_comp.id
_chem_comp.type
_chem_comp.name
_chem_comp.formula
BEN non-polymer BENZAMIDINE 'C7 H8 N2'
CL non-polymer 'CHLORIDE ION' 'Cl -1'
SO4 non-polymer 'SULFATE ION' 'O4 S -2'
#
# COMPACT_ATOMS: atom_id res chain seq x y z
N MET A 15 -21.05 40.38 -17.60
CA MET A 15 -20.40 41.03 -18.77
C MET A 15 -18.92 41.36 -18.55
N PRO A 16 -18.57 41.97 -17.39
CA PRO A 16 -17.16 42.40 -17.26
C PRO A 16 -16.18 41.25 -16.97
N LEU A 17 -16.70 40.07 -16.66
CA LEU A 17 -15.88 38.90 -16.36
C LEU A 17 -15.79 37.91 -17.53
N HIS A 18 -15.98 38.40 -18.76
CA HIS A 18 -16.00 37.51 -19.93
C HIS A 18 -14.66 36.96 -20.37
N HIS A 19 -13.58 37.68 -20.08
CA HIS A 19 -12.23 37.18 -20.40
C HIS A 19 -11.85 35.94 -19.63
N LEU A 20 -12.60 35.66 -18.56
CA LEU A 20 -12.45 34.44 -17.78
C LEU A 20 -12.65 33.22 -18.68
N THR A 21 -13.49 33.40 -19.70
CA THR A 21 -13.84 32.38 -20.68
C THR A 21 -12.62 31.86 -21.47
N ARG A 22 -11.62 32.72 -21.67
CA ARG A 22 -10.44 32.35 -22.48
C ARG A 22 -9.52 31.32 -21.82
N PHE A 23 -9.63 31.17 -20.50
CA PHE A 23 -8.80 30.20 -19.78
C PHE A 23 -9.42 28.80 -19.81
N PRO A 24 -8.68 27.80 -20.33
CA PRO A 24 -9.18 26.43 -20.27
C PRO A 24 -9.32 25.98 -18.82
N ARG A 25 -10.35 25.19 -18.55
CA ARG A 25 -10.61 24.68 -17.20
CA ARG A 25 -10.56 24.65 -17.20
C ARG A 25 -11.22 23.28 -17.26
N LEU A 26 -10.83 22.42 -16.31
CA LEU A 26 -11.42 21.12 -16.20
C LEU A 26 -12.69 21.23 -15.35
N GLU A 27 -13.55 20.22 -15.49
CA GLU A 27 -14.84 20.18 -14.81
C GLU A 27 -14.71 19.21 -13.63
N PHE A 28 -14.42 19.75 -12.44
CA PHE A 28 -14.28 18.92 -11.24
C PHE A 28 -15.50 19.01 -10.32
N ILE A 29 -16.20 20.13 -10.39
CA ILE A 29 -17.29 20.38 -9.43
C ILE A 29 -18.65 20.02 -10.02
N GLY A 30 -18.96 20.57 -11.20
CA GLY A 30 -20.26 20.38 -11.83
C GLY A 30 -21.15 21.57 -11.56
N ALA A 31 -22.25 21.32 -10.86
CA ALA A 31 -23.20 22.37 -10.48
C ALA A 31 -22.55 23.39 -9.53
N PRO A 32 -23.11 24.60 -9.46
CA PRO A 32 -22.72 25.55 -8.41
C PRO A 32 -22.92 24.95 -7.02
N THR A 33 -22.03 25.27 -6.09
CA THR A 33 -22.14 24.74 -4.73
C THR A 33 -23.28 25.45 -3.98
N PRO A 34 -23.88 24.76 -2.99
CA PRO A 34 -24.97 25.37 -2.23
C PRO A 34 -24.58 26.69 -1.55
N LEU A 35 -25.53 27.63 -1.58
CA LEU A 35 -25.49 28.84 -0.77
C LEU A 35 -26.72 28.75 0.13
N GLU A 36 -26.50 28.56 1.43
CA GLU A 36 -27.59 28.26 2.36
C GLU A 36 -27.68 29.28 3.49
N TYR A 37 -28.87 29.46 4.03
CA TYR A 37 -29.10 30.30 5.19
C TYR A 37 -28.79 29.46 6.42
N LEU A 38 -28.32 30.10 7.49
CA LEU A 38 -28.07 29.39 8.75
C LEU A 38 -29.01 29.94 9.83
N PRO A 39 -30.25 29.41 9.91
CA PRO A 39 -31.27 30.01 10.78
C PRO A 39 -30.98 29.91 12.27
N ARG A 40 -30.28 28.87 12.67
CA ARG A 40 -29.95 28.69 14.09
C ARG A 40 -28.71 29.48 14.52
N LEU A 41 -27.65 29.45 13.72
CA LEU A 41 -26.52 30.36 13.94
C LEU A 41 -26.98 31.83 13.92
N SER A 42 -27.79 32.20 12.92
CA SER A 42 -28.31 33.57 12.80
C SER A 42 -29.11 33.98 14.03
N ASP A 43 -29.97 33.07 14.50
CA ASP A 43 -30.75 33.25 15.72
C ASP A 43 -29.84 33.53 16.91
N TYR A 44 -28.79 32.73 17.03
CA TYR A 44 -27.84 32.88 18.12
C TYR A 44 -27.03 34.18 18.05
N LEU A 45 -26.67 34.59 16.83
CA LEU A 45 -25.78 35.74 16.64
C LEU A 45 -26.52 37.06 16.53
N GLY A 46 -27.84 36.99 16.31
CA GLY A 46 -28.67 38.17 16.16
C GLY A 46 -28.45 38.91 14.86
N ARG A 47 -28.12 38.15 13.82
CA ARG A 47 -27.87 38.69 12.49
C ARG A 47 -27.96 37.58 11.47
N GLU A 48 -28.38 37.93 10.26
CA GLU A 48 -28.49 36.96 9.18
C GLU A 48 -27.13 36.49 8.68
N ILE A 49 -26.89 35.19 8.83
CA ILE A 49 -25.69 34.54 8.32
C ILE A 49 -26.07 33.54 7.23
N TYR A 50 -25.44 33.69 6.07
CA TYR A 50 -25.52 32.70 5.01
C TYR A 50 -24.15 32.02 4.87
N ILE A 51 -24.12 30.90 4.16
CA ILE A 51 -22.90 30.13 3.98
C ILE A 51 -22.74 29.59 2.55
N LYS A 52 -21.57 29.84 1.98
CA LYS A 52 -21.23 29.35 0.65
C LYS A 52 -20.45 28.05 0.83
N ARG A 53 -21.07 26.93 0.41
CA ARG A 53 -20.59 25.62 0.79
C ARG A 53 -19.57 25.08 -0.18
N ASP A 54 -18.41 25.72 -0.26
CA ASP A 54 -17.34 25.21 -1.10
C ASP A 54 -16.64 24.01 -0.47
N ASP A 55 -17.09 23.63 0.71
CA ASP A 55 -16.63 22.39 1.34
C ASP A 55 -17.31 21.16 0.72
N VAL A 56 -18.34 21.38 -0.08
CA VAL A 56 -19.16 20.31 -0.67
C VAL A 56 -18.88 20.17 -2.15
N THR A 57 -17.80 19.46 -2.47
CA THR A 57 -17.44 19.23 -3.86
C THR A 57 -17.19 17.73 -4.01
N PRO A 58 -17.36 17.19 -5.23
CA PRO A 58 -17.37 15.73 -5.39
C PRO A 58 -16.02 15.05 -5.23
N ILE A 59 -14.93 15.81 -5.16
CA ILE A 59 -13.61 15.19 -5.15
C ILE A 59 -12.96 15.10 -3.77
N ALA A 60 -12.64 13.87 -3.37
CA ALA A 60 -11.91 13.57 -2.12
C ALA A 60 -12.16 14.57 -0.99
N MET A 61 -13.39 14.59 -0.50
CA MET A 61 -13.79 15.37 0.67
C MET A 61 -13.77 16.89 0.49
N GLY A 62 -13.62 17.34 -0.75
CA GLY A 62 -13.96 18.72 -1.13
C GLY A 62 -13.02 19.82 -0.68
N GLY A 63 -13.38 21.05 -1.02
CA GLY A 63 -12.60 22.21 -0.57
C GLY A 63 -12.37 23.28 -1.62
N ASN A 64 -12.00 24.46 -1.15
CA ASN A 64 -11.73 25.60 -2.03
C ASN A 64 -10.66 25.33 -3.08
N1 LLP A 65 -9.61 27.24 4.15
C2 LLP A 65 -9.19 26.01 3.82
C2' LLP A 65 -9.93 24.81 4.34
C3 LLP A 65 -8.09 25.83 3.00
O3 LLP A 65 -7.69 24.56 2.67
C4 LLP A 65 -7.42 26.96 2.51
C4' LLP A 65 -6.25 26.78 1.60
C5 LLP A 65 -7.87 28.22 2.87
C6 LLP A 65 -8.98 28.34 3.71
C5' LLP A 65 -7.22 29.49 2.42
OP4 LLP A 65 -7.23 29.66 1.01
P LLP A 65 -6.02 30.53 0.40
OP1 LLP A 65 -4.80 29.66 0.59
OP2 LLP A 65 -6.42 30.74 -1.03
OP3 LLP A 65 -5.99 31.78 1.23
N LLP A 65 -9.66 24.52 -2.71
CA LLP A 65 -8.48 24.29 -3.55
CB LLP A 65 -7.44 23.45 -2.79
CG LLP A 65 -7.03 24.05 -1.43
CD LLP A 65 -6.43 25.45 -1.55
CE LLP A 65 -5.47 25.78 -0.41
NZ LLP A 65 -6.25 25.79 0.82
C LLP A 65 -8.87 23.67 -4.88
O LLP A 65 -8.25 23.95 -5.91
N LEU A 66 -9.94 22.88 -4.86
CA LEU A 66 -10.45 22.25 -6.07
C LEU A 66 -10.90 23.27 -7.13
N ARG A 67 -11.43 24.41 -6.69
CA ARG A 67 -11.77 25.48 -7.61
C ARG A 67 -10.55 26.00 -8.36
N LYS A 68 -9.42 26.10 -7.67
CA LYS A 68 -8.17 26.56 -8.28
C LYS A 68 -7.58 25.50 -9.20
N LEU A 69 -7.70 24.23 -8.80
CA LEU A 69 -7.13 23.11 -9.56
C LEU A 69 -7.77 22.91 -10.92
N GLU A 70 -9.03 23.31 -11.06
CA GLU A 70 -9.72 23.26 -12.36
C GLU A 70 -8.94 24.03 -13.44
N PHE A 71 -8.40 25.19 -13.07
CA PHE A 71 -7.63 26.03 -13.99
C PHE A 71 -6.16 25.60 -14.08
N LEU A 72 -5.59 25.24 -12.94
CA LEU A 72 -4.18 24.85 -12.85
C LEU A 72 -3.88 23.56 -13.61
N VAL A 73 -4.69 22.53 -13.37
CA VAL A 73 -4.50 21.22 -14.00
C VAL A 73 -4.82 21.23 -15.50
N ALA A 74 -5.78 22.07 -15.91
CA ALA A 74 -6.05 22.23 -17.34
C ALA A 74 -4.85 22.85 -18.03
N ASP A 75 -4.21 23.79 -17.36
CA ASP A 75 -2.96 24.39 -17.83
C ASP A 75 -1.85 23.34 -17.89
N ALA A 76 -1.80 22.45 -16.90
CA ALA A 76 -0.82 21.35 -16.91
C ALA A 76 -1.03 20.43 -18.11
N LEU A 77 -2.28 20.00 -18.33
CA LEU A 77 -2.62 19.18 -19.49
C LEU A 77 -2.22 19.86 -20.80
N ARG A 78 -2.57 21.13 -20.95
CA ARG A 78 -2.18 21.93 -22.13
C ARG A 78 -0.65 22.00 -22.30
N GLU A 79 0.08 21.84 -21.21
CA GLU A 79 1.53 21.90 -21.28
C GLU A 79 2.16 20.52 -21.51
N GLY A 80 1.32 19.49 -21.62
CA GLY A 80 1.80 18.10 -21.79
C GLY A 80 2.41 17.46 -20.56
N ALA A 81 2.12 18.01 -19.39
CA ALA A 81 2.66 17.48 -18.14
C ALA A 81 1.98 16.17 -17.76
N ASP A 82 2.72 15.31 -17.06
CA ASP A 82 2.19 14.02 -16.63
C ASP A 82 2.33 13.88 -15.11
N THR A 83 2.83 14.94 -14.49
CA THR A 83 3.13 14.92 -13.07
C THR A 83 2.79 16.28 -12.46
N LEU A 84 2.09 16.26 -11.33
CA LEU A 84 1.82 17.47 -10.57
C LEU A 84 2.73 17.50 -9.36
N ILE A 85 3.48 18.59 -9.21
CA ILE A 85 4.32 18.80 -8.04
C ILE A 85 3.84 20.02 -7.29
N THR A 86 3.61 19.85 -5.99
CA THR A 86 3.20 20.96 -5.12
C THR A 86 3.73 20.81 -3.68
N ALA A 87 3.36 21.74 -2.81
CA ALA A 87 3.89 21.76 -1.45
C ALA A 87 2.84 22.21 -0.43
N GLY A 88 3.08 21.91 0.84
CA GLY A 88 2.21 22.34 1.94
C GLY A 88 2.59 21.71 3.26
N ALA A 89 1.76 21.91 4.28
CA ALA A 89 1.94 21.22 5.55
C ALA A 89 1.67 19.72 5.37
N ILE A 90 2.04 18.91 6.36
CA ILE A 90 1.69 17.49 6.36
C ILE A 90 0.16 17.34 6.25
N GLN A 91 -0.56 18.30 6.84
CA GLN A 91 -2.02 18.27 6.86
C GLN A 91 -2.67 19.25 5.87
N SER A 92 -1.95 19.61 4.81
CA SER A 92 -2.45 20.48 3.74
C SER A 92 -3.67 19.89 3.00
N ASN A 93 -4.69 20.73 2.84
CA ASN A 93 -5.88 20.35 2.10
C ASN A 93 -5.59 20.35 0.61
N HIS A 94 -4.77 21.33 0.20
CA HIS A 94 -4.35 21.50 -1.18
C HIS A 94 -3.61 20.29 -1.71
N VAL A 95 -2.66 19.78 -0.93
CA VAL A 95 -1.84 18.66 -1.37
C VAL A 95 -2.77 17.45 -1.57
N ARG A 96 -3.65 17.23 -0.61
CA ARG A 96 -4.66 16.15 -0.66
C ARG A 96 -5.59 16.25 -1.90
N GLN A 97 -6.14 17.44 -2.16
CA GLN A 97 -7.00 17.63 -3.34
C GLN A 97 -6.22 17.51 -4.66
N THR A 98 -4.97 17.97 -4.64
CA THR A 98 -4.09 17.85 -5.81
C THR A 98 -3.81 16.38 -6.14
N ALA A 99 -3.56 15.59 -5.09
CA ALA A 99 -3.27 14.15 -5.22
C ALA A 99 -4.48 13.34 -5.68
N ALA A 100 -5.67 13.73 -5.21
CA ALA A 100 -6.91 13.10 -5.66
C ALA A 100 -7.16 13.36 -7.15
N VAL A 101 -6.94 14.60 -7.56
CA VAL A 101 -7.10 15.00 -8.95
C VAL A 101 -6.06 14.31 -9.85
N ALA A 102 -4.84 14.20 -9.34
CA ALA A 102 -3.75 13.55 -10.08
C ALA A 102 -4.08 12.08 -10.37
N ALA A 103 -4.52 11.36 -9.33
CA ALA A 103 -4.90 9.96 -9.46
C ALA A 103 -6.02 9.79 -10.49
N LYS A 104 -7.10 10.58 -10.34
CA LYS A 104 -8.24 10.59 -11.24
C LYS A 104 -7.85 10.74 -12.71
N LEU A 105 -6.85 11.57 -12.96
CA LEU A 105 -6.45 11.87 -14.33
C LEU A 105 -5.25 11.04 -14.80
N GLY A 106 -4.77 10.12 -13.96
CA GLY A 106 -3.64 9.27 -14.31
C GLY A 106 -2.33 10.05 -14.38
N LEU A 107 -2.28 11.15 -13.64
CA LEU A 107 -1.07 11.94 -13.53
C LEU A 107 -0.36 11.49 -12.27
N HIS A 108 0.97 11.53 -12.28
CA HIS A 108 1.76 11.35 -11.07
C HIS A 108 1.65 12.58 -10.19
N CYS A 109 1.89 12.40 -8.88
CA CYS A 109 1.88 13.52 -7.93
C CYS A 109 3.05 13.45 -6.96
N VAL A 110 3.74 14.58 -6.82
CA VAL A 110 4.88 14.67 -5.90
C VAL A 110 4.61 15.82 -4.93
N ALA A 111 4.74 15.53 -3.64
CA ALA A 111 4.45 16.49 -2.58
C ALA A 111 5.64 16.78 -1.68
N LEU A 112 6.03 18.06 -1.64
CA LEU A 112 7.00 18.53 -0.67
C LEU A 112 6.27 18.97 0.61
N LEU A 113 6.45 18.22 1.68
CA LEU A 113 5.73 18.46 2.92
C LEU A 113 6.63 18.95 4.05
N GLU A 114 6.07 19.79 4.93
CA GLU A 114 6.76 20.21 6.14
C GLU A 114 5.86 20.01 7.36
N ASN A 115 6.49 19.84 8.52
CA ASN A 115 5.80 19.90 9.81
C ASN A 115 5.91 21.32 10.32
N PRO A 116 4.86 22.14 10.11
CA PRO A 116 4.93 23.56 10.41
C PRO A 116 4.88 23.89 11.91
N ILE A 117 4.29 23.02 12.70
CA ILE A 117 4.11 23.29 14.12
C ILE A 117 5.03 22.47 15.01
N GLY A 118 5.88 21.65 14.40
CA GLY A 118 6.83 20.81 15.15
C GLY A 118 6.21 19.79 16.10
N THR A 119 5.00 19.33 15.80
CA THR A 119 4.34 18.33 16.63
C THR A 119 4.90 16.94 16.40
N THR A 120 4.79 16.10 17.44
CA THR A 120 5.06 14.67 17.30
C THR A 120 3.79 13.82 17.48
N ALA A 121 2.64 14.46 17.61
CA ALA A 121 1.34 13.76 17.75
C ALA A 121 1.05 12.85 16.53
N GLU A 122 0.77 11.58 16.81
CA GLU A 122 0.67 10.55 15.75
C GLU A 122 -0.47 10.77 14.72
N ASN A 123 -1.64 11.22 15.19
CA ASN A 123 -2.71 11.57 14.27
C ASN A 123 -2.37 12.73 13.34
N TYR A 124 -1.58 13.70 13.83
CA TYR A 124 -1.12 14.78 12.96
C TYR A 124 -0.18 14.22 11.92
N LEU A 125 0.73 13.36 12.36
CA LEU A 125 1.76 12.81 11.48
C LEU A 125 1.24 11.78 10.46
N THR A 126 0.18 11.05 10.78
CA THR A 126 -0.21 9.88 9.98
C THR A 126 -1.69 9.79 9.58
N ASN A 127 -2.55 10.55 10.25
CA ASN A 127 -3.99 10.49 10.00
C ASN A 127 -4.48 11.64 9.10
N GLY A 128 -5.79 11.87 9.08
CA GLY A 128 -6.41 12.96 8.30
C GLY A 128 -5.95 13.03 6.85
N ASN A 129 -5.62 14.25 6.41
CA ASN A 129 -5.16 14.47 5.04
C ASN A 129 -3.93 13.66 4.64
N ARG A 130 -3.02 13.44 5.60
CA ARG A 130 -1.78 12.72 5.33
C ARG A 130 -2.03 11.23 5.05
N LEU A 131 -2.99 10.64 5.76
CA LEU A 131 -3.47 9.28 5.44
C LEU A 131 -3.93 9.21 3.99
N LEU A 132 -4.74 10.17 3.55
CA LEU A 132 -5.31 10.13 2.21
C LEU A 132 -4.25 10.17 1.11
N LEU A 133 -3.14 10.88 1.37
CA LEU A 133 -2.03 10.97 0.42
C LEU A 133 -1.51 9.61 -0.01
N ASP A 134 -1.40 8.68 0.95
CA ASP A 134 -0.93 7.33 0.67
C ASP A 134 -1.98 6.54 -0.12
N LEU A 135 -3.25 6.78 0.17
CA LEU A 135 -4.30 6.18 -0.65
C LEU A 135 -4.20 6.63 -2.11
N PHE A 136 -3.71 7.85 -2.33
CA PHE A 136 -3.52 8.40 -3.67
C PHE A 136 -2.14 8.14 -4.30
N ASN A 137 -1.34 7.28 -3.67
CA ASN A 137 0.00 6.98 -4.16
C ASN A 137 0.82 8.22 -4.44
N THR A 138 0.74 9.20 -3.53
CA THR A 138 1.49 10.44 -3.65
C THR A 138 2.95 10.16 -3.34
N GLN A 139 3.86 10.66 -4.16
CA GLN A 139 5.27 10.59 -3.81
C GLN A 139 5.55 11.71 -2.80
N ILE A 140 6.01 11.31 -1.62
CA ILE A 140 6.26 12.23 -0.52
C ILE A 140 7.73 12.63 -0.42
N GLU A 141 7.98 13.94 -0.48
CA GLU A 141 9.29 14.50 -0.21
C GLU A 141 9.20 15.35 1.06
N MET A 142 9.91 14.96 2.11
CA MET A 142 9.89 15.73 3.36
C MET A 142 10.98 16.79 3.36
N CYS A 143 10.71 17.92 3.99
CA CYS A 143 11.74 18.93 4.25
C CYS A 143 11.57 19.51 5.66
N ASP A 144 12.65 20.09 6.17
CA ASP A 144 12.68 20.71 7.50
C ASP A 144 11.65 21.82 7.59
N ALA A 145 11.66 22.71 6.62
CA ALA A 145 10.76 23.85 6.56
C ALA A 145 10.64 24.35 5.12
N LEU A 146 9.48 24.89 4.76
CA LEU A 146 9.29 25.52 3.46
C LEU A 146 9.76 26.98 3.53
N THR A 147 11.07 27.16 3.73
CA THR A 147 11.71 28.48 3.81
C THR A 147 11.66 29.26 2.50
N ASP A 148 11.67 28.54 1.37
CA ASP A 148 11.65 29.16 0.05
C ASP A 148 10.93 28.21 -0.94
N PRO A 149 9.57 28.16 -0.87
CA PRO A 149 8.83 27.12 -1.60
C PRO A 149 9.05 27.10 -3.11
N ASP A 150 9.05 28.28 -3.73
CA ASP A 150 9.33 28.37 -5.17
C ASP A 150 10.71 27.80 -5.55
N ALA A 151 11.73 28.08 -4.75
CA ALA A 151 13.08 27.54 -5.02
C ALA A 151 13.16 26.04 -4.74
N GLN A 152 12.59 25.62 -3.62
CA GLN A 152 12.58 24.20 -3.21
C GLN A 152 11.76 23.34 -4.19
N LEU A 153 10.63 23.88 -4.65
CA LEU A 153 9.79 23.19 -5.64
C LEU A 153 10.51 23.01 -6.97
N GLN A 154 11.36 23.97 -7.35
CA GLN A 154 12.11 23.85 -8.60
C GLN A 154 13.19 22.76 -8.54
N THR A 155 14.01 22.80 -7.51
CA THR A 155 15.01 21.78 -7.25
C THR A 155 14.38 20.38 -7.32
N LEU A 156 13.21 20.23 -6.70
CA LEU A 156 12.47 18.98 -6.71
C LEU A 156 11.97 18.60 -8.11
N ALA A 157 11.52 19.61 -8.87
CA ALA A 157 11.11 19.42 -10.26
C ALA A 157 12.27 18.92 -11.14
N THR A 158 13.45 19.50 -10.96
CA THR A 158 14.66 19.11 -11.70
C THR A 158 14.97 17.62 -11.52
N ARG A 159 14.94 17.15 -10.28
CA ARG A 159 15.15 15.73 -9.97
C ARG A 159 14.08 14.84 -10.58
N ILE A 160 12.83 15.27 -10.46
CA ILE A 160 11.67 14.55 -11.00
C ILE A 160 11.78 14.45 -12.53
N GLU A 161 12.26 15.53 -13.14
CA GLU A 161 12.49 15.60 -14.56
C GLU A 161 13.61 14.67 -15.01
N ALA A 162 14.67 14.55 -14.19
CA ALA A 162 15.80 13.66 -14.51
C ALA A 162 15.38 12.20 -14.52
N GLN A 163 14.25 11.88 -13.88
CA GLN A 163 13.67 10.54 -13.95
C GLN A 163 12.81 10.34 -15.20
N GLY A 164 12.57 11.42 -15.93
CA GLY A 164 11.85 11.34 -17.19
C GLY A 164 10.40 11.81 -17.13
N PHE A 165 9.97 12.19 -15.93
CA PHE A 165 8.65 12.79 -15.74
C PHE A 165 8.54 14.18 -16.41
N ARG A 166 7.31 14.61 -16.67
CA ARG A 166 7.06 15.93 -17.20
C ARG A 166 6.25 16.70 -16.16
N PRO A 167 6.95 17.35 -15.23
CA PRO A 167 6.27 17.92 -14.07
C PRO A 167 5.67 19.30 -14.31
N TYR A 168 4.52 19.54 -13.69
CA TYR A 168 3.95 20.87 -13.62
C TYR A 168 3.96 21.27 -12.16
N VAL A 169 4.57 22.41 -11.89
CA VAL A 169 4.72 22.91 -10.53
C VAL A 169 3.57 23.84 -10.18
N ILE A 170 2.87 23.48 -9.09
CA ILE A 170 1.79 24.30 -8.55
C ILE A 170 2.27 24.90 -7.23
N PRO A 171 2.18 26.24 -7.09
CA PRO A 171 2.66 26.88 -5.86
C PRO A 171 1.80 26.51 -4.64
N VAL A 172 2.35 26.80 -3.46
CA VAL A 172 1.64 26.59 -2.20
C VAL A 172 0.21 27.10 -2.26
N GLY A 173 -0.72 26.26 -1.80
CA GLY A 173 -2.14 26.59 -1.76
C GLY A 173 -2.81 26.81 -3.10
N GLY A 174 -2.13 26.46 -4.20
CA GLY A 174 -2.63 26.74 -5.56
C GLY A 174 -2.79 28.22 -5.89
N SER A 175 -2.21 29.09 -5.08
CA SER A 175 -2.43 30.52 -5.25
C SER A 175 -1.46 31.17 -6.25
N SER A 176 -1.85 31.12 -7.51
CA SER A 176 -1.27 31.94 -8.55
C SER A 176 -2.45 32.69 -9.14
N ALA A 177 -2.18 33.65 -10.02
CA ALA A 177 -3.25 34.40 -10.68
C ALA A 177 -4.20 33.44 -11.40
N LEU A 178 -3.64 32.43 -12.05
CA LEU A 178 -4.43 31.43 -12.76
C LEU A 178 -5.31 30.64 -11.80
N GLY A 179 -4.72 30.08 -10.76
CA GLY A 179 -5.48 29.33 -9.74
C GLY A 179 -6.63 30.15 -9.16
N ALA A 180 -6.35 31.41 -8.88
CA ALA A 180 -7.30 32.32 -8.26
C ALA A 180 -8.53 32.62 -9.13
N MET A 181 -8.40 32.38 -10.45
CA MET A 181 -9.55 32.48 -11.36
C MET A 181 -10.75 31.67 -10.88
N GLY A 182 -10.48 30.53 -10.23
CA GLY A 182 -11.51 29.69 -9.63
C GLY A 182 -12.41 30.44 -8.66
N TYR A 183 -11.85 31.42 -7.96
CA TYR A 183 -12.63 32.23 -7.03
C TYR A 183 -13.18 33.52 -7.62
N VAL A 184 -12.69 33.90 -8.80
CA VAL A 184 -13.38 34.89 -9.62
C VAL A 184 -14.68 34.23 -10.06
N GLU A 185 -14.58 32.96 -10.43
CA GLU A 185 -15.71 32.18 -10.90
C GLU A 185 -16.73 31.97 -9.78
N SER A 186 -16.24 31.63 -8.58
CA SER A 186 -17.08 31.46 -7.40
C SER A 186 -17.89 32.72 -7.09
N ALA A 187 -17.25 33.88 -7.26
CA ALA A 187 -17.91 35.17 -7.06
C ALA A 187 -19.11 35.34 -7.98
N LEU A 188 -18.96 34.85 -9.21
CA LEU A 188 -20.04 34.89 -10.19
C LEU A 188 -21.24 34.05 -9.73
N GLU A 189 -20.98 32.85 -9.19
CA GLU A 189 -22.03 31.99 -8.61
C GLU A 189 -22.76 32.68 -7.48
N ILE A 190 -21.97 33.20 -6.53
CA ILE A 190 -22.51 33.91 -5.38
C ILE A 190 -23.46 35.03 -5.82
N ALA A 191 -23.02 35.86 -6.77
CA ALA A 191 -23.86 36.97 -7.23
C ALA A 191 -25.18 36.49 -7.86
N GLN A 192 -25.13 35.39 -8.62
CA GLN A 192 -26.33 34.81 -9.23
C GLN A 192 -27.27 34.20 -8.19
N GLN A 193 -26.70 33.44 -7.26
CA GLN A 193 -27.46 32.81 -6.18
C GLN A 193 -28.15 33.83 -5.27
N CYS A 194 -27.51 34.97 -5.04
CA CYS A 194 -28.09 36.02 -4.19
C CYS A 194 -29.09 36.92 -4.91
N GLU A 195 -29.06 36.90 -6.24
CA GLU A 195 -29.89 37.80 -7.04
C GLU A 195 -31.37 37.66 -6.66
N GLU A 196 -31.95 38.78 -6.26
CA GLU A 196 -33.35 38.85 -5.80
C GLU A 196 -33.70 37.97 -4.60
N VAL A 197 -32.70 37.26 -4.07
CA VAL A 197 -32.91 36.40 -2.89
C VAL A 197 -32.40 37.06 -1.60
N VAL A 198 -31.21 37.66 -1.64
CA VAL A 198 -30.68 38.39 -0.48
C VAL A 198 -29.67 39.49 -0.86
N GLY A 199 -29.77 40.63 -0.18
CA GLY A 199 -28.79 41.71 -0.30
C GLY A 199 -27.66 41.53 0.70
N LEU A 200 -26.52 41.05 0.23
CA LEU A 200 -25.36 40.85 1.07
C LEU A 200 -24.74 42.17 1.49
N SER A 201 -24.30 42.23 2.74
CA SER A 201 -23.60 43.40 3.23
C SER A 201 -22.11 43.09 3.39
N SER A 202 -21.80 41.89 3.86
CA SER A 202 -20.41 41.48 4.11
C SER A 202 -20.15 40.03 3.70
N VAL A 203 -18.88 39.76 3.37
CA VAL A 203 -18.43 38.41 3.06
C VAL A 203 -17.18 38.13 3.91
N VAL A 204 -17.14 36.96 4.55
CA VAL A 204 -15.99 36.51 5.32
C VAL A 204 -15.36 35.24 4.73
N VAL A 205 -14.05 35.29 4.52
CA VAL A 205 -13.29 34.12 4.08
C VAL A 205 -11.95 34.10 4.80
N ALA A 206 -11.40 32.90 5.01
CA ALA A 206 -10.07 32.77 5.58
C ALA A 206 -9.05 33.19 4.52
N SER A 207 -7.95 33.80 4.99
CA SER A 207 -6.93 34.35 4.12
C SER A 207 -5.57 33.73 4.45
N GLY A 208 -5.20 32.69 3.70
CA GLY A 208 -3.92 32.00 3.87
C GLY A 208 -2.95 32.36 2.76
N SER A 209 -2.77 31.45 1.79
CA SER A 209 -1.89 31.71 0.64
C SER A 209 -2.47 32.77 -0.31
N ALA A 210 -3.75 33.09 -0.11
CA ALA A 210 -4.35 34.35 -0.57
C ALA A 210 -5.07 34.35 -1.92
N GLY A 211 -5.06 33.23 -2.63
CA GLY A 211 -5.72 33.15 -3.94
C GLY A 211 -7.23 33.21 -3.84
N THR A 212 -7.78 32.60 -2.79
CA THR A 212 -9.21 32.63 -2.55
C THR A 212 -9.68 34.07 -2.29
N HIS A 213 -9.02 34.75 -1.35
CA HIS A 213 -9.32 36.15 -1.02
C HIS A 213 -9.24 37.01 -2.27
N ALA A 214 -8.10 36.94 -2.96
CA ALA A 214 -7.84 37.76 -4.13
C ALA A 214 -8.81 37.55 -5.31
N GLY A 215 -9.15 36.29 -5.59
CA GLY A 215 -10.13 35.98 -6.65
C GLY A 215 -11.52 36.47 -6.30
N LEU A 216 -11.92 36.29 -5.04
CA LEU A 216 -13.17 36.87 -4.56
C LEU A 216 -13.15 38.38 -4.67
N ALA A 217 -12.02 38.99 -4.32
CA ALA A 217 -11.88 40.44 -4.36
C ALA A 217 -12.18 41.03 -5.74
N VAL A 218 -11.56 40.45 -6.78
CA VAL A 218 -11.76 40.91 -8.15
C VAL A 218 -13.21 40.73 -8.60
N GLY A 219 -13.75 39.53 -8.40
CA GLY A 219 -15.12 39.22 -8.82
C GLY A 219 -16.17 40.09 -8.15
N LEU A 220 -16.09 40.17 -6.82
CA LEU A 220 -17.03 40.96 -6.04
C LEU A 220 -16.93 42.45 -6.36
N GLU A 221 -15.72 42.96 -6.57
CA GLU A 221 -15.57 44.34 -7.04
C GLU A 221 -16.42 44.62 -8.30
N HIS A 222 -16.46 43.68 -9.22
CA HIS A 222 -17.18 43.91 -10.48
C HIS A 222 -18.65 43.51 -10.49
N LEU A 223 -19.03 42.55 -9.65
CA LEU A 223 -20.43 42.13 -9.59
C LEU A 223 -21.19 42.72 -8.42
N MET A 224 -20.49 42.93 -7.30
CA MET A 224 -21.17 43.32 -6.05
C MET A 224 -20.41 44.41 -5.32
N PRO A 225 -20.22 45.58 -5.96
CA PRO A 225 -19.26 46.59 -5.47
C PRO A 225 -19.58 47.15 -4.07
N ASP A 226 -20.82 47.10 -3.63
CA ASP A 226 -21.19 47.62 -2.32
C ASP A 226 -20.91 46.63 -1.18
N VAL A 227 -20.69 45.37 -1.53
CA VAL A 227 -20.44 44.33 -0.54
C VAL A 227 -19.03 44.44 0.04
N GLU A 228 -18.94 44.38 1.37
CA GLU A 228 -17.68 44.46 2.08
C GLU A 228 -17.04 43.07 2.24
N LEU A 229 -15.88 42.84 1.62
CA LEU A 229 -15.17 41.58 1.75
C LEU A 229 -14.09 41.59 2.84
N ILE A 230 -14.21 40.70 3.82
CA ILE A 230 -13.23 40.60 4.90
C ILE A 230 -12.48 39.27 4.88
N GLY A 231 -11.16 39.34 4.84
CA GLY A 231 -10.32 38.16 4.99
C GLY A 231 -9.85 38.03 6.43
N VAL A 232 -10.06 36.85 7.02
CA VAL A 232 -9.52 36.54 8.34
C VAL A 232 -8.22 35.75 8.15
N THR A 233 -7.09 36.37 8.49
CA THR A 233 -5.78 35.73 8.35
C THR A 233 -5.68 34.48 9.23
N VAL A 234 -4.99 33.48 8.71
CA VAL A 234 -4.79 32.22 9.40
C VAL A 234 -3.32 31.94 9.67
N SER A 235 -2.43 32.77 9.12
CA SER A 235 -0.99 32.57 9.25
C SER A 235 -0.16 33.85 9.42
N ARG A 236 -0.73 35.01 9.12
CA ARG A 236 0.03 36.26 9.03
C ARG A 236 -0.68 37.48 9.59
N SER A 237 0.11 38.47 10.01
CA SER A 237 -0.40 39.81 10.37
C SER A 237 -0.89 40.53 9.12
N VAL A 238 -1.70 41.58 9.33
CA VAL A 238 -2.21 42.40 8.23
C VAL A 238 -1.07 42.91 7.36
N ALA A 239 0.02 43.36 7.99
CA ALA A 239 1.15 43.97 7.27
C ALA A 239 1.83 42.98 6.34
N GLU A 240 2.07 41.76 6.82
CA GLU A 240 2.67 40.72 6.00
C GLU A 240 1.72 40.19 4.93
N GLN A 241 0.43 40.11 5.25
CA GLN A 241 -0.55 39.46 4.39
C GLN A 241 -1.10 40.36 3.29
N LYS A 242 -1.36 41.62 3.61
CA LYS A 242 -2.02 42.53 2.67
C LYS A 242 -1.32 42.66 1.31
N PRO A 243 0.03 42.84 1.29
CA PRO A 243 0.72 42.92 -0.01
C PRO A 243 0.57 41.64 -0.86
N LYS A 244 0.46 40.48 -0.20
CA LYS A 244 0.29 39.22 -0.93
C LYS A 244 -1.07 39.18 -1.61
N VAL A 245 -2.12 39.60 -0.91
CA VAL A 245 -3.46 39.63 -1.49
C VAL A 245 -3.52 40.64 -2.64
N ILE A 246 -2.97 41.83 -2.41
CA ILE A 246 -2.95 42.89 -3.41
C ILE A 246 -2.25 42.45 -4.69
N ALA A 247 -1.08 41.83 -4.55
CA ALA A 247 -0.28 41.43 -5.72
C ALA A 247 -1.07 40.49 -6.63
N LEU A 248 -1.74 39.52 -6.01
CA LEU A 248 -2.60 38.60 -6.74
C LEU A 248 -3.79 39.32 -7.34
N GLN A 249 -4.49 40.11 -6.51
CA GLN A 249 -5.61 40.94 -6.98
C GLN A 249 -5.29 41.67 -8.29
N GLN A 250 -4.16 42.38 -8.31
CA GLN A 250 -3.74 43.14 -9.49
C GLN A 250 -3.41 42.23 -10.69
N ALA A 251 -2.65 41.16 -10.43
CA ALA A 251 -2.31 40.19 -11.48
C ALA A 251 -3.56 39.56 -12.08
N ILE A 252 -4.51 39.17 -11.21
CA ILE A 252 -5.78 38.61 -11.67
C ILE A 252 -6.52 39.61 -12.55
N ALA A 253 -6.70 40.84 -12.04
CA ALA A 253 -7.39 41.89 -12.79
C ALA A 253 -6.79 42.13 -14.18
N GLY A 254 -5.47 42.14 -14.28
CA GLY A 254 -4.77 42.31 -15.55
C GLY A 254 -5.02 41.19 -16.55
N GLN A 255 -4.96 39.94 -16.09
CA GLN A 255 -5.24 38.76 -16.92
C GLN A 255 -6.64 38.82 -17.51
N LEU A 256 -7.52 39.57 -16.84
CA LEU A 256 -8.91 39.70 -17.25
C LEU A 256 -9.18 41.02 -17.96
N ALA A 257 -8.13 41.80 -18.22
CA ALA A 257 -8.24 43.18 -18.74
C ALA A 257 -9.22 44.04 -17.93
N LEU A 258 -9.07 44.00 -16.61
CA LEU A 258 -9.88 44.81 -15.72
C LEU A 258 -8.97 45.63 -14.84
N THR A 259 -9.50 46.73 -14.31
CA THR A 259 -8.84 47.40 -13.20
C THR A 259 -9.47 46.88 -11.91
N ALA A 260 -8.72 46.93 -10.82
CA ALA A 260 -9.25 46.57 -9.52
C ALA A 260 -8.78 47.63 -8.56
N THR A 261 -9.72 48.50 -8.19
CA THR A 261 -9.41 49.65 -7.34
C THR A 261 -9.83 49.43 -5.88
N ALA A 262 -10.47 48.31 -5.58
CA ALA A 262 -10.92 48.07 -4.20
C ALA A 262 -9.75 47.92 -3.22
N ASP A 263 -9.96 48.45 -2.02
CA ASP A 263 -9.02 48.23 -0.92
C ASP A 263 -9.25 46.81 -0.41
N ILE A 264 -8.22 46.21 0.18
CA ILE A 264 -8.31 44.86 0.74
C ILE A 264 -8.41 44.96 2.25
N HIS A 265 -9.36 44.24 2.83
CA HIS A 265 -9.55 44.28 4.28
C HIS A 265 -9.19 42.95 4.88
N LEU A 266 -8.45 43.00 5.98
CA LEU A 266 -7.95 41.80 6.64
C LEU A 266 -8.06 41.98 8.14
N TRP A 267 -8.40 40.90 8.84
CA TRP A 267 -8.39 40.90 10.30
C TRP A 267 -7.41 39.86 10.72
N ASP A 268 -6.43 40.25 11.53
CA ASP A 268 -5.37 39.31 11.95
C ASP A 268 -5.45 38.92 13.43
N ASP A 269 -6.59 39.16 14.07
CA ASP A 269 -6.70 38.93 15.50
C ASP A 269 -7.05 37.48 15.90
N TYR A 270 -7.11 36.56 14.94
CA TYR A 270 -7.78 35.29 15.22
C TYR A 270 -6.99 34.01 14.95
N PHE A 271 -5.71 34.15 14.63
CA PHE A 271 -4.89 32.99 14.29
C PHE A 271 -3.81 32.63 15.33
N ALA A 272 -3.52 33.55 16.26
CA ALA A 272 -2.55 33.28 17.35
C ALA A 272 -2.86 31.93 18.00
N PRO A 273 -1.82 31.16 18.41
CA PRO A 273 -0.37 31.46 18.43
C PRO A 273 0.35 31.33 17.08
N GLY A 274 -0.32 30.86 16.04
CA GLY A 274 0.31 30.76 14.72
C GLY A 274 -0.43 29.83 13.77
N TYR A 275 0.04 29.80 12.52
CA TYR A 275 -0.52 28.90 11.54
C TYR A 275 -0.51 27.44 12.02
N GLY A 276 -1.62 26.74 11.83
CA GLY A 276 -1.68 25.33 12.15
C GLY A 276 -1.78 25.03 13.65
N VAL A 277 -1.81 26.06 14.48
CA VAL A 277 -2.06 25.86 15.91
C VAL A 277 -3.51 26.21 16.23
N PRO A 278 -4.25 25.27 16.86
CA PRO A 278 -5.63 25.57 17.25
C PRO A 278 -5.67 26.61 18.38
N ASN A 279 -6.70 27.45 18.39
CA ASN A 279 -6.91 28.30 19.54
C ASN A 279 -8.32 28.13 20.09
N ASP A 280 -8.52 28.56 21.33
CA ASP A 280 -9.79 28.37 22.03
C ASP A 280 -10.98 28.90 21.25
N ALA A 281 -10.86 30.12 20.74
CA ALA A 281 -11.94 30.78 20.02
C ALA A 281 -12.29 30.05 18.72
N GLY A 282 -11.27 29.52 18.05
CA GLY A 282 -11.43 28.72 16.84
C GLY A 282 -12.13 27.39 17.13
N MET A 283 -11.81 26.79 18.27
CA MET A 283 -12.41 25.52 18.64
C MET A 283 -13.85 25.70 19.13
N GLU A 284 -14.13 26.83 19.77
CA GLU A 284 -15.51 27.16 20.15
C GLU A 284 -16.35 27.39 18.91
N ALA A 285 -15.75 28.04 17.91
CA ALA A 285 -16.41 28.25 16.62
C ALA A 285 -16.78 26.94 15.91
N VAL A 286 -15.85 25.99 15.87
CA VAL A 286 -16.12 24.64 15.35
C VAL A 286 -17.27 23.95 16.11
N LYS A 287 -17.24 24.03 17.43
CA LYS A 287 -18.26 23.43 18.28
C LYS A 287 -19.62 24.08 18.09
N LEU A 288 -19.61 25.39 17.83
CA LEU A 288 -20.84 26.12 17.64
C LEU A 288 -21.50 25.80 16.31
N LEU A 289 -20.71 25.71 15.25
CA LEU A 289 -21.30 25.41 13.94
C LEU A 289 -21.80 23.99 13.81
N ALA A 290 -21.08 23.06 14.45
CA ALA A 290 -21.47 21.66 14.46
C ALA A 290 -22.76 21.46 15.24
N SER A 291 -22.82 22.05 16.44
CA SER A 291 -23.94 21.84 17.35
C SER A 291 -25.22 22.58 16.96
N LEU A 292 -25.08 23.75 16.34
CA LEU A 292 -26.24 24.56 15.92
C LEU A 292 -26.70 24.29 14.48
N GLU A 293 -25.76 23.92 13.60
CA GLU A 293 -26.08 23.78 12.19
C GLU A 293 -25.76 22.41 11.57
N GLY A 294 -25.10 21.53 12.31
CA GLY A 294 -24.60 20.26 11.74
C GLY A 294 -23.54 20.48 10.67
N VAL A 295 -22.81 21.59 10.77
CA VAL A 295 -21.78 21.98 9.79
C VAL A 295 -20.40 21.80 10.42
N LEU A 296 -19.49 21.21 9.66
CA LEU A 296 -18.15 20.92 10.18
C LEU A 296 -17.12 21.94 9.69
N LEU A 297 -16.52 22.67 10.62
CA LEU A 297 -15.40 23.57 10.30
C LEU A 297 -14.09 22.84 10.61
N ASP A 298 -12.97 23.55 10.60
CA ASP A 298 -11.69 22.91 10.91
C ASP A 298 -10.85 23.76 11.87
N PRO A 299 -9.88 23.14 12.58
CA PRO A 299 -9.07 23.88 13.57
C PRO A 299 -8.14 24.90 12.92
N VAL A 300 -7.73 24.66 11.69
CA VAL A 300 -6.70 25.46 11.02
C VAL A 300 -7.23 26.72 10.32
N TYR A 301 -8.26 26.54 9.48
CA TYR A 301 -8.77 27.61 8.61
C TYR A 301 -10.14 28.18 8.96
N THR A 302 -11.19 27.39 8.73
CA THR A 302 -12.57 27.90 8.83
C THR A 302 -13.00 28.23 10.27
N GLY A 303 -12.57 27.43 11.24
CA GLY A 303 -12.83 27.70 12.66
C GLY A 303 -12.29 29.05 13.12
N LYS A 304 -11.08 29.40 12.65
CA LYS A 304 -10.50 30.70 12.97
C LYS A 304 -11.19 31.84 12.23
N ALA A 305 -11.53 31.60 10.95
CA ALA A 305 -12.30 32.55 10.16
C ALA A 305 -13.67 32.82 10.79
N MET A 306 -14.37 31.76 11.17
CA MET A 306 -15.68 31.89 11.85
C MET A 306 -15.54 32.62 13.19
N ALA A 307 -14.53 32.26 13.97
CA ALA A 307 -14.23 32.96 15.21
C ALA A 307 -14.09 34.45 14.92
N GLY A 308 -13.46 34.79 13.78
CA GLY A 308 -13.36 36.18 13.32
C GLY A 308 -14.70 36.83 13.02
N LEU A 309 -15.57 36.09 12.32
CA LEU A 309 -16.91 36.55 11.98
C LEU A 309 -17.71 36.85 13.25
N ILE A 310 -17.67 35.91 14.19
CA ILE A 310 -18.41 36.00 15.44
C ILE A 310 -17.97 37.22 16.28
N ASP A 311 -16.67 37.38 16.49
CA ASP A 311 -16.12 38.53 17.22
C ASP A 311 -16.41 39.86 16.51
N GLY A 312 -16.39 39.83 15.17
CA GLY A 312 -16.73 41.00 14.36
C GLY A 312 -18.14 41.49 14.63
N ILE A 313 -19.08 40.57 14.73
CA ILE A 313 -20.45 40.92 15.10
C ILE A 313 -20.45 41.49 16.52
N SER A 314 -19.76 40.80 17.42
CA SER A 314 -19.69 41.18 18.81
C SER A 314 -19.08 42.57 19.04
N GLN A 315 -18.00 42.88 18.33
CA GLN A 315 -17.28 44.16 18.47
C GLN A 315 -17.74 45.23 17.49
N LYS A 316 -18.76 44.93 16.68
CA LYS A 316 -19.29 45.85 15.65
C LYS A 316 -18.22 46.27 14.62
N ARG A 317 -17.45 45.29 14.15
CA ARG A 317 -16.37 45.54 13.20
C ARG A 317 -16.84 45.65 11.75
N PHE A 318 -18.01 45.09 11.42
CA PHE A 318 -18.52 45.17 10.06
C PHE A 318 -19.08 46.56 9.74
N ASN A 319 -19.25 46.86 8.46
CA ASN A 319 -19.81 48.14 8.00
C ASN A 319 -21.22 48.47 8.51
N ASP A 320 -22.05 47.44 8.73
CA ASP A 320 -23.42 47.65 9.29
C ASP A 320 -24.02 46.38 9.94
N ASP A 321 -25.36 46.28 9.94
CA ASP A 321 -26.06 45.16 10.57
C ASP A 321 -26.65 44.16 9.60
N GLY A 322 -26.26 44.27 8.33
CA GLY A 322 -26.86 43.45 7.27
C GLY A 322 -26.26 42.06 7.13
N PRO A 323 -26.79 41.28 6.17
CA PRO A 323 -26.44 39.88 6.00
C PRO A 323 -24.95 39.64 5.75
N ILE A 324 -24.39 38.65 6.45
CA ILE A 324 -23.02 38.22 6.24
C ILE A 324 -23.00 36.85 5.51
N LEU A 325 -22.11 36.72 4.53
CA LEU A 325 -21.88 35.46 3.88
C LEU A 325 -20.52 34.90 4.31
N PHE A 326 -20.55 33.70 4.90
CA PHE A 326 -19.34 32.97 5.24
C PHE A 326 -19.02 32.00 4.12
N ILE A 327 -17.80 32.07 3.61
CA ILE A 327 -17.34 31.16 2.57
C ILE A 327 -16.76 29.94 3.26
N HIS A 328 -17.43 28.79 3.12
CA HIS A 328 -16.88 27.60 3.71
C HIS A 328 -15.89 27.01 2.76
N THR A 329 -14.62 27.17 3.09
CA THR A 329 -13.52 26.76 2.23
C THR A 329 -13.10 25.28 2.44
N GLY A 330 -13.68 24.63 3.43
CA GLY A 330 -13.47 23.20 3.62
C GLY A 330 -12.70 22.88 4.87
N GLY A 331 -11.82 21.88 4.79
CA GLY A 331 -10.81 21.64 5.80
C GLY A 331 -11.08 20.55 6.82
N ALA A 332 -12.32 20.04 6.83
CA ALA A 332 -12.75 19.06 7.84
C ALA A 332 -11.87 17.81 8.03
N PRO A 333 -11.21 17.31 6.95
CA PRO A 333 -10.38 16.13 7.24
C PRO A 333 -9.34 16.37 8.34
N ALA A 334 -8.92 17.63 8.52
CA ALA A 334 -7.94 17.96 9.56
C ALA A 334 -8.47 17.77 10.99
N LEU A 335 -9.78 17.76 11.17
CA LEU A 335 -10.37 17.50 12.50
C LEU A 335 -9.83 16.18 13.07
N PHE A 336 -9.74 15.18 12.20
CA PHE A 336 -9.29 13.85 12.57
C PHE A 336 -7.79 13.79 12.87
N ALA A 337 -7.01 14.65 12.22
CA ALA A 337 -5.58 14.72 12.46
C ALA A 337 -5.24 15.46 13.75
N TYR A 338 -6.08 16.44 14.13
CA TYR A 338 -5.80 17.29 15.29
C TYR A 338 -6.29 16.68 16.59
N HIS A 339 -7.11 15.63 16.47
CA HIS A 339 -7.62 14.90 17.64
C HIS A 339 -6.70 13.78 18.03
N PRO A 340 -6.45 13.59 19.35
CA PRO A 340 -6.95 14.40 20.47
C PRO A 340 -6.23 15.74 20.70
N HIS A 341 -4.96 15.84 20.32
CA HIS A 341 -4.24 17.10 20.45
C HIS A 341 -3.03 17.22 19.58
N VAL A 342 -2.58 18.46 19.42
CA VAL A 342 -1.31 18.87 18.77
C VAL A 342 -1.16 18.42 17.32
N THR B 21 -44.33 9.97 -3.14
CA THR B 21 -44.77 11.40 -3.24
C THR B 21 -45.87 11.72 -2.22
N ARG B 22 -46.51 10.67 -1.72
CA ARG B 22 -47.50 10.79 -0.64
C ARG B 22 -46.80 11.07 0.68
N PHE B 23 -45.64 10.43 0.88
CA PHE B 23 -44.85 10.58 2.11
C PHE B 23 -44.17 11.95 2.20
N PRO B 24 -44.40 12.67 3.32
CA PRO B 24 -43.72 13.95 3.50
C PRO B 24 -42.22 13.71 3.69
N ARG B 25 -41.41 14.56 3.09
CA ARG B 25 -39.96 14.40 3.14
C ARG B 25 -39.23 15.74 3.24
N LEU B 26 -38.20 15.78 4.09
CA LEU B 26 -37.35 16.95 4.21
C LEU B 26 -36.30 16.95 3.12
N GLU B 27 -35.91 18.15 2.67
CA GLU B 27 -34.92 18.28 1.61
C GLU B 27 -33.51 18.48 2.18
N PHE B 28 -32.79 17.37 2.37
CA PHE B 28 -31.41 17.42 2.86
C PHE B 28 -30.38 17.39 1.73
N ILE B 29 -30.74 16.75 0.62
CA ILE B 29 -29.83 16.58 -0.52
C ILE B 29 -30.06 17.67 -1.56
N GLY B 30 -31.30 17.75 -2.06
CA GLY B 30 -31.66 18.71 -3.10
C GLY B 30 -31.48 18.16 -4.51
N ALA B 31 -30.35 18.49 -5.13
CA ALA B 31 -30.04 18.05 -6.49
C ALA B 31 -29.76 16.55 -6.51
N PRO B 32 -29.98 15.89 -7.68
CA PRO B 32 -29.53 14.50 -7.80
C PRO B 32 -28.02 14.39 -7.60
N THR B 33 -27.58 13.39 -6.83
CA THR B 33 -26.15 13.14 -6.67
C THR B 33 -25.56 12.66 -8.00
N PRO B 34 -24.25 12.91 -8.22
CA PRO B 34 -23.67 12.57 -9.52
C PRO B 34 -23.68 11.08 -9.85
N LEU B 35 -23.69 10.78 -11.15
CA LEU B 35 -23.47 9.42 -11.63
C LEU B 35 -22.36 9.52 -12.66
N GLU B 36 -21.29 8.77 -12.46
CA GLU B 36 -20.07 8.99 -13.21
C GLU B 36 -19.54 7.71 -13.87
N TYR B 37 -18.88 7.91 -15.00
CA TYR B 37 -18.06 6.86 -15.59
C TYR B 37 -16.70 6.86 -14.88
N LEU B 38 -16.22 5.66 -14.55
CA LEU B 38 -14.88 5.48 -14.00
C LEU B 38 -13.99 4.88 -15.06
N PRO B 39 -13.40 5.73 -15.92
CA PRO B 39 -12.63 5.24 -17.07
C PRO B 39 -11.35 4.48 -16.70
N ARG B 40 -10.68 4.89 -15.63
CA ARG B 40 -9.43 4.25 -15.24
C ARG B 40 -9.70 2.88 -14.63
N LEU B 41 -10.68 2.79 -13.73
CA LEU B 41 -11.05 1.52 -13.14
C LEU B 41 -11.59 0.56 -14.21
N SER B 42 -12.49 1.07 -15.06
CA SER B 42 -13.01 0.35 -16.22
C SER B 42 -11.89 -0.24 -17.08
N ASP B 43 -10.92 0.61 -17.39
CA ASP B 43 -9.76 0.21 -18.18
C ASP B 43 -9.02 -0.96 -17.53
N TYR B 44 -8.80 -0.85 -16.23
CA TYR B 44 -8.14 -1.89 -15.45
C TYR B 44 -8.93 -3.20 -15.34
N LEU B 45 -10.23 -3.11 -15.12
CA LEU B 45 -11.05 -4.31 -14.96
C LEU B 45 -11.46 -4.96 -16.28
N GLY B 46 -11.30 -4.23 -17.39
CA GLY B 46 -11.72 -4.71 -18.71
C GLY B 46 -13.23 -4.77 -18.85
N ARG B 47 -13.91 -3.87 -18.14
CA ARG B 47 -15.36 -3.84 -18.02
C ARG B 47 -15.77 -2.39 -17.79
N GLU B 48 -16.96 -2.01 -18.27
CA GLU B 48 -17.45 -0.65 -18.04
C GLU B 48 -18.03 -0.53 -16.64
N ILE B 49 -17.48 0.39 -15.85
CA ILE B 49 -17.95 0.60 -14.48
C ILE B 49 -18.41 2.04 -14.29
N TYR B 50 -19.61 2.19 -13.71
CA TYR B 50 -20.14 3.48 -13.35
C TYR B 50 -20.33 3.53 -11.85
N ILE B 51 -20.43 4.75 -11.32
CA ILE B 51 -20.58 4.93 -9.89
C ILE B 51 -21.69 5.93 -9.57
N LYS B 52 -22.50 5.59 -8.57
CA LYS B 52 -23.52 6.49 -8.07
C LYS B 52 -23.00 7.12 -6.79
N ARG B 53 -22.70 8.42 -6.89
CA ARG B 53 -22.00 9.12 -5.83
C ARG B 53 -22.93 9.59 -4.71
N ASP B 54 -23.54 8.63 -4.00
CA ASP B 54 -24.38 8.96 -2.85
C ASP B 54 -23.52 9.24 -1.60
N ASP B 55 -22.20 9.23 -1.79
CA ASP B 55 -21.24 9.65 -0.76
C ASP B 55 -21.11 11.18 -0.75
N VAL B 56 -21.53 11.80 -1.85
CA VAL B 56 -21.50 13.25 -2.05
C VAL B 56 -22.87 13.85 -1.73
N THR B 57 -23.11 14.09 -0.45
CA THR B 57 -24.30 14.80 0.00
C THR B 57 -23.83 15.94 0.90
N PRO B 58 -24.63 17.02 1.03
CA PRO B 58 -24.08 18.22 1.67
C PRO B 58 -23.96 18.19 3.20
N ILE B 59 -24.50 17.14 3.84
CA ILE B 59 -24.60 17.13 5.30
C ILE B 59 -23.55 16.24 5.97
N ALA B 60 -22.71 16.88 6.79
CA ALA B 60 -21.73 16.21 7.63
C ALA B 60 -21.04 15.03 6.95
N MET B 61 -20.39 15.31 5.82
CA MET B 61 -19.56 14.33 5.10
C MET B 61 -20.36 13.23 4.40
N GLY B 62 -21.69 13.37 4.37
CA GLY B 62 -22.54 12.62 3.46
C GLY B 62 -22.75 11.14 3.72
N GLY B 63 -23.44 10.49 2.78
CA GLY B 63 -23.74 9.06 2.86
C GLY B 63 -25.18 8.70 2.53
N ASN B 64 -25.42 7.39 2.37
CA ASN B 64 -26.74 6.84 2.02
C ASN B 64 -27.83 7.07 3.06
N1 LLP B 65 -22.52 1.71 3.10
C2 LLP B 65 -22.40 2.68 4.02
C2' LLP B 65 -21.28 3.66 3.92
C3 LLP B 65 -23.31 2.78 5.05
O3 LLP B 65 -23.16 3.78 5.97
C4 LLP B 65 -24.37 1.87 5.14
C4' LLP B 65 -25.34 1.97 6.25
C5 LLP B 65 -24.47 0.88 4.17
C6 LLP B 65 -23.52 0.82 3.16
C5' LLP B 65 -25.56 -0.18 4.17
OP4 LLP B 65 -26.87 0.32 3.88
P LLP B 65 -28.14 -0.43 4.54
OP1 LLP B 65 -27.95 -0.28 6.03
OP2 LLP B 65 -29.33 0.32 3.97
OP3 LLP B 65 -28.05 -1.88 4.10
N LLP B 65 -27.43 7.14 4.33
CA LLP B 65 -28.37 7.21 5.43
CB LLP B 65 -27.63 7.06 6.76
CG LLP B 65 -26.82 5.76 6.79
CD LLP B 65 -27.71 4.51 6.86
CE LLP B 65 -26.96 3.30 7.43
NZ LLP B 65 -25.77 3.11 6.59
C LLP B 65 -29.15 8.50 5.38
O LLP B 65 -30.28 8.57 5.89
N LEU B 66 -28.54 9.50 4.76
CA LEU B 66 -29.19 10.81 4.61
C LEU B 66 -30.48 10.73 3.79
N ARG B 67 -30.49 9.88 2.76
CA ARG B 67 -31.67 9.68 1.90
C ARG B 67 -32.84 9.13 2.73
N LYS B 68 -32.52 8.27 3.69
CA LYS B 68 -33.51 7.67 4.58
C LYS B 68 -34.04 8.70 5.55
N LEU B 69 -33.12 9.51 6.10
CA LEU B 69 -33.43 10.51 7.11
C LEU B 69 -34.34 11.60 6.58
N GLU B 70 -34.31 11.83 5.27
CA GLU B 70 -35.22 12.79 4.65
C GLU B 70 -36.69 12.44 4.95
N PHE B 71 -36.96 11.15 5.10
CA PHE B 71 -38.32 10.65 5.37
C PHE B 71 -38.56 10.45 6.85
N LEU B 72 -37.59 9.83 7.54
CA LEU B 72 -37.73 9.51 8.96
C LEU B 72 -37.81 10.76 9.83
N VAL B 73 -37.08 11.79 9.45
CA VAL B 73 -37.04 13.01 10.26
C VAL B 73 -38.25 13.90 9.94
N ALA B 74 -38.71 13.84 8.69
CA ALA B 74 -39.97 14.46 8.30
C ALA B 74 -41.12 13.85 9.10
N ASP B 75 -41.09 12.52 9.24
CA ASP B 75 -42.04 11.80 10.08
C ASP B 75 -41.92 12.24 11.54
N ALA B 76 -40.70 12.44 12.03
CA ALA B 76 -40.47 12.85 13.41
C ALA B 76 -41.07 14.22 13.72
N LEU B 77 -40.88 15.17 12.80
CA LEU B 77 -41.41 16.53 12.97
C LEU B 77 -42.95 16.52 13.00
N ARG B 78 -43.56 15.78 12.08
CA ARG B 78 -45.01 15.62 12.02
C ARG B 78 -45.61 15.17 13.36
N GLU B 79 -44.83 14.41 14.14
CA GLU B 79 -45.27 13.93 15.44
C GLU B 79 -44.80 14.83 16.57
N GLY B 80 -44.21 15.98 16.20
CA GLY B 80 -43.80 16.98 17.17
C GLY B 80 -42.69 16.54 18.12
N ALA B 81 -41.84 15.63 17.66
CA ALA B 81 -40.71 15.16 18.47
C ALA B 81 -39.74 16.31 18.73
N ASP B 82 -38.99 16.22 19.81
CA ASP B 82 -37.94 17.20 20.08
C ASP B 82 -36.58 16.51 20.22
N THR B 83 -36.60 15.18 20.10
CA THR B 83 -35.44 14.34 20.35
C THR B 83 -35.46 13.14 19.42
N LEU B 84 -34.34 12.94 18.71
CA LEU B 84 -34.16 11.77 17.88
C LEU B 84 -33.28 10.74 18.60
N ILE B 85 -33.74 9.49 18.62
CA ILE B 85 -32.94 8.40 19.19
C ILE B 85 -32.70 7.29 18.17
N THR B 86 -31.44 6.90 18.02
CA THR B 86 -31.06 5.80 17.15
C THR B 86 -29.88 5.00 17.76
N ALA B 87 -29.49 3.90 17.11
CA ALA B 87 -28.43 3.05 17.64
C ALA B 87 -27.51 2.57 16.54
N GLY B 88 -26.27 2.24 16.90
CA GLY B 88 -25.28 1.74 15.95
C GLY B 88 -23.97 1.39 16.61
N ALA B 89 -22.99 0.96 15.82
CA ALA B 89 -21.63 0.79 16.31
C ALA B 89 -21.05 2.16 16.68
N ILE B 90 -19.96 2.17 17.44
CA ILE B 90 -19.27 3.41 17.77
C ILE B 90 -18.95 4.20 16.50
N GLN B 91 -18.61 3.49 15.42
CA GLN B 91 -18.25 4.12 14.16
C GLN B 91 -19.40 4.18 13.15
N SER B 92 -20.64 4.01 13.65
CA SER B 92 -21.83 4.11 12.83
C SER B 92 -21.87 5.37 11.96
N ASN B 93 -22.09 5.19 10.66
CA ASN B 93 -22.32 6.32 9.77
C ASN B 93 -23.70 6.95 9.98
N HIS B 94 -24.70 6.10 10.22
CA HIS B 94 -26.08 6.52 10.46
C HIS B 94 -26.25 7.44 11.64
N VAL B 95 -25.63 7.08 12.76
CA VAL B 95 -25.72 7.86 14.01
C VAL B 95 -25.14 9.26 13.76
N ARG B 96 -23.96 9.29 13.15
CA ARG B 96 -23.29 10.55 12.79
C ARG B 96 -24.18 11.44 11.92
N GLN B 97 -24.83 10.84 10.92
CA GLN B 97 -25.74 11.58 10.04
C GLN B 97 -27.03 12.03 10.75
N THR B 98 -27.54 11.18 11.64
CA THR B 98 -28.74 11.50 12.44
C THR B 98 -28.46 12.66 13.40
N ALA B 99 -27.28 12.62 14.04
CA ALA B 99 -26.82 13.65 14.97
C ALA B 99 -26.63 15.02 14.30
N ALA B 100 -26.07 15.02 13.09
CA ALA B 100 -25.87 16.25 12.32
C ALA B 100 -27.22 16.87 11.92
N VAL B 101 -28.10 16.03 11.39
CA VAL B 101 -29.48 16.42 11.06
C VAL B 101 -30.21 16.96 12.30
N ALA B 102 -30.11 16.25 13.42
CA ALA B 102 -30.72 16.68 14.67
C ALA B 102 -30.22 18.06 15.08
N ALA B 103 -28.90 18.23 15.04
CA ALA B 103 -28.28 19.51 15.39
C ALA B 103 -28.82 20.61 14.49
N LYS B 104 -28.83 20.35 13.19
CA LYS B 104 -29.31 21.31 12.20
C LYS B 104 -30.76 21.76 12.44
N LEU B 105 -31.63 20.81 12.81
CA LEU B 105 -33.05 21.12 12.97
C LEU B 105 -33.40 21.55 14.41
N GLY B 106 -32.41 21.52 15.29
CA GLY B 106 -32.61 21.95 16.68
C GLY B 106 -33.23 20.89 17.57
N LEU B 107 -33.01 19.64 17.21
CA LEU B 107 -33.51 18.51 17.99
C LEU B 107 -32.38 17.94 18.81
N HIS B 108 -32.72 17.39 19.97
CA HIS B 108 -31.76 16.64 20.76
C HIS B 108 -31.49 15.33 20.07
N CYS B 109 -30.32 14.75 20.32
CA CYS B 109 -29.99 13.44 19.78
C CYS B 109 -29.46 12.52 20.85
N VAL B 110 -30.04 11.33 20.95
CA VAL B 110 -29.54 10.31 21.86
C VAL B 110 -29.13 9.09 21.05
N ALA B 111 -27.91 8.62 21.31
CA ALA B 111 -27.36 7.52 20.54
C ALA B 111 -27.02 6.35 21.45
N LEU B 112 -27.55 5.17 21.10
CA LEU B 112 -27.19 3.93 21.77
C LEU B 112 -26.08 3.26 20.96
N LEU B 113 -24.91 3.10 21.58
CA LEU B 113 -23.74 2.59 20.86
C LEU B 113 -23.18 1.30 21.45
N GLU B 114 -22.65 0.45 20.58
CA GLU B 114 -21.91 -0.73 21.00
C GLU B 114 -20.53 -0.77 20.35
N ASN B 115 -19.63 -1.53 20.97
CA ASN B 115 -18.33 -1.82 20.39
C ASN B 115 -18.44 -3.20 19.79
N PRO B 116 -18.74 -3.28 18.48
CA PRO B 116 -19.08 -4.53 17.81
C PRO B 116 -17.90 -5.48 17.66
N ILE B 117 -16.68 -4.98 17.84
CA ILE B 117 -15.48 -5.76 17.52
C ILE B 117 -14.50 -5.92 18.68
N GLY B 118 -14.87 -5.43 19.86
CA GLY B 118 -14.07 -5.62 21.08
C GLY B 118 -12.71 -4.96 21.06
N THR B 119 -12.57 -3.89 20.27
CA THR B 119 -11.30 -3.19 20.15
C THR B 119 -11.11 -2.14 21.23
N THR B 120 -9.84 -1.92 21.61
CA THR B 120 -9.47 -0.81 22.49
C THR B 120 -8.60 0.22 21.75
N ALA B 121 -8.50 0.10 20.42
CA ALA B 121 -7.72 1.05 19.61
C ALA B 121 -8.26 2.48 19.76
N GLU B 122 -7.37 3.42 20.11
CA GLU B 122 -7.77 4.79 20.45
C GLU B 122 -8.60 5.49 19.36
N ASN B 123 -8.17 5.33 18.11
CA ASN B 123 -8.84 5.96 16.97
C ASN B 123 -10.24 5.39 16.70
N TYR B 124 -10.41 4.07 16.82
CA TYR B 124 -11.76 3.50 16.73
C TYR B 124 -12.66 4.07 17.83
N LEU B 125 -12.12 4.13 19.05
CA LEU B 125 -12.89 4.58 20.21
C LEU B 125 -13.19 6.09 20.26
N THR B 126 -12.30 6.93 19.71
CA THR B 126 -12.46 8.40 19.90
C THR B 126 -12.41 9.26 18.64
N ASN B 127 -11.90 8.71 17.55
CA ASN B 127 -11.73 9.46 16.29
C ASN B 127 -12.86 9.12 15.30
N GLY B 128 -12.67 9.48 14.02
CA GLY B 128 -13.66 9.20 12.95
C GLY B 128 -15.07 9.71 13.24
N ASN B 129 -16.07 8.87 12.96
CA ASN B 129 -17.48 9.21 13.20
C ASN B 129 -17.78 9.56 14.66
N ARG B 130 -17.16 8.81 15.58
CA ARG B 130 -17.34 9.02 17.02
C ARG B 130 -16.93 10.42 17.49
N LEU B 131 -15.85 10.94 16.92
CA LEU B 131 -15.41 12.31 17.20
C LEU B 131 -16.48 13.33 16.77
N LEU B 132 -17.08 13.08 15.61
CA LEU B 132 -18.09 13.97 15.07
C LEU B 132 -19.32 14.00 15.96
N LEU B 133 -19.60 12.88 16.62
CA LEU B 133 -20.72 12.79 17.56
C LEU B 133 -20.57 13.80 18.69
N ASP B 134 -19.34 13.94 19.20
CA ASP B 134 -19.08 14.94 20.24
C ASP B 134 -19.27 16.36 19.73
N LEU B 135 -18.70 16.66 18.56
CA LEU B 135 -18.88 17.98 17.95
C LEU B 135 -20.37 18.30 17.80
N PHE B 136 -21.16 17.31 17.37
CA PHE B 136 -22.61 17.50 17.19
C PHE B 136 -23.40 17.49 18.50
N ASN B 137 -22.69 17.36 19.62
CA ASN B 137 -23.30 17.42 20.94
C ASN B 137 -24.33 16.29 21.15
N THR B 138 -23.96 15.09 20.68
CA THR B 138 -24.76 13.89 20.82
C THR B 138 -24.67 13.36 22.25
N GLN B 139 -25.82 12.99 22.81
CA GLN B 139 -25.84 12.29 24.09
C GLN B 139 -25.55 10.82 23.84
N ILE B 140 -24.59 10.27 24.59
CA ILE B 140 -24.04 8.95 24.32
C ILE B 140 -24.47 7.93 25.39
N GLU B 141 -25.10 6.87 24.96
CA GLU B 141 -25.36 5.79 25.86
C GLU B 141 -24.72 4.51 25.33
N MET B 142 -23.85 3.89 26.14
CA MET B 142 -23.14 2.67 25.77
C MET B 142 -23.90 1.44 26.26
N CYS B 143 -23.82 0.36 25.49
CA CYS B 143 -24.39 -0.93 25.87
C CYS B 143 -23.43 -2.02 25.47
N ASP B 144 -23.50 -3.15 26.15
CA ASP B 144 -22.64 -4.30 25.89
C ASP B 144 -22.80 -4.78 24.46
N ALA B 145 -24.04 -4.92 24.01
CA ALA B 145 -24.34 -5.40 22.67
C ALA B 145 -25.75 -5.03 22.24
N LEU B 146 -25.91 -4.75 20.95
CA LEU B 146 -27.21 -4.51 20.36
C LEU B 146 -27.85 -5.85 19.95
N THR B 147 -28.14 -6.67 20.96
CA THR B 147 -28.75 -7.99 20.74
C THR B 147 -30.23 -7.89 20.36
N ASP B 148 -30.90 -6.85 20.86
CA ASP B 148 -32.29 -6.57 20.52
C ASP B 148 -32.47 -5.07 20.34
N PRO B 149 -32.00 -4.53 19.19
CA PRO B 149 -32.03 -3.10 18.91
C PRO B 149 -33.41 -2.45 19.11
N ASP B 150 -34.44 -3.00 18.48
CA ASP B 150 -35.82 -2.49 18.62
C ASP B 150 -36.26 -2.31 20.06
N ALA B 151 -35.94 -3.28 20.90
CA ALA B 151 -36.35 -3.27 22.31
C ALA B 151 -35.47 -2.36 23.17
N GLN B 152 -34.18 -2.33 22.87
CA GLN B 152 -33.23 -1.49 23.61
C GLN B 152 -33.46 -0.01 23.33
N LEU B 153 -33.78 0.32 22.08
CA LEU B 153 -34.16 1.68 21.67
C LEU B 153 -35.47 2.13 22.32
N GLN B 154 -36.38 1.17 22.46
CA GLN B 154 -37.67 1.40 23.11
C GLN B 154 -37.47 1.77 24.58
N THR B 155 -36.62 1.01 25.29
CA THR B 155 -36.30 1.30 26.68
C THR B 155 -35.69 2.70 26.81
N LEU B 156 -34.77 3.02 25.91
CA LEU B 156 -34.09 4.32 25.96
C LEU B 156 -35.09 5.45 25.78
N ALA B 157 -35.98 5.30 24.81
CA ALA B 157 -37.05 6.29 24.52
C ALA B 157 -37.93 6.59 25.73
N THR B 158 -38.23 5.55 26.51
CA THR B 158 -39.04 5.68 27.73
C THR B 158 -38.33 6.52 28.79
N ARG B 159 -37.09 6.16 29.11
CA ARG B 159 -36.30 6.89 30.11
C ARG B 159 -36.04 8.35 29.68
N ILE B 160 -35.87 8.56 28.38
CA ILE B 160 -35.74 9.91 27.82
C ILE B 160 -37.07 10.66 27.93
N GLU B 161 -38.18 9.97 27.65
CA GLU B 161 -39.51 10.60 27.74
C GLU B 161 -39.84 10.99 29.18
N ALA B 162 -39.44 10.14 30.12
CA ALA B 162 -39.67 10.37 31.55
C ALA B 162 -38.85 11.53 32.10
N GLN B 163 -37.94 12.06 31.28
CA GLN B 163 -37.11 13.22 31.65
C GLN B 163 -37.72 14.54 31.16
N GLY B 164 -38.84 14.45 30.44
CA GLY B 164 -39.54 15.64 29.93
C GLY B 164 -39.30 15.91 28.45
N PHE B 165 -38.72 14.95 27.75
CA PHE B 165 -38.47 15.09 26.31
C PHE B 165 -39.51 14.31 25.52
N ARG B 166 -39.57 14.58 24.22
CA ARG B 166 -40.51 13.88 23.32
C ARG B 166 -39.75 13.11 22.23
N PRO B 167 -39.33 11.86 22.53
CA PRO B 167 -38.48 11.08 21.63
C PRO B 167 -39.18 10.51 20.39
N TYR B 168 -38.44 10.45 19.29
CA TYR B 168 -38.83 9.69 18.12
C TYR B 168 -37.70 8.72 17.81
N VAL B 169 -38.05 7.43 17.74
CA VAL B 169 -37.07 6.36 17.56
C VAL B 169 -36.82 6.08 16.08
N ILE B 170 -35.54 6.07 15.72
CA ILE B 170 -35.13 5.68 14.38
C ILE B 170 -34.40 4.35 14.49
N PRO B 171 -34.84 3.32 13.74
CA PRO B 171 -34.18 2.02 13.84
C PRO B 171 -32.73 2.03 13.35
N VAL B 172 -32.01 0.98 13.73
CA VAL B 172 -30.66 0.70 13.23
C VAL B 172 -30.56 0.88 11.71
N GLY B 173 -29.55 1.63 11.28
CA GLY B 173 -29.29 1.88 9.87
C GLY B 173 -30.37 2.70 9.19
N GLY B 174 -31.29 3.23 9.99
CA GLY B 174 -32.47 3.94 9.49
C GLY B 174 -33.36 3.07 8.62
N SER B 175 -33.21 1.76 8.75
CA SER B 175 -33.85 0.80 7.83
C SER B 175 -35.22 0.35 8.30
N SER B 176 -36.24 1.04 7.78
CA SER B 176 -37.63 0.61 7.85
C SER B 176 -38.22 0.90 6.48
N ALA B 177 -39.47 0.52 6.27
CA ALA B 177 -40.18 0.81 5.03
C ALA B 177 -40.12 2.31 4.71
N LEU B 178 -40.37 3.14 5.71
CA LEU B 178 -40.33 4.58 5.51
C LEU B 178 -38.92 5.05 5.14
N GLY B 179 -37.93 4.57 5.90
CA GLY B 179 -36.52 4.87 5.65
C GLY B 179 -36.13 4.51 4.23
N ALA B 180 -36.48 3.29 3.84
CA ALA B 180 -36.11 2.76 2.52
C ALA B 180 -36.69 3.52 1.32
N MET B 181 -37.68 4.38 1.58
CA MET B 181 -38.22 5.25 0.52
C MET B 181 -37.13 6.10 -0.10
N GLY B 182 -36.16 6.50 0.72
CA GLY B 182 -34.97 7.21 0.26
C GLY B 182 -34.29 6.54 -0.92
N TYR B 183 -34.32 5.21 -0.94
CA TYR B 183 -33.68 4.46 -2.03
C TYR B 183 -34.57 4.06 -3.23
N VAL B 184 -35.88 4.22 -3.08
CA VAL B 184 -36.76 4.25 -4.24
C VAL B 184 -36.45 5.53 -5.03
N GLU B 185 -36.25 6.64 -4.30
CA GLU B 185 -35.90 7.93 -4.88
C GLU B 185 -34.56 7.91 -5.62
N SER B 186 -33.56 7.23 -5.03
CA SER B 186 -32.26 7.10 -5.69
C SER B 186 -32.40 6.34 -7.01
N ALA B 187 -33.18 5.25 -6.99
CA ALA B 187 -33.53 4.47 -8.19
C ALA B 187 -34.05 5.32 -9.36
N LEU B 188 -34.90 6.29 -9.05
CA LEU B 188 -35.39 7.26 -10.04
C LEU B 188 -34.27 8.09 -10.66
N GLU B 189 -33.39 8.61 -9.81
CA GLU B 189 -32.20 9.37 -10.26
C GLU B 189 -31.34 8.50 -11.18
N ILE B 190 -31.10 7.26 -10.77
CA ILE B 190 -30.32 6.29 -11.54
C ILE B 190 -30.95 6.08 -12.92
N ALA B 191 -32.26 5.82 -12.93
CA ALA B 191 -33.06 5.70 -14.16
C ALA B 191 -32.88 6.94 -15.07
N GLN B 192 -33.19 8.12 -14.54
CA GLN B 192 -33.00 9.36 -15.29
C GLN B 192 -31.56 9.49 -15.83
N GLN B 193 -30.59 9.21 -14.96
CA GLN B 193 -29.17 9.40 -15.30
C GLN B 193 -28.57 8.35 -16.25
N CYS B 194 -29.19 7.17 -16.32
CA CYS B 194 -28.71 6.13 -17.25
C CYS B 194 -29.47 6.13 -18.56
N GLY B 199 -26.76 1.08 -21.47
CA GLY B 199 -26.79 -0.38 -21.65
C GLY B 199 -26.53 -1.13 -20.37
N LEU B 200 -26.88 -0.51 -19.24
CA LEU B 200 -26.60 -1.07 -17.92
C LEU B 200 -27.04 -2.51 -17.75
N SER B 201 -26.13 -3.35 -17.24
CA SER B 201 -26.40 -4.77 -17.03
CA SER B 201 -26.41 -4.76 -17.02
C SER B 201 -26.56 -5.13 -15.56
N SER B 202 -25.69 -4.57 -14.72
CA SER B 202 -25.65 -4.90 -13.28
C SER B 202 -25.55 -3.67 -12.39
N VAL B 203 -26.07 -3.80 -11.16
CA VAL B 203 -25.91 -2.80 -10.10
C VAL B 203 -25.41 -3.49 -8.83
N VAL B 204 -24.37 -2.92 -8.22
CA VAL B 204 -23.79 -3.47 -6.98
C VAL B 204 -23.92 -2.47 -5.82
N VAL B 205 -24.46 -2.96 -4.71
CA VAL B 205 -24.61 -2.16 -3.51
C VAL B 205 -24.32 -3.01 -2.28
N ALA B 206 -23.79 -2.39 -1.24
CA ALA B 206 -23.60 -3.06 0.04
C ALA B 206 -24.96 -3.30 0.68
N SER B 207 -25.08 -4.45 1.32
CA SER B 207 -26.34 -4.85 1.94
C SER B 207 -26.12 -5.09 3.42
N GLY B 208 -26.55 -4.12 4.24
CA GLY B 208 -26.33 -4.16 5.68
C GLY B 208 -27.62 -4.32 6.45
N SER B 209 -28.14 -3.22 6.98
CA SER B 209 -29.47 -3.22 7.62
C SER B 209 -30.60 -3.32 6.58
N ALA B 210 -30.24 -3.23 5.30
CA ALA B 210 -31.06 -3.68 4.15
C ALA B 210 -32.02 -2.67 3.50
N GLY B 211 -32.27 -1.54 4.15
CA GLY B 211 -33.12 -0.50 3.58
C GLY B 211 -32.67 -0.01 2.20
N THR B 212 -31.36 0.16 2.03
CA THR B 212 -30.80 0.61 0.74
C THR B 212 -31.02 -0.44 -0.35
N HIS B 213 -30.62 -1.68 -0.08
CA HIS B 213 -30.83 -2.81 -0.99
C HIS B 213 -32.30 -2.88 -1.39
N ALA B 214 -33.17 -2.95 -0.38
CA ALA B 214 -34.59 -3.18 -0.60
C ALA B 214 -35.28 -2.03 -1.31
N GLY B 215 -34.78 -0.81 -1.08
CA GLY B 215 -35.33 0.39 -1.70
C GLY B 215 -34.98 0.43 -3.18
N LEU B 216 -33.74 0.05 -3.49
CA LEU B 216 -33.30 -0.01 -4.88
C LEU B 216 -33.98 -1.18 -5.58
N ALA B 217 -34.23 -2.26 -4.85
CA ALA B 217 -34.95 -3.42 -5.40
C ALA B 217 -36.30 -3.00 -5.98
N VAL B 218 -37.11 -2.31 -5.18
CA VAL B 218 -38.43 -1.88 -5.61
C VAL B 218 -38.32 -0.88 -6.77
N GLY B 219 -37.56 0.19 -6.57
CA GLY B 219 -37.41 1.22 -7.58
C GLY B 219 -36.84 0.71 -8.90
N LEU B 220 -35.92 -0.25 -8.82
CA LEU B 220 -35.26 -0.74 -10.05
C LEU B 220 -36.09 -1.75 -10.81
N GLU B 221 -36.90 -2.54 -10.10
CA GLU B 221 -37.82 -3.48 -10.75
C GLU B 221 -38.82 -2.72 -11.63
N HIS B 222 -39.30 -1.59 -11.11
CA HIS B 222 -40.30 -0.81 -11.81
C HIS B 222 -39.75 0.17 -12.83
N LEU B 223 -38.43 0.36 -12.85
CA LEU B 223 -37.84 1.33 -13.77
C LEU B 223 -36.77 0.74 -14.69
N MET B 224 -36.02 -0.24 -14.19
CA MET B 224 -34.97 -0.91 -14.96
C MET B 224 -35.02 -2.44 -14.76
N PRO B 225 -36.13 -3.09 -15.20
CA PRO B 225 -36.32 -4.52 -14.88
C PRO B 225 -35.29 -5.50 -15.46
N ASP B 226 -34.62 -5.11 -16.56
CA ASP B 226 -33.57 -5.94 -17.16
C ASP B 226 -32.27 -5.93 -16.36
N VAL B 227 -32.13 -4.95 -15.47
CA VAL B 227 -30.91 -4.75 -14.69
C VAL B 227 -30.85 -5.74 -13.53
N GLU B 228 -29.69 -6.38 -13.36
CA GLU B 228 -29.43 -7.25 -12.22
C GLU B 228 -28.89 -6.44 -11.03
N LEU B 229 -29.57 -6.56 -9.90
CA LEU B 229 -29.15 -5.88 -8.68
C LEU B 229 -28.55 -6.88 -7.69
N ILE B 230 -27.26 -6.69 -7.37
CA ILE B 230 -26.58 -7.55 -6.40
C ILE B 230 -26.21 -6.79 -5.12
N GLY B 231 -26.68 -7.32 -3.99
CA GLY B 231 -26.26 -6.86 -2.68
C GLY B 231 -25.07 -7.66 -2.22
N VAL B 232 -23.98 -6.96 -1.87
CA VAL B 232 -22.84 -7.59 -1.24
C VAL B 232 -23.00 -7.43 0.27
N THR B 233 -23.16 -8.55 0.98
CA THR B 233 -23.45 -8.50 2.40
C THR B 233 -22.23 -8.05 3.20
N VAL B 234 -22.47 -7.36 4.31
CA VAL B 234 -21.39 -6.79 5.09
C VAL B 234 -21.42 -7.26 6.55
N SER B 235 -22.46 -8.03 6.90
CA SER B 235 -22.61 -8.51 8.28
C SER B 235 -23.17 -9.93 8.41
N ARG B 236 -23.73 -10.48 7.34
CA ARG B 236 -24.48 -11.75 7.39
C ARG B 236 -24.33 -12.62 6.15
N SER B 237 -24.52 -13.92 6.33
CA SER B 237 -24.65 -14.87 5.21
C SER B 237 -25.93 -14.59 4.39
N VAL B 238 -26.00 -15.18 3.21
CA VAL B 238 -27.19 -15.06 2.34
C VAL B 238 -28.47 -15.52 3.08
N ALA B 239 -28.37 -16.61 3.83
CA ALA B 239 -29.51 -17.19 4.55
C ALA B 239 -30.09 -16.28 5.64
N GLU B 240 -29.22 -15.59 6.37
CA GLU B 240 -29.66 -14.71 7.45
C GLU B 240 -30.20 -13.39 6.90
N GLN B 241 -29.68 -12.98 5.74
CA GLN B 241 -29.91 -11.63 5.20
C GLN B 241 -31.07 -11.54 4.21
N LYS B 242 -31.25 -12.58 3.40
CA LYS B 242 -32.29 -12.59 2.36
C LYS B 242 -33.72 -12.28 2.89
N PRO B 243 -34.14 -12.94 3.99
CA PRO B 243 -35.46 -12.63 4.53
C PRO B 243 -35.63 -11.16 4.93
N LYS B 244 -34.57 -10.55 5.47
CA LYS B 244 -34.60 -9.15 5.90
C LYS B 244 -34.82 -8.22 4.72
N VAL B 245 -34.07 -8.43 3.64
CA VAL B 245 -34.24 -7.68 2.39
C VAL B 245 -35.64 -7.91 1.80
N ILE B 246 -36.12 -9.15 1.83
CA ILE B 246 -37.45 -9.51 1.29
C ILE B 246 -38.58 -8.82 2.06
N ALA B 247 -38.58 -9.00 3.38
CA ALA B 247 -39.56 -8.36 4.27
C ALA B 247 -39.67 -6.87 3.99
N LEU B 248 -38.52 -6.20 3.87
CA LEU B 248 -38.52 -4.77 3.56
C LEU B 248 -39.01 -4.47 2.15
N GLN B 249 -38.56 -5.27 1.18
CA GLN B 249 -38.98 -5.11 -0.21
C GLN B 249 -40.51 -5.18 -0.35
N GLN B 250 -41.11 -6.20 0.25
CA GLN B 250 -42.57 -6.40 0.22
C GLN B 250 -43.31 -5.26 0.92
N ALA B 251 -42.82 -4.85 2.08
CA ALA B 251 -43.39 -3.73 2.84
C ALA B 251 -43.35 -2.41 2.05
N ILE B 252 -42.19 -2.08 1.48
CA ILE B 252 -42.05 -0.87 0.66
C ILE B 252 -43.06 -0.89 -0.50
N ALA B 253 -43.16 -2.05 -1.16
CA ALA B 253 -44.08 -2.23 -2.30
C ALA B 253 -45.53 -2.00 -1.90
N GLY B 254 -45.96 -2.58 -0.78
CA GLY B 254 -47.32 -2.41 -0.26
C GLY B 254 -47.68 -0.96 0.01
N GLN B 255 -46.77 -0.24 0.67
CA GLN B 255 -46.91 1.17 1.00
C GLN B 255 -47.06 2.06 -0.22
N LEU B 256 -46.47 1.64 -1.34
CA LEU B 256 -46.55 2.36 -2.61
C LEU B 256 -47.63 1.75 -3.52
N ALA B 257 -48.42 0.84 -2.97
CA ALA B 257 -49.46 0.11 -3.74
C ALA B 257 -48.92 -0.50 -5.03
N LEU B 258 -47.80 -1.20 -4.91
CA LEU B 258 -47.20 -1.93 -6.01
C LEU B 258 -46.99 -3.37 -5.58
N THR B 259 -46.65 -4.23 -6.53
CA THR B 259 -46.16 -5.57 -6.21
C THR B 259 -44.72 -5.72 -6.69
N ALA B 260 -43.91 -6.37 -5.87
CA ALA B 260 -42.52 -6.60 -6.20
C ALA B 260 -42.29 -8.09 -6.27
N THR B 261 -41.97 -8.57 -7.46
CA THR B 261 -41.83 -10.01 -7.69
C THR B 261 -40.37 -10.44 -7.92
N ALA B 262 -39.53 -9.48 -8.33
CA ALA B 262 -38.09 -9.74 -8.51
C ALA B 262 -37.49 -10.38 -7.26
N ASP B 263 -36.69 -11.43 -7.44
CA ASP B 263 -36.00 -12.04 -6.29
C ASP B 263 -34.75 -11.25 -5.89
N ILE B 264 -34.30 -11.49 -4.67
CA ILE B 264 -33.19 -10.77 -4.05
C ILE B 264 -31.90 -11.53 -4.28
N HIS B 265 -30.90 -10.85 -4.88
CA HIS B 265 -29.58 -11.45 -5.09
C HIS B 265 -28.57 -10.94 -4.09
N LEU B 266 -27.85 -11.88 -3.47
CA LEU B 266 -26.88 -11.56 -2.43
C LEU B 266 -25.60 -12.39 -2.55
N TRP B 267 -24.45 -11.72 -2.44
CA TRP B 267 -23.15 -12.38 -2.30
C TRP B 267 -22.60 -12.15 -0.92
N ASP B 268 -22.27 -13.23 -0.23
CA ASP B 268 -21.82 -13.15 1.17
C ASP B 268 -20.38 -13.62 1.40
N ASP B 269 -19.56 -13.58 0.35
CA ASP B 269 -18.18 -14.07 0.43
C ASP B 269 -17.18 -13.00 0.83
N TYR B 270 -17.64 -11.75 0.95
CA TYR B 270 -16.74 -10.60 0.95
C TYR B 270 -16.69 -9.82 2.26
N PHE B 271 -17.23 -10.41 3.33
CA PHE B 271 -17.31 -9.68 4.59
C PHE B 271 -16.54 -10.31 5.75
N ALA B 272 -15.97 -11.50 5.53
CA ALA B 272 -15.18 -12.21 6.54
C ALA B 272 -14.08 -11.29 7.11
N PRO B 273 -13.83 -11.36 8.44
CA PRO B 273 -14.39 -12.27 9.43
C PRO B 273 -15.64 -11.79 10.16
N GLY B 274 -16.27 -10.72 9.67
CA GLY B 274 -17.48 -10.22 10.32
C GLY B 274 -17.71 -8.74 10.16
N TYR B 275 -18.87 -8.28 10.62
CA TYR B 275 -19.22 -6.88 10.55
C TYR B 275 -18.18 -5.97 11.21
N GLY B 276 -17.86 -4.87 10.52
CA GLY B 276 -16.98 -3.83 11.07
C GLY B 276 -15.53 -4.21 11.24
N VAL B 277 -15.13 -5.33 10.64
CA VAL B 277 -13.73 -5.74 10.63
C VAL B 277 -13.27 -5.62 9.18
N PRO B 278 -12.20 -4.84 8.93
CA PRO B 278 -11.67 -4.73 7.57
C PRO B 278 -11.06 -6.06 7.14
N ASN B 279 -11.08 -6.33 5.84
CA ASN B 279 -10.32 -7.45 5.32
C ASN B 279 -9.39 -6.95 4.22
N ASP B 280 -8.51 -7.82 3.73
CA ASP B 280 -7.52 -7.41 2.73
C ASP B 280 -8.12 -7.04 1.37
N ALA B 281 -9.09 -7.85 0.92
CA ALA B 281 -9.76 -7.59 -0.37
C ALA B 281 -10.46 -6.24 -0.37
N GLY B 282 -11.11 -5.91 0.74
CA GLY B 282 -11.83 -4.64 0.91
C GLY B 282 -10.90 -3.45 1.00
N MET B 283 -9.85 -3.57 1.81
CA MET B 283 -8.84 -2.52 1.93
C MET B 283 -8.07 -2.28 0.63
N GLU B 284 -7.82 -3.34 -0.13
CA GLU B 284 -7.19 -3.21 -1.45
C GLU B 284 -8.15 -2.60 -2.48
N ALA B 285 -9.46 -2.82 -2.30
CA ALA B 285 -10.48 -2.14 -3.09
C ALA B 285 -10.49 -0.63 -2.81
N VAL B 286 -10.31 -0.25 -1.53
CA VAL B 286 -10.20 1.16 -1.15
C VAL B 286 -8.97 1.77 -1.85
N LYS B 287 -7.83 1.08 -1.76
CA LYS B 287 -6.59 1.53 -2.40
C LYS B 287 -6.71 1.68 -3.93
N LEU B 288 -7.33 0.70 -4.57
CA LEU B 288 -7.50 0.71 -6.02
C LEU B 288 -8.36 1.89 -6.49
N LEU B 289 -9.46 2.16 -5.79
CA LEU B 289 -10.35 3.27 -6.18
C LEU B 289 -9.73 4.64 -5.87
N ALA B 290 -8.97 4.71 -4.78
CA ALA B 290 -8.24 5.93 -4.43
C ALA B 290 -7.21 6.24 -5.49
N SER B 291 -6.39 5.24 -5.84
CA SER B 291 -5.26 5.43 -6.74
C SER B 291 -5.68 5.52 -8.21
N LEU B 292 -6.75 4.82 -8.58
CA LEU B 292 -7.22 4.85 -9.97
C LEU B 292 -8.16 6.00 -10.27
N GLU B 293 -9.05 6.32 -9.34
CA GLU B 293 -10.12 7.28 -9.58
C GLU B 293 -10.15 8.49 -8.64
N GLY B 294 -9.31 8.49 -7.60
CA GLY B 294 -9.37 9.53 -6.58
C GLY B 294 -10.66 9.47 -5.76
N VAL B 295 -11.29 8.30 -5.73
CA VAL B 295 -12.51 8.09 -4.94
C VAL B 295 -12.15 7.43 -3.61
N LEU B 296 -12.82 7.85 -2.55
CA LEU B 296 -12.59 7.29 -1.22
C LEU B 296 -13.73 6.38 -0.78
N LEU B 297 -13.42 5.11 -0.59
CA LEU B 297 -14.35 4.15 -0.02
C LEU B 297 -14.03 4.00 1.46
N ASP B 298 -14.60 2.99 2.10
CA ASP B 298 -14.38 2.78 3.52
C ASP B 298 -14.12 1.30 3.81
N PRO B 299 -13.60 0.99 5.02
CA PRO B 299 -13.21 -0.39 5.39
C PRO B 299 -14.37 -1.29 5.78
N VAL B 300 -15.50 -0.71 6.14
CA VAL B 300 -16.58 -1.50 6.73
C VAL B 300 -17.61 -1.92 5.68
N TYR B 301 -17.93 -1.01 4.77
CA TYR B 301 -19.01 -1.19 3.82
C TYR B 301 -18.57 -1.23 2.36
N THR B 302 -18.35 -0.06 1.76
CA THR B 302 -18.10 0.07 0.31
C THR B 302 -16.86 -0.64 -0.21
N GLY B 303 -15.79 -0.69 0.59
CA GLY B 303 -14.60 -1.44 0.23
C GLY B 303 -14.93 -2.91 0.01
N LYS B 304 -15.65 -3.50 0.97
CA LYS B 304 -16.09 -4.89 0.87
C LYS B 304 -17.03 -5.07 -0.33
N ALA B 305 -18.02 -4.19 -0.47
CA ALA B 305 -18.92 -4.23 -1.61
C ALA B 305 -18.17 -4.15 -2.94
N MET B 306 -17.14 -3.31 -3.00
CA MET B 306 -16.34 -3.17 -4.22
C MET B 306 -15.51 -4.43 -4.52
N ALA B 307 -14.99 -5.05 -3.48
CA ALA B 307 -14.24 -6.30 -3.61
C ALA B 307 -15.11 -7.40 -4.19
N GLY B 308 -16.38 -7.43 -3.78
CA GLY B 308 -17.39 -8.29 -4.38
C GLY B 308 -17.59 -8.00 -5.87
N LEU B 309 -17.71 -6.73 -6.21
CA LEU B 309 -17.88 -6.34 -7.61
C LEU B 309 -16.70 -6.86 -8.44
N ILE B 310 -15.48 -6.55 -7.99
CA ILE B 310 -14.25 -7.03 -8.63
C ILE B 310 -14.22 -8.57 -8.76
N ASP B 311 -14.52 -9.26 -7.67
CA ASP B 311 -14.49 -10.73 -7.69
C ASP B 311 -15.61 -11.30 -8.58
N GLY B 312 -16.72 -10.55 -8.67
CA GLY B 312 -17.80 -10.87 -9.59
C GLY B 312 -17.34 -10.93 -11.04
N ILE B 313 -16.39 -10.06 -11.38
CA ILE B 313 -15.73 -10.11 -12.70
C ILE B 313 -14.78 -11.32 -12.77
N SER B 314 -13.92 -11.46 -11.76
CA SER B 314 -12.96 -12.58 -11.66
C SER B 314 -13.59 -13.96 -11.90
N GLN B 315 -14.69 -14.22 -11.18
CA GLN B 315 -15.35 -15.52 -11.17
C GLN B 315 -16.59 -15.55 -12.07
N LYS B 316 -16.72 -14.52 -12.91
CA LYS B 316 -17.84 -14.41 -13.86
C LYS B 316 -19.19 -14.71 -13.20
N ARG B 317 -19.49 -13.99 -12.12
CA ARG B 317 -20.72 -14.18 -11.36
C ARG B 317 -21.89 -13.36 -11.90
N PHE B 318 -21.59 -12.30 -12.63
CA PHE B 318 -22.64 -11.44 -13.19
C PHE B 318 -23.36 -12.13 -14.34
N ASN B 319 -24.64 -11.75 -14.53
CA ASN B 319 -25.49 -12.27 -15.61
C ASN B 319 -24.85 -12.21 -17.01
N ASP B 320 -24.17 -11.10 -17.30
CA ASP B 320 -23.40 -10.97 -18.56
C ASP B 320 -22.16 -10.06 -18.42
N ASP B 321 -21.64 -9.59 -19.56
CA ASP B 321 -20.39 -8.82 -19.60
C ASP B 321 -20.58 -7.31 -19.68
N GLY B 322 -21.81 -6.84 -19.46
CA GLY B 322 -22.13 -5.44 -19.67
C GLY B 322 -21.78 -4.51 -18.51
N PRO B 323 -21.94 -3.19 -18.72
CA PRO B 323 -21.65 -2.16 -17.73
C PRO B 323 -22.17 -2.46 -16.32
N ILE B 324 -21.36 -2.13 -15.32
CA ILE B 324 -21.73 -2.31 -13.91
C ILE B 324 -21.83 -0.96 -13.20
N LEU B 325 -22.87 -0.81 -12.38
CA LEU B 325 -23.11 0.40 -11.62
C LEU B 325 -22.83 0.10 -10.16
N PHE B 326 -21.85 0.79 -9.59
CA PHE B 326 -21.56 0.66 -8.15
C PHE B 326 -22.23 1.80 -7.40
N ILE B 327 -22.96 1.47 -6.35
CA ILE B 327 -23.63 2.48 -5.53
C ILE B 327 -22.70 2.87 -4.38
N HIS B 328 -22.14 4.08 -4.45
CA HIS B 328 -21.30 4.55 -3.36
C HIS B 328 -22.15 5.09 -2.25
N THR B 329 -22.34 4.26 -1.24
CA THR B 329 -23.21 4.57 -0.10
C THR B 329 -22.50 5.45 0.95
N GLY B 330 -21.18 5.60 0.81
CA GLY B 330 -20.40 6.53 1.64
C GLY B 330 -19.36 5.88 2.55
N GLY B 331 -19.28 6.36 3.79
CA GLY B 331 -18.50 5.73 4.84
C GLY B 331 -17.09 6.23 5.12
N ALA B 332 -16.59 7.12 4.27
CA ALA B 332 -15.17 7.54 4.34
C ALA B 332 -14.62 8.01 5.70
N PRO B 333 -15.41 8.75 6.50
CA PRO B 333 -14.84 9.19 7.80
C PRO B 333 -14.30 8.04 8.66
N ALA B 334 -14.77 6.83 8.40
CA ALA B 334 -14.32 5.66 9.16
C ALA B 334 -12.89 5.25 8.81
N LEU B 335 -12.38 5.74 7.69
CA LEU B 335 -10.98 5.59 7.33
C LEU B 335 -10.05 6.10 8.46
N PHE B 336 -10.44 7.22 9.05
CA PHE B 336 -9.63 7.89 10.09
C PHE B 336 -9.76 7.20 11.43
N ALA B 337 -10.88 6.50 11.63
CA ALA B 337 -11.10 5.71 12.84
C ALA B 337 -10.36 4.38 12.80
N TYR B 338 -10.27 3.80 11.61
CA TYR B 338 -9.69 2.47 11.47
C TYR B 338 -8.17 2.49 11.31
N HIS B 339 -7.62 3.66 11.01
CA HIS B 339 -6.18 3.87 10.96
C HIS B 339 -5.65 4.04 12.36
N PRO B 340 -4.50 3.41 12.68
CA PRO B 340 -3.70 2.54 11.80
C PRO B 340 -4.17 1.10 11.78
N HIS B 341 -4.85 0.67 12.85
CA HIS B 341 -5.37 -0.69 12.93
C HIS B 341 -6.47 -0.82 13.96
N VAL B 342 -7.24 -1.90 13.81
CA VAL B 342 -8.22 -2.37 14.80
C VAL B 342 -9.25 -1.31 15.16
N LEU C 20 20.80 -28.78 -24.98
CA LEU C 20 20.42 -28.31 -26.35
C LEU C 20 21.52 -27.47 -27.03
N THR C 21 22.57 -27.15 -26.28
CA THR C 21 23.68 -26.33 -26.76
C THR C 21 25.02 -26.98 -26.40
N ARG C 22 26.00 -26.87 -27.30
CA ARG C 22 27.28 -27.56 -27.12
C ARG C 22 28.34 -26.74 -26.37
N PHE C 23 28.10 -25.44 -26.25
CA PHE C 23 29.05 -24.51 -25.61
C PHE C 23 29.45 -24.90 -24.19
N PRO C 24 30.67 -24.52 -23.75
CA PRO C 24 31.11 -24.78 -22.38
C PRO C 24 30.35 -23.93 -21.38
N ARG C 25 29.85 -24.54 -20.31
CA ARG C 25 29.07 -23.83 -19.32
C ARG C 25 29.45 -24.24 -17.90
N LEU C 26 29.62 -23.26 -17.02
CA LEU C 26 29.79 -23.52 -15.59
C LEU C 26 28.45 -23.86 -14.98
N GLU C 27 28.46 -24.60 -13.89
CA GLU C 27 27.23 -25.05 -13.24
C GLU C 27 27.01 -24.20 -11.98
N PHE C 28 26.21 -23.15 -12.13
CA PHE C 28 25.90 -22.22 -11.04
C PHE C 28 24.54 -22.50 -10.41
N ILE C 29 23.60 -23.00 -11.20
CA ILE C 29 22.23 -23.20 -10.72
C ILE C 29 22.03 -24.56 -10.07
N GLY C 30 22.42 -25.63 -10.77
CA GLY C 30 22.25 -26.98 -10.26
C GLY C 30 21.06 -27.69 -10.87
N ALA C 31 19.91 -27.62 -10.19
CA ALA C 31 18.68 -28.27 -10.64
C ALA C 31 17.77 -27.28 -11.37
N PRO C 32 16.78 -27.79 -12.15
CA PRO C 32 15.81 -26.87 -12.76
C PRO C 32 15.16 -25.98 -11.69
N THR C 33 15.09 -24.67 -11.97
CA THR C 33 14.35 -23.74 -11.09
C THR C 33 12.87 -24.08 -11.15
N PRO C 34 12.14 -23.92 -10.03
CA PRO C 34 10.75 -24.34 -9.99
C PRO C 34 9.83 -23.62 -10.99
N LEU C 35 8.83 -24.35 -11.48
CA LEU C 35 7.73 -23.78 -12.24
C LEU C 35 6.46 -24.11 -11.47
N GLU C 36 5.77 -23.07 -10.99
CA GLU C 36 4.68 -23.25 -10.04
C GLU C 36 3.40 -22.59 -10.57
N TYR C 37 2.27 -23.19 -10.24
CA TYR C 37 0.98 -22.57 -10.44
C TYR C 37 0.79 -21.49 -9.40
N LEU C 38 0.08 -20.42 -9.75
CA LEU C 38 -0.25 -19.37 -8.78
C LEU C 38 -1.76 -19.35 -8.58
N PRO C 39 -2.28 -20.15 -7.64
CA PRO C 39 -3.72 -20.33 -7.55
C PRO C 39 -4.47 -19.09 -7.07
N ARG C 40 -3.84 -18.27 -6.23
CA ARG C 40 -4.51 -17.07 -5.71
C ARG C 40 -4.53 -15.96 -6.75
N LEU C 41 -3.39 -15.74 -7.41
CA LEU C 41 -3.33 -14.77 -8.50
C LEU C 41 -4.26 -15.16 -9.66
N SER C 42 -4.27 -16.45 -10.00
CA SER C 42 -5.12 -16.99 -11.06
C SER C 42 -6.59 -16.72 -10.74
N ASP C 43 -6.97 -17.06 -9.51
CA ASP C 43 -8.31 -16.84 -9.01
C ASP C 43 -8.72 -15.36 -9.05
N TYR C 44 -7.75 -14.47 -8.85
CA TYR C 44 -8.02 -13.03 -8.90
C TYR C 44 -8.17 -12.53 -10.33
N LEU C 45 -7.27 -12.97 -11.20
CA LEU C 45 -7.28 -12.51 -12.59
C LEU C 45 -8.34 -13.21 -13.45
N GLY C 46 -8.82 -14.38 -13.01
CA GLY C 46 -9.77 -15.18 -13.80
C GLY C 46 -9.09 -15.89 -14.96
N ARG C 47 -7.79 -16.12 -14.81
CA ARG C 47 -6.94 -16.72 -15.85
CA ARG C 47 -6.99 -16.77 -15.84
C ARG C 47 -5.90 -17.61 -15.19
N GLU C 48 -5.56 -18.74 -15.82
CA GLU C 48 -4.53 -19.63 -15.27
C GLU C 48 -3.16 -18.98 -15.39
N ILE C 49 -2.50 -18.73 -14.26
CA ILE C 49 -1.18 -18.10 -14.24
C ILE C 49 -0.13 -19.00 -13.58
N TYR C 50 0.96 -19.22 -14.30
CA TYR C 50 2.09 -20.02 -13.86
C TYR C 50 3.30 -19.11 -13.76
N ILE C 51 4.28 -19.52 -12.94
CA ILE C 51 5.49 -18.73 -12.80
C ILE C 51 6.75 -19.60 -12.88
N LYS C 52 7.72 -19.13 -13.66
CA LYS C 52 9.03 -19.77 -13.75
C LYS C 52 9.94 -19.00 -12.80
N ARG C 53 10.43 -19.70 -11.78
CA ARG C 53 11.11 -19.09 -10.64
CA ARG C 53 11.10 -19.08 -10.64
C ARG C 53 12.61 -18.92 -10.84
N ASP C 54 13.00 -18.13 -11.85
CA ASP C 54 14.42 -17.82 -12.08
C ASP C 54 15.00 -16.85 -11.03
N ASP C 55 14.15 -16.36 -10.15
CA ASP C 55 14.59 -15.52 -9.03
C ASP C 55 15.17 -16.35 -7.89
N VAL C 56 14.85 -17.65 -7.89
CA VAL C 56 15.27 -18.60 -6.86
C VAL C 56 16.48 -19.39 -7.35
N THR C 57 17.64 -18.74 -7.36
CA THR C 57 18.89 -19.41 -7.71
C THR C 57 19.78 -19.37 -6.47
N PRO C 58 20.80 -20.25 -6.40
CA PRO C 58 21.57 -20.25 -5.13
C PRO C 58 22.51 -19.06 -4.93
N ILE C 59 22.95 -18.41 -6.00
CA ILE C 59 24.03 -17.42 -5.88
C ILE C 59 23.56 -15.99 -5.61
N ALA C 60 24.00 -15.45 -4.49
CA ALA C 60 23.76 -14.05 -4.09
C ALA C 60 22.40 -13.53 -4.50
N MET C 61 21.36 -14.15 -3.97
CA MET C 61 19.98 -13.68 -4.11
C MET C 61 19.40 -13.79 -5.53
N GLY C 62 20.05 -14.57 -6.38
CA GLY C 62 19.45 -15.06 -7.62
C GLY C 62 19.22 -14.07 -8.74
N GLY C 63 18.57 -14.54 -9.79
CA GLY C 63 18.27 -13.73 -10.96
C GLY C 63 18.58 -14.43 -12.28
N ASN C 64 17.93 -13.93 -13.33
CA ASN C 64 18.17 -14.39 -14.70
C ASN C 64 19.61 -14.27 -15.18
N1 LLP C 65 14.53 -8.79 -14.91
C2 LLP C 65 15.59 -8.70 -14.08
C2' LLP C 65 15.37 -8.93 -12.60
C3 LLP C 65 16.86 -8.43 -14.57
O3 LLP C 65 17.92 -8.36 -13.73
C4 LLP C 65 17.04 -8.25 -15.94
C4' LLP C 65 18.41 -7.95 -16.46
C5 LLP C 65 15.91 -8.32 -16.78
C6 LLP C 65 14.67 -8.59 -16.23
C5' LLP C 65 15.98 -8.12 -18.26
OP4 LLP C 65 16.74 -9.15 -18.88
P LLP C 65 17.53 -8.82 -20.24
OP1 LLP C 65 18.59 -7.83 -19.84
OP2 LLP C 65 16.47 -8.27 -21.17
OP3 LLP C 65 18.05 -10.19 -20.63
N LLP C 65 20.31 -13.23 -14.73
CA LLP C 65 21.67 -12.95 -15.22
CB LLP C 65 22.21 -11.63 -14.64
CG LLP C 65 21.30 -10.43 -14.94
CD LLP C 65 21.32 -10.02 -16.41
CE LLP C 65 20.67 -8.65 -16.68
NZ LLP C 65 19.38 -8.61 -16.01
C LLP C 65 22.63 -14.10 -14.96
O LLP C 65 23.63 -14.25 -15.67
N LEU C 66 22.30 -14.93 -13.97
CA LEU C 66 23.09 -16.11 -13.65
C LEU C 66 23.12 -17.14 -14.79
N ARG C 67 21.98 -17.36 -15.44
CA ARG C 67 21.89 -18.26 -16.60
C ARG C 67 22.87 -17.87 -17.72
N LYS C 68 23.08 -16.58 -17.89
CA LYS C 68 24.01 -16.06 -18.90
C LYS C 68 25.45 -16.18 -18.45
N LEU C 69 25.68 -15.92 -17.15
CA LEU C 69 27.03 -15.98 -16.58
C LEU C 69 27.62 -17.40 -16.60
N GLU C 70 26.76 -18.41 -16.53
CA GLU C 70 27.19 -19.81 -16.68
C GLU C 70 27.97 -20.04 -17.97
N PHE C 71 27.54 -19.38 -19.04
CA PHE C 71 28.24 -19.44 -20.34
C PHE C 71 29.38 -18.45 -20.44
N LEU C 72 29.11 -17.21 -20.02
CA LEU C 72 30.08 -16.12 -20.17
C LEU C 72 31.30 -16.30 -19.31
N VAL C 73 31.12 -16.82 -18.09
CA VAL C 73 32.24 -16.98 -17.18
C VAL C 73 33.05 -18.23 -17.56
N ALA C 74 32.36 -19.27 -18.06
CA ALA C 74 33.03 -20.44 -18.63
C ALA C 74 33.97 -20.01 -19.74
N ASP C 75 33.50 -19.07 -20.55
CA ASP C 75 34.29 -18.49 -21.63
C ASP C 75 35.53 -17.75 -21.09
N ALA C 76 35.32 -16.97 -20.04
CA ALA C 76 36.41 -16.21 -19.42
C ALA C 76 37.52 -17.13 -18.90
N LEU C 77 37.12 -18.25 -18.31
CA LEU C 77 38.08 -19.24 -17.78
C LEU C 77 38.86 -19.93 -18.90
N ARG C 78 38.17 -20.31 -19.98
CA ARG C 78 38.84 -20.88 -21.15
C ARG C 78 39.89 -19.93 -21.75
N GLU C 79 39.64 -18.63 -21.65
CA GLU C 79 40.61 -17.61 -22.09
C GLU C 79 41.66 -17.28 -21.03
N GLY C 80 41.54 -17.91 -19.86
CA GLY C 80 42.47 -17.70 -18.77
C GLY C 80 42.45 -16.30 -18.16
N ALA C 81 41.26 -15.68 -18.12
CA ALA C 81 41.11 -14.38 -17.48
C ALA C 81 41.23 -14.49 -15.97
N ASP C 82 41.65 -13.41 -15.31
CA ASP C 82 41.69 -13.37 -13.85
C ASP C 82 40.80 -12.26 -13.30
N THR C 83 40.10 -11.58 -14.22
CA THR C 83 39.30 -10.41 -13.89
C THR C 83 38.09 -10.33 -14.82
N LEU C 84 36.90 -10.21 -14.24
CA LEU C 84 35.68 -9.95 -15.00
C LEU C 84 35.33 -8.46 -14.95
N ILE C 85 35.09 -7.88 -16.12
CA ILE C 85 34.68 -6.48 -16.23
C ILE C 85 33.31 -6.39 -16.88
N THR C 86 32.39 -5.69 -16.22
CA THR C 86 31.07 -5.44 -16.76
C THR C 86 30.54 -4.06 -16.33
N ALA C 87 29.42 -3.66 -16.91
CA ALA C 87 28.85 -2.33 -16.70
C ALA C 87 27.37 -2.43 -16.40
N GLY C 88 26.83 -1.36 -15.81
CA GLY C 88 25.39 -1.27 -15.56
C GLY C 88 25.05 -0.11 -14.65
N ALA C 89 23.77 0.01 -14.32
CA ALA C 89 23.31 1.05 -13.41
C ALA C 89 23.82 0.76 -12.00
N ILE C 90 23.84 1.79 -11.15
CA ILE C 90 24.25 1.60 -9.75
C ILE C 90 23.53 0.38 -9.14
N GLN C 91 22.24 0.21 -9.46
CA GLN C 91 21.46 -0.88 -8.89
C GLN C 91 21.35 -2.11 -9.80
N SER C 92 22.28 -2.24 -10.74
CA SER C 92 22.34 -3.39 -11.65
C SER C 92 22.30 -4.72 -10.92
N ASN C 93 21.38 -5.59 -11.33
CA ASN C 93 21.35 -6.96 -10.84
C ASN C 93 22.49 -7.78 -11.42
N HIS C 94 22.77 -7.53 -12.70
CA HIS C 94 23.84 -8.19 -13.44
C HIS C 94 25.19 -7.99 -12.81
N VAL C 95 25.49 -6.75 -12.44
CA VAL C 95 26.80 -6.46 -11.84
C VAL C 95 26.97 -7.20 -10.52
N ARG C 96 25.89 -7.23 -9.73
CA ARG C 96 25.88 -7.88 -8.43
C ARG C 96 26.14 -9.39 -8.56
N GLN C 97 25.47 -10.02 -9.51
CA GLN C 97 25.63 -11.44 -9.80
C GLN C 97 27.01 -11.77 -10.37
N THR C 98 27.53 -10.88 -11.22
CA THR C 98 28.89 -11.03 -11.77
C THR C 98 29.91 -10.93 -10.63
N ALA C 99 29.73 -9.92 -9.77
CA ALA C 99 30.61 -9.71 -8.63
C ALA C 99 30.64 -10.93 -7.71
N ALA C 100 29.47 -11.51 -7.48
CA ALA C 100 29.31 -12.71 -6.64
C ALA C 100 30.03 -13.93 -7.23
N VAL C 101 29.88 -14.11 -8.53
CA VAL C 101 30.50 -15.23 -9.24
C VAL C 101 32.03 -15.08 -9.26
N ALA C 102 32.50 -13.87 -9.57
CA ALA C 102 33.93 -13.58 -9.55
C ALA C 102 34.53 -13.90 -8.17
N ALA C 103 33.88 -13.39 -7.12
CA ALA C 103 34.30 -13.66 -5.73
C ALA C 103 34.42 -15.15 -5.46
N LYS C 104 33.35 -15.88 -5.81
CA LYS C 104 33.31 -17.33 -5.68
C LYS C 104 34.47 -18.04 -6.40
N LEU C 105 34.80 -17.58 -7.60
CA LEU C 105 35.84 -18.25 -8.40
C LEU C 105 37.26 -17.72 -8.19
N GLY C 106 37.41 -16.72 -7.34
CA GLY C 106 38.72 -16.12 -7.11
C GLY C 106 39.17 -15.21 -8.25
N LEU C 107 38.20 -14.66 -8.98
CA LEU C 107 38.49 -13.68 -10.02
C LEU C 107 38.25 -12.30 -9.45
N HIS C 108 39.09 -11.35 -9.84
CA HIS C 108 38.83 -9.93 -9.58
C HIS C 108 37.59 -9.49 -10.33
N CYS C 109 36.94 -8.45 -9.85
CA CYS C 109 35.79 -7.89 -10.56
C CYS C 109 35.85 -6.37 -10.60
N VAL C 110 35.70 -5.82 -11.80
CA VAL C 110 35.66 -4.37 -11.98
C VAL C 110 34.33 -3.99 -12.63
N ALA C 111 33.59 -3.10 -11.99
CA ALA C 111 32.29 -2.66 -12.48
C ALA C 111 32.33 -1.21 -12.92
N LEU C 112 31.82 -0.95 -14.12
CA LEU C 112 31.61 0.42 -14.59
C LEU C 112 30.15 0.82 -14.30
N LEU C 113 29.94 1.82 -13.45
CA LEU C 113 28.58 2.20 -13.06
C LEU C 113 28.17 3.62 -13.47
N GLU C 114 26.89 3.75 -13.85
CA GLU C 114 26.25 5.05 -14.08
C GLU C 114 25.03 5.24 -13.19
N ASN C 115 24.70 6.50 -12.93
CA ASN C 115 23.44 6.89 -12.32
C ASN C 115 22.46 7.25 -13.43
N PRO C 116 21.59 6.30 -13.83
CA PRO C 116 20.76 6.55 -15.00
C PRO C 116 19.59 7.48 -14.74
N ILE C 117 19.24 7.70 -13.48
CA ILE C 117 18.01 8.43 -13.15
C ILE C 117 18.25 9.78 -12.45
N GLY C 118 19.51 10.13 -12.25
CA GLY C 118 19.91 11.42 -11.69
C GLY C 118 19.60 11.62 -10.22
N THR C 119 19.41 10.53 -9.48
CA THR C 119 19.02 10.62 -8.08
C THR C 119 20.16 10.91 -7.09
N THR C 120 19.79 11.50 -5.95
CA THR C 120 20.69 11.66 -4.81
C THR C 120 20.19 10.89 -3.58
N ALA C 121 19.09 10.15 -3.72
CA ALA C 121 18.56 9.32 -2.62
C ALA C 121 19.64 8.36 -2.11
N GLU C 122 19.82 8.33 -0.80
CA GLU C 122 20.89 7.56 -0.19
C GLU C 122 20.81 6.04 -0.38
N ASN C 123 19.60 5.50 -0.29
CA ASN C 123 19.40 4.07 -0.50
C ASN C 123 19.64 3.65 -1.96
N TYR C 124 19.33 4.53 -2.91
CA TYR C 124 19.70 4.23 -4.28
C TYR C 124 21.21 4.19 -4.46
N LEU C 125 21.91 5.15 -3.86
CA LEU C 125 23.34 5.29 -4.07
C LEU C 125 24.16 4.24 -3.31
N THR C 126 23.66 3.80 -2.16
CA THR C 126 24.51 3.04 -1.24
C THR C 126 23.94 1.70 -0.76
N ASN C 127 22.61 1.54 -0.83
CA ASN C 127 21.95 0.31 -0.35
C ASN C 127 21.72 -0.69 -1.50
N GLY C 128 20.92 -1.73 -1.22
CA GLY C 128 20.49 -2.68 -2.24
C GLY C 128 21.64 -3.42 -2.91
N ASN C 129 21.57 -3.51 -4.23
CA ASN C 129 22.58 -4.18 -5.03
C ASN C 129 23.95 -3.54 -4.85
N ARG C 130 23.97 -2.22 -4.79
CA ARG C 130 25.21 -1.47 -4.60
C ARG C 130 25.90 -1.82 -3.29
N LEU C 131 25.12 -1.98 -2.21
CA LEU C 131 25.68 -2.43 -0.94
C LEU C 131 26.39 -3.78 -1.13
N LEU C 132 25.73 -4.69 -1.83
CA LEU C 132 26.30 -6.03 -2.07
C LEU C 132 27.63 -6.00 -2.85
N LEU C 133 27.77 -5.03 -3.76
CA LEU C 133 29.02 -4.86 -4.53
C LEU C 133 30.22 -4.64 -3.62
N ASP C 134 30.04 -3.82 -2.58
CA ASP C 134 31.09 -3.56 -1.62
CA ASP C 134 31.07 -3.55 -1.59
C ASP C 134 31.44 -4.83 -0.84
N LEU C 135 30.42 -5.60 -0.46
CA LEU C 135 30.63 -6.84 0.27
C LEU C 135 31.39 -7.87 -0.58
N PHE C 136 31.12 -7.91 -1.88
CA PHE C 136 31.85 -8.77 -2.82
C PHE C 136 33.21 -8.22 -3.24
N ASN C 137 33.65 -7.14 -2.60
CA ASN C 137 34.97 -6.54 -2.86
C ASN C 137 35.16 -6.06 -4.31
N THR C 138 34.10 -5.48 -4.89
CA THR C 138 34.10 -5.06 -6.29
C THR C 138 34.84 -3.75 -6.46
N GLN C 139 35.70 -3.68 -7.48
CA GLN C 139 36.29 -2.40 -7.86
C GLN C 139 35.26 -1.58 -8.63
N ILE C 140 34.94 -0.40 -8.09
CA ILE C 140 33.89 0.45 -8.65
C ILE C 140 34.49 1.57 -9.49
N GLU C 141 33.93 1.75 -10.68
CA GLU C 141 34.30 2.85 -11.54
C GLU C 141 33.04 3.58 -11.96
N MET C 142 32.97 4.87 -11.62
CA MET C 142 31.85 5.72 -12.00
C MET C 142 32.08 6.40 -13.34
N CYS C 143 30.99 6.67 -14.07
CA CYS C 143 31.01 7.46 -15.31
C CYS C 143 29.72 8.25 -15.41
N ASP C 144 29.73 9.34 -16.17
CA ASP C 144 28.54 10.18 -16.35
C ASP C 144 27.37 9.41 -16.94
N ALA C 145 27.62 8.67 -18.02
CA ALA C 145 26.57 7.92 -18.71
C ALA C 145 27.14 6.80 -19.57
N LEU C 146 26.40 5.70 -19.67
CA LEU C 146 26.81 4.59 -20.54
C LEU C 146 26.29 4.79 -21.96
N THR C 147 26.83 5.81 -22.61
CA THR C 147 26.41 6.19 -23.97
C THR C 147 26.94 5.23 -25.03
N ASP C 148 28.07 4.58 -24.75
CA ASP C 148 28.66 3.59 -25.64
C ASP C 148 29.28 2.47 -24.80
N PRO C 149 28.42 1.60 -24.22
CA PRO C 149 28.82 0.58 -23.25
C PRO C 149 30.03 -0.26 -23.67
N ASP C 150 29.95 -0.90 -24.83
CA ASP C 150 31.05 -1.74 -25.34
C ASP C 150 32.39 -0.99 -25.45
N ALA C 151 32.36 0.20 -26.06
CA ALA C 151 33.57 1.02 -26.18
C ALA C 151 34.15 1.42 -24.81
N GLN C 152 33.27 1.85 -23.91
CA GLN C 152 33.68 2.25 -22.57
C GLN C 152 34.28 1.09 -21.76
N LEU C 153 33.66 -0.09 -21.89
CA LEU C 153 34.18 -1.30 -21.26
C LEU C 153 35.57 -1.64 -21.78
N GLN C 154 35.70 -1.66 -23.11
CA GLN C 154 36.96 -1.85 -23.84
C GLN C 154 38.07 -0.94 -23.30
N THR C 155 37.77 0.34 -23.16
CA THR C 155 38.71 1.30 -22.60
C THR C 155 39.13 0.91 -21.18
N LEU C 156 38.17 0.48 -20.36
CA LEU C 156 38.47 0.06 -19.00
C LEU C 156 39.34 -1.21 -18.98
N ALA C 157 39.05 -2.15 -19.88
CA ALA C 157 39.83 -3.39 -19.99
C ALA C 157 41.31 -3.10 -20.22
N THR C 158 41.60 -2.28 -21.23
CA THR C 158 42.95 -1.82 -21.56
C THR C 158 43.67 -1.26 -20.34
N ARG C 159 43.04 -0.33 -19.64
CA ARG C 159 43.59 0.27 -18.43
C ARG C 159 43.92 -0.77 -17.36
N ILE C 160 43.01 -1.72 -17.19
CA ILE C 160 43.17 -2.79 -16.21
C ILE C 160 44.26 -3.77 -16.67
N GLU C 161 44.32 -4.03 -17.98
CA GLU C 161 45.36 -4.87 -18.55
C GLU C 161 46.74 -4.25 -18.36
N ALA C 162 46.84 -2.95 -18.62
CA ALA C 162 48.06 -2.17 -18.40
C ALA C 162 48.61 -2.33 -16.97
N GLN C 163 47.72 -2.55 -16.00
CA GLN C 163 48.11 -2.71 -14.60
C GLN C 163 48.58 -4.13 -14.26
N GLY C 164 48.55 -5.03 -15.24
CA GLY C 164 49.09 -6.38 -15.08
C GLY C 164 48.06 -7.48 -14.83
N PHE C 165 46.80 -7.21 -15.14
CA PHE C 165 45.74 -8.20 -14.99
C PHE C 165 45.34 -8.78 -16.35
N ARG C 166 44.51 -9.83 -16.33
CA ARG C 166 43.94 -10.39 -17.55
C ARG C 166 42.42 -10.25 -17.58
N PRO C 167 41.92 -9.07 -18.04
CA PRO C 167 40.49 -8.80 -18.06
C PRO C 167 39.69 -9.58 -19.10
N TYR C 168 38.45 -9.90 -18.76
CA TYR C 168 37.46 -10.40 -19.70
C TYR C 168 36.25 -9.49 -19.60
N VAL C 169 35.81 -8.98 -20.75
CA VAL C 169 34.66 -8.08 -20.81
C VAL C 169 33.35 -8.85 -20.95
N ILE C 170 32.42 -8.59 -20.05
CA ILE C 170 31.04 -9.05 -20.21
C ILE C 170 30.21 -7.80 -20.54
N PRO C 171 29.39 -7.87 -21.60
CA PRO C 171 28.59 -6.69 -21.99
C PRO C 171 27.49 -6.36 -20.97
N VAL C 172 26.85 -5.22 -21.14
CA VAL C 172 25.70 -4.82 -20.31
C VAL C 172 24.64 -5.93 -20.31
N GLY C 173 24.12 -6.24 -19.13
CA GLY C 173 23.09 -7.25 -18.95
C GLY C 173 23.52 -8.66 -19.31
N GLY C 174 24.82 -8.86 -19.50
CA GLY C 174 25.34 -10.12 -20.03
C GLY C 174 24.71 -10.56 -21.34
N SER C 175 24.10 -9.60 -22.06
CA SER C 175 23.37 -9.91 -23.28
C SER C 175 24.25 -9.86 -24.53
N SER C 176 24.89 -10.99 -24.82
CA SER C 176 25.52 -11.23 -26.11
C SER C 176 24.89 -12.53 -26.62
N ALA C 177 25.21 -12.92 -27.85
CA ALA C 177 24.73 -14.19 -28.39
C ALA C 177 25.05 -15.34 -27.42
N LEU C 178 26.30 -15.38 -26.95
CA LEU C 178 26.75 -16.41 -26.01
C LEU C 178 25.99 -16.39 -24.67
N GLY C 179 25.83 -15.20 -24.09
CA GLY C 179 25.13 -15.05 -22.81
C GLY C 179 23.69 -15.51 -22.93
N ALA C 180 23.09 -15.17 -24.06
CA ALA C 180 21.70 -15.53 -24.33
C ALA C 180 21.50 -17.04 -24.40
N MET C 181 22.58 -17.78 -24.63
CA MET C 181 22.49 -19.25 -24.66
C MET C 181 21.85 -19.85 -23.40
N GLY C 182 22.03 -19.18 -22.26
CA GLY C 182 21.41 -19.59 -20.99
C GLY C 182 19.89 -19.68 -21.06
N TYR C 183 19.29 -18.75 -21.78
CA TYR C 183 17.84 -18.77 -21.98
C TYR C 183 17.33 -19.60 -23.15
N VAL C 184 18.21 -19.86 -24.11
CA VAL C 184 17.96 -20.90 -25.11
C VAL C 184 17.77 -22.21 -24.33
N GLU C 185 18.74 -22.50 -23.46
CA GLU C 185 18.75 -23.68 -22.60
C GLU C 185 17.55 -23.74 -21.65
N SER C 186 17.24 -22.60 -21.03
CA SER C 186 16.12 -22.48 -20.10
C SER C 186 14.77 -22.87 -20.72
N ALA C 187 14.64 -22.69 -22.03
CA ALA C 187 13.41 -23.04 -22.75
C ALA C 187 13.14 -24.54 -22.74
N LEU C 188 14.22 -25.33 -22.73
CA LEU C 188 14.12 -26.79 -22.61
C LEU C 188 13.64 -27.22 -21.22
N GLU C 189 14.11 -26.54 -20.18
CA GLU C 189 13.58 -26.70 -18.82
C GLU C 189 12.07 -26.49 -18.79
N ILE C 190 11.64 -25.35 -19.34
CA ILE C 190 10.22 -24.99 -19.37
C ILE C 190 9.38 -26.04 -20.09
N ALA C 191 9.80 -26.40 -21.31
CA ALA C 191 9.10 -27.42 -22.11
C ALA C 191 8.91 -28.72 -21.33
N GLN C 192 9.97 -29.17 -20.65
CA GLN C 192 9.92 -30.42 -19.89
C GLN C 192 9.02 -30.34 -18.67
N GLN C 193 9.07 -29.21 -17.96
CA GLN C 193 8.22 -29.01 -16.78
C GLN C 193 6.75 -28.83 -17.16
N CYS C 194 6.49 -28.30 -18.36
CA CYS C 194 5.11 -28.08 -18.81
C CYS C 194 4.41 -29.32 -19.37
N GLU C 195 5.18 -30.23 -19.95
CA GLU C 195 4.66 -31.46 -20.57
C GLU C 195 3.76 -32.28 -19.64
N GLU C 196 2.56 -32.58 -20.12
CA GLU C 196 1.53 -33.30 -19.35
C GLU C 196 1.16 -32.62 -18.02
N VAL C 197 1.46 -31.33 -17.91
CA VAL C 197 1.07 -30.52 -16.76
C VAL C 197 0.18 -29.36 -17.21
N VAL C 198 0.65 -28.59 -18.19
CA VAL C 198 -0.11 -27.44 -18.67
C VAL C 198 0.17 -27.09 -20.13
N GLY C 199 -0.92 -26.93 -20.90
CA GLY C 199 -0.84 -26.44 -22.27
C GLY C 199 -0.79 -24.92 -22.31
N LEU C 200 0.43 -24.39 -22.33
CA LEU C 200 0.67 -22.95 -22.33
C LEU C 200 0.20 -22.23 -23.59
N SER C 201 -0.34 -21.03 -23.40
CA SER C 201 -0.72 -20.16 -24.51
CA SER C 201 -0.72 -20.16 -24.51
C SER C 201 0.29 -19.01 -24.64
N SER C 202 0.69 -18.44 -23.52
CA SER C 202 1.58 -17.27 -23.53
C SER C 202 2.70 -17.34 -22.49
N VAL C 203 3.79 -16.69 -22.83
CA VAL C 203 4.90 -16.49 -21.91
C VAL C 203 5.16 -14.99 -21.89
N VAL C 204 5.28 -14.43 -20.68
CA VAL C 204 5.55 -13.02 -20.48
C VAL C 204 6.90 -12.84 -19.77
N VAL C 205 7.73 -11.93 -20.29
CA VAL C 205 9.04 -11.67 -19.74
C VAL C 205 9.45 -10.22 -19.97
N ALA C 206 10.18 -9.65 -19.03
CA ALA C 206 10.75 -8.32 -19.19
C ALA C 206 11.73 -8.33 -20.37
N SER C 207 11.73 -7.25 -21.15
CA SER C 207 12.63 -7.14 -22.29
C SER C 207 13.50 -5.89 -22.18
N GLY C 208 14.74 -6.09 -21.74
CA GLY C 208 15.66 -4.99 -21.48
C GLY C 208 16.85 -5.03 -22.43
N SER C 209 18.00 -5.47 -21.93
CA SER C 209 19.19 -5.56 -22.77
C SER C 209 19.07 -6.72 -23.78
N ALA C 210 17.96 -7.46 -23.67
CA ALA C 210 17.41 -8.33 -24.73
C ALA C 210 17.83 -9.81 -24.74
N GLY C 211 18.91 -10.14 -24.03
CA GLY C 211 19.41 -11.51 -23.94
C GLY C 211 18.33 -12.52 -23.58
N THR C 212 17.57 -12.23 -22.52
CA THR C 212 16.56 -13.16 -22.00
C THR C 212 15.42 -13.36 -22.98
N HIS C 213 14.98 -12.25 -23.58
CA HIS C 213 13.90 -12.26 -24.58
C HIS C 213 14.29 -13.07 -25.80
N ALA C 214 15.41 -12.70 -26.40
CA ALA C 214 15.91 -13.35 -27.63
C ALA C 214 16.32 -14.81 -27.40
N GLY C 215 16.94 -15.07 -26.26
CA GLY C 215 17.28 -16.43 -25.86
C GLY C 215 16.05 -17.31 -25.83
N LEU C 216 15.02 -16.87 -25.10
CA LEU C 216 13.74 -17.57 -25.06
C LEU C 216 13.09 -17.69 -26.43
N ALA C 217 13.19 -16.63 -27.24
CA ALA C 217 12.62 -16.61 -28.59
C ALA C 217 13.13 -17.78 -29.42
N VAL C 218 14.45 -17.92 -29.49
CA VAL C 218 15.08 -18.99 -30.24
C VAL C 218 14.73 -20.37 -29.67
N GLY C 219 14.80 -20.50 -28.35
CA GLY C 219 14.48 -21.75 -27.68
C GLY C 219 13.03 -22.15 -27.80
N LEU C 220 12.14 -21.18 -27.66
CA LEU C 220 10.71 -21.46 -27.70
C LEU C 220 10.21 -21.73 -29.14
N GLU C 221 10.84 -21.08 -30.13
CA GLU C 221 10.56 -21.40 -31.55
C GLU C 221 10.81 -22.88 -31.86
N HIS C 222 11.97 -23.40 -31.42
CA HIS C 222 12.29 -24.82 -31.60
C HIS C 222 11.43 -25.76 -30.81
N LEU C 223 11.14 -25.43 -29.56
CA LEU C 223 10.52 -26.39 -28.64
C LEU C 223 9.04 -26.21 -28.36
N MET C 224 8.57 -24.96 -28.34
CA MET C 224 7.17 -24.66 -28.03
C MET C 224 6.61 -23.64 -29.02
N PRO C 225 6.58 -23.99 -30.32
CA PRO C 225 6.36 -22.97 -31.36
C PRO C 225 4.94 -22.41 -31.42
N ASP C 226 3.99 -23.05 -30.74
CA ASP C 226 2.61 -22.58 -30.64
C ASP C 226 2.38 -21.52 -29.55
N VAL C 227 3.34 -21.38 -28.63
CA VAL C 227 3.20 -20.44 -27.51
C VAL C 227 3.57 -19.01 -27.94
N GLU C 228 2.73 -18.05 -27.60
CA GLU C 228 3.04 -16.65 -27.86
C GLU C 228 4.02 -16.14 -26.81
N LEU C 229 5.17 -15.64 -27.25
CA LEU C 229 6.14 -15.03 -26.35
C LEU C 229 6.03 -13.52 -26.41
N ILE C 230 5.75 -12.90 -25.26
CA ILE C 230 5.59 -11.44 -25.16
C ILE C 230 6.69 -10.81 -24.31
N GLY C 231 7.37 -9.82 -24.88
CA GLY C 231 8.34 -9.04 -24.13
C GLY C 231 7.73 -7.72 -23.72
N VAL C 232 7.65 -7.49 -22.41
CA VAL C 232 7.26 -6.20 -21.85
C VAL C 232 8.53 -5.38 -21.71
N THR C 233 8.63 -4.29 -22.47
CA THR C 233 9.84 -3.49 -22.45
C THR C 233 9.96 -2.74 -21.13
N VAL C 234 11.21 -2.51 -20.71
CA VAL C 234 11.49 -1.88 -19.43
C VAL C 234 12.35 -0.63 -19.59
N SER C 235 12.81 -0.37 -20.81
CA SER C 235 13.69 0.78 -21.07
C SER C 235 13.44 1.52 -22.38
N ARG C 236 12.82 0.85 -23.36
CA ARG C 236 12.68 1.39 -24.72
C ARG C 236 11.28 1.19 -25.31
N SER C 237 10.97 1.97 -26.35
CA SER C 237 9.73 1.77 -27.13
C SER C 237 9.87 0.55 -28.05
N VAL C 238 8.73 0.05 -28.53
CA VAL C 238 8.71 -1.06 -29.50
C VAL C 238 9.69 -0.84 -30.66
N ALA C 239 9.71 0.38 -31.21
CA ALA C 239 10.56 0.71 -32.36
C ALA C 239 12.04 0.72 -32.03
N GLU C 240 12.38 1.14 -30.81
CA GLU C 240 13.76 1.11 -30.33
C GLU C 240 14.19 -0.30 -29.93
N GLN C 241 13.27 -1.07 -29.37
CA GLN C 241 13.61 -2.39 -28.79
C GLN C 241 13.61 -3.54 -29.81
N LYS C 242 12.67 -3.52 -30.75
CA LYS C 242 12.52 -4.59 -31.75
C LYS C 242 13.77 -4.93 -32.59
N PRO C 243 14.56 -3.93 -33.01
CA PRO C 243 15.79 -4.30 -33.75
C PRO C 243 16.85 -4.94 -32.85
N LYS C 244 16.88 -4.56 -31.57
CA LYS C 244 17.83 -5.15 -30.62
C LYS C 244 17.55 -6.62 -30.38
N VAL C 245 16.27 -6.97 -30.27
CA VAL C 245 15.85 -8.35 -29.97
C VAL C 245 15.98 -9.24 -31.21
N ILE C 246 15.58 -8.73 -32.37
CA ILE C 246 15.72 -9.44 -33.65
C ILE C 246 17.21 -9.69 -33.94
N ALA C 247 18.03 -8.65 -33.81
CA ALA C 247 19.48 -8.74 -34.04
C ALA C 247 20.16 -9.77 -33.13
N LEU C 248 19.69 -9.87 -31.89
CA LEU C 248 20.19 -10.89 -30.97
C LEU C 248 19.64 -12.28 -31.29
N GLN C 249 18.34 -12.35 -31.58
CA GLN C 249 17.70 -13.59 -32.02
C GLN C 249 18.47 -14.19 -33.22
N GLN C 250 18.89 -13.32 -34.13
CA GLN C 250 19.61 -13.72 -35.34
C GLN C 250 21.07 -14.08 -35.05
N ALA C 251 21.70 -13.35 -34.13
CA ALA C 251 23.06 -13.63 -33.70
C ALA C 251 23.16 -14.98 -33.00
N ILE C 252 22.16 -15.27 -32.15
CA ILE C 252 22.02 -16.58 -31.48
C ILE C 252 21.89 -17.69 -32.51
N ALA C 253 20.95 -17.52 -33.44
CA ALA C 253 20.76 -18.47 -34.55
C ALA C 253 22.07 -18.70 -35.33
N GLY C 254 22.77 -17.61 -35.64
CA GLY C 254 24.05 -17.67 -36.37
C GLY C 254 25.11 -18.48 -35.64
N GLN C 255 25.14 -18.35 -34.31
CA GLN C 255 26.09 -19.07 -33.46
C GLN C 255 25.70 -20.54 -33.30
N LEU C 256 24.41 -20.84 -33.39
CA LEU C 256 23.94 -22.21 -33.24
C LEU C 256 23.72 -22.90 -34.59
N ALA C 257 24.10 -22.21 -35.67
CA ALA C 257 23.80 -22.66 -37.04
C ALA C 257 22.32 -23.06 -37.17
N LEU C 258 21.44 -22.11 -36.87
CA LEU C 258 20.00 -22.32 -36.93
C LEU C 258 19.34 -21.14 -37.66
N THR C 259 18.05 -21.29 -37.97
CA THR C 259 17.29 -20.22 -38.61
C THR C 259 16.06 -19.87 -37.77
N ALA C 260 16.07 -18.64 -37.23
CA ALA C 260 14.97 -18.13 -36.40
C ALA C 260 14.06 -17.21 -37.19
N THR C 261 12.83 -17.67 -37.45
CA THR C 261 11.88 -16.93 -38.27
C THR C 261 10.86 -16.17 -37.43
N ALA C 262 10.62 -16.66 -36.22
CA ALA C 262 9.53 -16.20 -35.36
C ALA C 262 9.45 -14.68 -35.21
N ASP C 263 8.21 -14.17 -35.18
CA ASP C 263 7.98 -12.75 -34.90
C ASP C 263 8.33 -12.41 -33.45
N ILE C 264 8.93 -11.25 -33.26
CA ILE C 264 9.17 -10.71 -31.93
C ILE C 264 7.96 -9.87 -31.52
N HIS C 265 7.45 -10.13 -30.31
CA HIS C 265 6.31 -9.37 -29.79
C HIS C 265 6.73 -8.55 -28.61
N LEU C 266 6.34 -7.29 -28.62
CA LEU C 266 6.74 -6.33 -27.60
C LEU C 266 5.59 -5.40 -27.19
N TRP C 267 5.47 -5.17 -25.88
CA TRP C 267 4.55 -4.17 -25.34
C TRP C 267 5.34 -3.15 -24.56
N ASP C 268 5.19 -1.88 -24.94
CA ASP C 268 6.04 -0.81 -24.45
C ASP C 268 5.30 0.21 -23.62
N ASP C 269 4.10 -0.16 -23.17
CA ASP C 269 3.21 0.76 -22.47
C ASP C 269 3.38 0.76 -20.95
N TYR C 270 4.36 0.01 -20.45
CA TYR C 270 4.43 -0.28 -19.02
C TYR C 270 5.73 0.12 -18.32
N PHE C 271 6.55 0.93 -18.97
CA PHE C 271 7.84 1.32 -18.39
C PHE C 271 8.00 2.83 -18.16
N ALA C 272 7.01 3.64 -18.57
CA ALA C 272 7.08 5.09 -18.38
C ALA C 272 7.26 5.44 -16.90
N PRO C 273 8.04 6.48 -16.59
CA PRO C 273 8.68 7.45 -17.48
C PRO C 273 10.06 7.06 -18.02
N GLY C 274 10.53 5.84 -17.74
CA GLY C 274 11.82 5.40 -18.26
C GLY C 274 12.47 4.26 -17.50
N TYR C 275 13.58 3.76 -18.03
CA TYR C 275 14.35 2.72 -17.33
C TYR C 275 14.62 3.10 -15.87
N GLY C 276 14.48 2.12 -14.99
CA GLY C 276 14.91 2.27 -13.60
C GLY C 276 14.11 3.23 -12.76
N VAL C 277 12.96 3.68 -13.27
CA VAL C 277 12.06 4.54 -12.51
C VAL C 277 10.79 3.76 -12.23
N PRO C 278 10.40 3.63 -10.95
CA PRO C 278 9.18 2.92 -10.62
C PRO C 278 7.97 3.66 -11.16
N ASN C 279 6.91 2.92 -11.42
CA ASN C 279 5.62 3.51 -11.72
C ASN C 279 4.55 2.82 -10.87
N ASP C 280 3.37 3.43 -10.77
CA ASP C 280 2.32 2.92 -9.88
C ASP C 280 1.85 1.50 -10.24
N ALA C 281 1.59 1.24 -11.51
CA ALA C 281 1.16 -0.09 -11.94
C ALA C 281 2.20 -1.16 -11.59
N GLY C 282 3.48 -0.79 -11.72
CA GLY C 282 4.57 -1.70 -11.42
C GLY C 282 4.61 -2.04 -9.94
N MET C 283 4.53 -1.00 -9.11
CA MET C 283 4.54 -1.18 -7.66
C MET C 283 3.28 -1.86 -7.14
N GLU C 284 2.15 -1.62 -7.79
CA GLU C 284 0.92 -2.33 -7.43
C GLU C 284 0.96 -3.79 -7.89
N ALA C 285 1.67 -4.09 -8.97
CA ALA C 285 1.95 -5.50 -9.31
C ALA C 285 2.83 -6.17 -8.24
N VAL C 286 3.89 -5.48 -7.82
CA VAL C 286 4.72 -5.93 -6.69
C VAL C 286 3.88 -6.21 -5.43
N LYS C 287 3.01 -5.27 -5.06
CA LYS C 287 2.13 -5.46 -3.91
C LYS C 287 1.18 -6.64 -4.09
N LEU C 288 0.67 -6.81 -5.31
CA LEU C 288 -0.33 -7.84 -5.59
C LEU C 288 0.25 -9.23 -5.47
N LEU C 289 1.47 -9.43 -5.98
CA LEU C 289 2.11 -10.74 -5.89
C LEU C 289 2.67 -11.07 -4.53
N ALA C 290 3.07 -10.03 -3.78
CA ALA C 290 3.50 -10.24 -2.41
C ALA C 290 2.31 -10.67 -1.56
N SER C 291 1.18 -9.99 -1.69
CA SER C 291 0.06 -10.23 -0.78
C SER C 291 -0.81 -11.44 -1.15
N LEU C 292 -0.79 -11.80 -2.44
CA LEU C 292 -1.54 -12.97 -2.90
C LEU C 292 -0.71 -14.24 -2.89
N GLU C 293 0.57 -14.13 -3.23
CA GLU C 293 1.38 -15.32 -3.46
C GLU C 293 2.63 -15.42 -2.58
N GLY C 294 2.89 -14.39 -1.77
CA GLY C 294 4.13 -14.32 -1.01
C GLY C 294 5.39 -14.27 -1.87
N VAL C 295 5.23 -13.79 -3.11
CA VAL C 295 6.34 -13.74 -4.08
C VAL C 295 6.80 -12.30 -4.19
N LEU C 296 8.12 -12.09 -4.29
CA LEU C 296 8.69 -10.76 -4.37
C LEU C 296 9.16 -10.41 -5.77
N LEU C 297 8.51 -9.41 -6.35
CA LEU C 297 8.89 -8.83 -7.62
C LEU C 297 9.78 -7.63 -7.34
N ASP C 298 10.10 -6.87 -8.38
CA ASP C 298 10.98 -5.72 -8.20
C ASP C 298 10.45 -4.48 -8.93
N PRO C 299 10.92 -3.28 -8.53
CA PRO C 299 10.41 -2.02 -9.07
C PRO C 299 10.82 -1.73 -10.52
N VAL C 300 11.91 -2.35 -10.97
CA VAL C 300 12.53 -1.97 -12.24
C VAL C 300 12.11 -2.85 -13.40
N TYR C 301 12.07 -4.16 -13.16
CA TYR C 301 11.86 -5.13 -14.21
C TYR C 301 10.55 -5.89 -14.07
N THR C 302 10.54 -6.87 -13.16
CA THR C 302 9.43 -7.83 -13.01
C THR C 302 8.08 -7.19 -12.65
N GLY C 303 8.09 -6.18 -11.79
CA GLY C 303 6.88 -5.40 -11.47
C GLY C 303 6.24 -4.81 -12.71
N LYS C 304 7.04 -4.15 -13.54
CA LYS C 304 6.57 -3.58 -14.81
C LYS C 304 6.10 -4.68 -15.77
N ALA C 305 6.89 -5.75 -15.89
CA ALA C 305 6.50 -6.91 -16.70
C ALA C 305 5.17 -7.52 -16.23
N MET C 306 4.98 -7.63 -14.91
CA MET C 306 3.72 -8.18 -14.37
C MET C 306 2.53 -7.25 -14.60
N ALA C 307 2.75 -5.94 -14.47
CA ALA C 307 1.73 -4.96 -14.77
C ALA C 307 1.27 -5.12 -16.24
N GLY C 308 2.25 -5.32 -17.12
CA GLY C 308 1.99 -5.63 -18.53
C GLY C 308 1.14 -6.88 -18.72
N LEU C 309 1.44 -7.94 -17.95
CA LEU C 309 0.69 -9.20 -18.01
C LEU C 309 -0.77 -8.97 -17.63
N ILE C 310 -0.97 -8.23 -16.55
CA ILE C 310 -2.28 -7.95 -16.01
C ILE C 310 -3.09 -7.10 -16.98
N ASP C 311 -2.47 -6.04 -17.50
CA ASP C 311 -3.12 -5.20 -18.49
C ASP C 311 -3.38 -5.99 -19.77
N GLY C 312 -2.51 -6.98 -20.03
CA GLY C 312 -2.68 -7.88 -21.15
C GLY C 312 -4.03 -8.59 -21.08
N ILE C 313 -4.40 -9.02 -19.88
CA ILE C 313 -5.68 -9.68 -19.64
C ILE C 313 -6.81 -8.66 -19.72
N SER C 314 -6.66 -7.57 -18.98
CA SER C 314 -7.65 -6.51 -18.92
C SER C 314 -8.05 -5.97 -20.30
N GLN C 315 -7.07 -5.78 -21.18
CA GLN C 315 -7.31 -5.22 -22.51
C GLN C 315 -7.33 -6.26 -23.63
N LYS C 316 -7.25 -7.54 -23.24
CA LYS C 316 -7.31 -8.67 -24.16
C LYS C 316 -6.25 -8.54 -25.26
N ARG C 317 -5.00 -8.42 -24.84
CA ARG C 317 -3.89 -8.27 -25.76
C ARG C 317 -3.27 -9.62 -26.14
N PHE C 318 -3.68 -10.68 -25.45
CA PHE C 318 -3.11 -12.01 -25.69
C PHE C 318 -3.82 -12.72 -26.85
N ASN C 319 -3.15 -13.74 -27.41
CA ASN C 319 -3.71 -14.52 -28.52
C ASN C 319 -5.07 -15.15 -28.21
N ASP C 320 -5.17 -15.77 -27.03
CA ASP C 320 -6.43 -16.32 -26.52
C ASP C 320 -6.51 -16.22 -24.99
N ASP C 321 -7.51 -16.87 -24.40
CA ASP C 321 -7.73 -16.83 -22.94
C ASP C 321 -7.01 -17.95 -22.18
N GLY C 322 -6.01 -18.57 -22.81
CA GLY C 322 -5.34 -19.73 -22.24
C GLY C 322 -4.25 -19.39 -21.23
N PRO C 323 -3.62 -20.43 -20.63
CA PRO C 323 -2.68 -20.25 -19.51
C PRO C 323 -1.48 -19.39 -19.84
N ILE C 324 -1.09 -18.54 -18.90
CA ILE C 324 0.07 -17.67 -19.08
C ILE C 324 1.17 -18.07 -18.10
N LEU C 325 2.39 -18.11 -18.61
CA LEU C 325 3.58 -18.36 -17.79
C LEU C 325 4.36 -17.07 -17.64
N PHE C 326 4.50 -16.59 -16.40
CA PHE C 326 5.30 -15.39 -16.15
C PHE C 326 6.74 -15.80 -15.82
N ILE C 327 7.70 -15.18 -16.51
CA ILE C 327 9.10 -15.48 -16.23
C ILE C 327 9.62 -14.53 -15.17
N HIS C 328 9.78 -15.05 -13.95
CA HIS C 328 10.38 -14.27 -12.88
C HIS C 328 11.85 -14.20 -13.06
N THR C 329 12.34 -13.07 -13.56
CA THR C 329 13.76 -12.89 -13.79
C THR C 329 14.51 -12.40 -12.53
N GLY C 330 13.78 -12.15 -11.45
CA GLY C 330 14.39 -11.81 -10.14
C GLY C 330 14.25 -10.35 -9.75
N GLY C 331 15.36 -9.79 -9.28
CA GLY C 331 15.50 -8.34 -9.07
C GLY C 331 15.15 -7.80 -7.70
N ALA C 332 14.59 -8.65 -6.83
CA ALA C 332 14.11 -8.21 -5.50
C ALA C 332 15.07 -7.36 -4.65
N PRO C 333 16.40 -7.59 -4.73
CA PRO C 333 17.21 -6.74 -3.82
C PRO C 333 17.09 -5.24 -4.09
N ALA C 334 16.66 -4.87 -5.30
CA ALA C 334 16.46 -3.45 -5.63
C ALA C 334 15.31 -2.80 -4.85
N LEU C 335 14.38 -3.61 -4.34
CA LEU C 335 13.31 -3.11 -3.47
C LEU C 335 13.87 -2.25 -2.32
N PHE C 336 14.98 -2.70 -1.77
CA PHE C 336 15.56 -2.07 -0.61
C PHE C 336 16.29 -0.77 -0.97
N ALA C 337 16.76 -0.70 -2.22
CA ALA C 337 17.38 0.50 -2.76
C ALA C 337 16.35 1.57 -3.13
N TYR C 338 15.20 1.15 -3.65
CA TYR C 338 14.17 2.10 -4.10
C TYR C 338 13.28 2.64 -2.99
N HIS C 339 13.26 1.94 -1.85
CA HIS C 339 12.60 2.42 -0.66
C HIS C 339 13.40 3.51 0.03
N PRO C 340 12.74 4.59 0.50
CA PRO C 340 11.32 4.85 0.36
C PRO C 340 10.95 5.53 -0.97
N HIS C 341 11.89 6.23 -1.58
CA HIS C 341 11.65 6.88 -2.87
C HIS C 341 12.92 7.15 -3.62
N VAL C 342 12.74 7.41 -4.91
CA VAL C 342 13.75 7.90 -5.84
C VAL C 342 15.05 7.10 -5.79
N MET D 15 16.04 -43.65 10.17
CA MET D 15 15.47 -44.96 10.62
C MET D 15 15.06 -44.94 12.10
N PRO D 16 15.96 -44.50 13.01
CA PRO D 16 15.50 -44.34 14.39
C PRO D 16 14.65 -43.07 14.58
N LEU D 17 14.50 -42.29 13.51
CA LEU D 17 13.77 -41.02 13.53
C LEU D 17 12.38 -41.10 12.90
N HIS D 18 11.86 -42.32 12.77
CA HIS D 18 10.64 -42.59 12.00
C HIS D 18 9.36 -41.96 12.50
N HIS D 19 9.30 -41.63 13.79
CA HIS D 19 8.09 -41.00 14.37
C HIS D 19 7.86 -39.60 13.86
N LEU D 20 8.87 -39.07 13.16
CA LEU D 20 8.79 -37.78 12.49
C LEU D 20 7.69 -37.76 11.42
N THR D 21 7.43 -38.93 10.84
CA THR D 21 6.38 -39.13 9.84
C THR D 21 4.95 -39.00 10.40
N ARG D 22 4.81 -39.05 11.72
CA ARG D 22 3.49 -38.86 12.34
C ARG D 22 2.98 -37.43 12.20
N PHE D 23 3.90 -36.45 12.19
CA PHE D 23 3.55 -35.04 12.14
C PHE D 23 3.26 -34.58 10.71
N PRO D 24 2.05 -34.07 10.46
CA PRO D 24 1.81 -33.52 9.13
C PRO D 24 2.67 -32.28 8.90
N ARG D 25 3.15 -32.11 7.68
CA ARG D 25 3.87 -30.89 7.33
C ARG D 25 3.54 -30.43 5.92
N LEU D 26 3.53 -29.11 5.74
CA LEU D 26 3.38 -28.52 4.42
C LEU D 26 4.72 -28.58 3.67
N GLU D 27 4.66 -28.49 2.34
CA GLU D 27 5.86 -28.56 1.51
C GLU D 27 6.21 -27.17 0.97
N PHE D 28 7.08 -26.46 1.69
CA PHE D 28 7.51 -25.12 1.29
C PHE D 28 8.87 -25.17 0.62
N ILE D 29 9.63 -26.21 0.93
CA ILE D 29 10.99 -26.35 0.44
C ILE D 29 11.07 -27.31 -0.75
N GLY D 30 10.62 -28.55 -0.53
CA GLY D 30 10.71 -29.60 -1.55
C GLY D 30 12.01 -30.37 -1.43
N ALA D 31 12.88 -30.21 -2.43
CA ALA D 31 14.17 -30.87 -2.44
C ALA D 31 15.04 -30.49 -1.23
N PRO D 32 15.95 -31.40 -0.83
CA PRO D 32 16.99 -31.04 0.13
C PRO D 32 17.77 -29.81 -0.34
N THR D 33 18.10 -28.92 0.59
CA THR D 33 18.88 -27.71 0.26
C THR D 33 20.36 -28.09 0.10
N PRO D 34 21.11 -27.32 -0.72
CA PRO D 34 22.49 -27.70 -1.00
C PRO D 34 23.41 -27.80 0.24
N LEU D 35 24.36 -28.73 0.18
CA LEU D 35 25.44 -28.79 1.14
C LEU D 35 26.74 -28.71 0.33
N GLU D 36 27.38 -27.55 0.38
CA GLU D 36 28.50 -27.22 -0.52
C GLU D 36 29.83 -27.14 0.22
N TYR D 37 30.91 -27.50 -0.47
CA TYR D 37 32.26 -27.21 0.01
C TYR D 37 32.61 -25.75 -0.23
N LEU D 38 33.34 -25.13 0.69
CA LEU D 38 33.82 -23.75 0.52
C LEU D 38 35.33 -23.71 0.32
N PRO D 39 35.80 -23.92 -0.92
CA PRO D 39 37.24 -24.11 -1.15
C PRO D 39 38.11 -22.87 -0.88
N ARG D 40 37.61 -21.69 -1.19
CA ARG D 40 38.38 -20.46 -0.96
C ARG D 40 38.47 -20.13 0.52
N LEU D 41 37.34 -20.21 1.22
CA LEU D 41 37.30 -20.05 2.67
C LEU D 41 38.16 -21.10 3.39
N SER D 42 38.06 -22.35 2.95
CA SER D 42 38.81 -23.46 3.56
C SER D 42 40.31 -23.26 3.41
N ASP D 43 40.72 -22.81 2.22
CA ASP D 43 42.11 -22.50 1.91
C ASP D 43 42.62 -21.37 2.79
N TYR D 44 41.79 -20.34 3.01
CA TYR D 44 42.17 -19.23 3.87
C TYR D 44 42.26 -19.63 5.34
N LEU D 45 41.25 -20.35 5.83
CA LEU D 45 41.21 -20.76 7.24
C LEU D 45 42.15 -21.92 7.59
N GLY D 46 42.60 -22.67 6.59
CA GLY D 46 43.54 -23.79 6.77
C GLY D 46 42.83 -25.07 7.20
N ARG D 47 41.55 -25.14 6.85
CA ARG D 47 40.68 -26.18 7.37
C ARG D 47 39.47 -26.35 6.48
N GLU D 48 39.02 -27.59 6.32
CA GLU D 48 37.87 -27.88 5.48
C GLU D 48 36.58 -27.34 6.09
N ILE D 49 35.92 -26.48 5.34
CA ILE D 49 34.66 -25.90 5.76
C ILE D 49 33.61 -26.24 4.70
N TYR D 50 32.49 -26.79 5.17
CA TYR D 50 31.35 -27.06 4.34
C TYR D 50 30.24 -26.16 4.84
N ILE D 51 29.23 -25.96 3.99
CA ILE D 51 28.11 -25.11 4.36
C ILE D 51 26.77 -25.74 3.95
N LYS D 52 25.82 -25.73 4.88
CA LYS D 52 24.46 -26.16 4.61
C LYS D 52 23.61 -24.94 4.32
N ARG D 53 23.08 -24.89 3.09
CA ARG D 53 22.50 -23.67 2.53
C ARG D 53 20.99 -23.59 2.80
N ASP D 54 20.61 -23.50 4.08
CA ASP D 54 19.20 -23.34 4.42
C ASP D 54 18.73 -21.91 4.19
N ASP D 55 19.66 -21.04 3.79
CA ASP D 55 19.36 -19.70 3.30
C ASP D 55 18.77 -19.71 1.88
N VAL D 56 18.84 -20.88 1.22
CA VAL D 56 18.42 -21.02 -0.18
C VAL D 56 17.11 -21.82 -0.23
N THR D 57 16.03 -21.18 0.19
CA THR D 57 14.70 -21.76 0.12
C THR D 57 13.83 -20.89 -0.81
N PRO D 58 12.73 -21.46 -1.35
CA PRO D 58 12.03 -20.71 -2.41
C PRO D 58 11.07 -19.63 -1.93
N ILE D 59 10.92 -19.45 -0.62
CA ILE D 59 9.90 -18.55 -0.09
C ILE D 59 10.46 -17.25 0.50
N ALA D 60 10.03 -16.14 -0.11
CA ALA D 60 10.42 -14.78 0.30
C ALA D 60 11.81 -14.66 0.94
N MET D 61 12.84 -14.89 0.13
CA MET D 61 14.26 -14.74 0.51
C MET D 61 14.84 -15.76 1.52
N GLY D 62 14.07 -16.79 1.86
CA GLY D 62 14.64 -18.00 2.49
C GLY D 62 14.90 -17.92 3.97
N GLY D 63 15.41 -19.02 4.52
CA GLY D 63 15.77 -19.06 5.94
C GLY D 63 15.37 -20.29 6.71
N ASN D 64 16.01 -20.46 7.88
CA ASN D 64 15.75 -21.60 8.75
C ASN D 64 14.32 -21.66 9.29
N1 LLP D 65 19.92 -17.43 11.95
C2 LLP D 65 18.88 -16.80 11.36
C2' LLP D 65 19.10 -16.12 10.04
C3 LLP D 65 17.63 -16.78 11.97
O3 LLP D 65 16.59 -16.12 11.35
C4 LLP D 65 17.44 -17.41 13.19
C4' LLP D 65 16.09 -17.40 13.82
C5 LLP D 65 18.54 -18.04 13.78
C6 LLP D 65 19.78 -18.04 13.14
C5' LLP D 65 18.44 -18.76 15.12
OP4 LLP D 65 17.60 -19.91 15.05
P LLP D 65 16.75 -20.30 16.36
OP1 LLP D 65 16.11 -21.59 15.94
OP2 LLP D 65 15.83 -19.13 16.57
OP3 LLP D 65 17.78 -20.45 17.45
N LLP D 65 13.74 -20.49 9.52
CA LLP D 65 12.38 -20.37 10.05
CB LLP D 65 11.98 -18.90 10.21
CG LLP D 65 12.97 -18.11 11.07
CD LLP D 65 13.24 -18.78 12.41
CE LLP D 65 13.75 -17.81 13.48
NZ LLP D 65 15.08 -17.38 13.06
C LLP D 65 11.39 -21.11 9.19
O LLP D 65 10.45 -21.73 9.70
N LEU D 66 11.59 -21.08 7.88
CA LEU D 66 10.74 -21.79 6.93
C LEU D 66 10.59 -23.29 7.26
N ARG D 67 11.68 -23.92 7.68
CA ARG D 67 11.65 -25.34 8.06
C ARG D 67 10.72 -25.58 9.25
N LYS D 68 10.76 -24.67 10.22
CA LYS D 68 9.87 -24.76 11.38
C LYS D 68 8.41 -24.55 10.95
N LEU D 69 8.19 -23.56 10.08
CA LEU D 69 6.85 -23.18 9.64
C LEU D 69 6.14 -24.30 8.89
N GLU D 70 6.89 -25.16 8.22
CA GLU D 70 6.31 -26.34 7.55
C GLU D 70 5.50 -27.18 8.52
N PHE D 71 6.02 -27.37 9.74
CA PHE D 71 5.31 -28.11 10.76
C PHE D 71 4.27 -27.25 11.48
N LEU D 72 4.63 -25.99 11.79
CA LEU D 72 3.75 -25.09 12.53
C LEU D 72 2.46 -24.70 11.79
N VAL D 73 2.57 -24.45 10.49
CA VAL D 73 1.42 -23.98 9.69
C VAL D 73 0.49 -25.13 9.29
N ALA D 74 1.07 -26.32 9.05
CA ALA D 74 0.27 -27.54 8.87
C ALA D 74 -0.63 -27.73 10.07
N ASP D 75 -0.05 -27.58 11.26
CA ASP D 75 -0.79 -27.68 12.50
C ASP D 75 -1.89 -26.61 12.58
N ALA D 76 -1.58 -25.38 12.18
CA ALA D 76 -2.58 -24.31 12.15
C ALA D 76 -3.77 -24.68 11.26
N LEU D 77 -3.50 -25.19 10.06
CA LEU D 77 -4.57 -25.62 9.13
C LEU D 77 -5.41 -26.76 9.71
N ARG D 78 -4.73 -27.74 10.30
CA ARG D 78 -5.36 -28.87 10.98
C ARG D 78 -6.32 -28.41 12.08
N GLU D 79 -6.01 -27.27 12.70
CA GLU D 79 -6.84 -26.70 13.75
C GLU D 79 -7.94 -25.79 13.19
N GLY D 80 -7.91 -25.52 11.89
CA GLY D 80 -8.91 -24.64 11.25
C GLY D 80 -8.65 -23.16 11.46
N ALA D 81 -7.39 -22.80 11.69
CA ALA D 81 -7.01 -21.42 11.90
C ALA D 81 -6.95 -20.68 10.57
N ASP D 82 -7.39 -19.43 10.57
CA ASP D 82 -7.33 -18.61 9.37
C ASP D 82 -6.33 -17.46 9.53
N THR D 83 -5.68 -17.41 10.69
CA THR D 83 -4.80 -16.30 11.04
C THR D 83 -3.58 -16.78 11.84
N LEU D 84 -2.40 -16.43 11.37
CA LEU D 84 -1.15 -16.67 12.11
C LEU D 84 -0.78 -15.43 12.89
N ILE D 85 -0.51 -15.59 14.18
CA ILE D 85 -0.02 -14.50 15.03
C ILE D 85 1.32 -14.92 15.61
N THR D 86 2.31 -14.05 15.46
CA THR D 86 3.61 -14.29 16.04
C THR D 86 4.28 -12.97 16.46
N ALA D 87 5.45 -13.08 17.07
CA ALA D 87 6.14 -11.91 17.61
C ALA D 87 7.61 -11.94 17.20
N GLY D 88 8.28 -10.79 17.28
CA GLY D 88 9.69 -10.69 16.94
C GLY D 88 10.21 -9.26 16.95
N ALA D 89 11.49 -9.08 16.65
CA ALA D 89 12.04 -7.76 16.42
C ALA D 89 11.47 -7.17 15.13
N ILE D 90 11.62 -5.86 14.96
CA ILE D 90 11.21 -5.17 13.72
C ILE D 90 11.85 -5.84 12.49
N GLN D 91 13.06 -6.36 12.66
CA GLN D 91 13.81 -6.96 11.57
C GLN D 91 13.84 -8.50 11.64
N SER D 92 12.80 -9.06 12.26
CA SER D 92 12.69 -10.49 12.47
C SER D 92 12.57 -11.24 11.13
N ASN D 93 13.43 -12.24 10.96
CA ASN D 93 13.34 -13.13 9.81
C ASN D 93 12.13 -14.03 9.90
N HIS D 94 11.84 -14.49 11.12
CA HIS D 94 10.71 -15.35 11.39
C HIS D 94 9.41 -14.69 11.04
N VAL D 95 9.23 -13.45 11.49
CA VAL D 95 8.01 -12.70 11.20
C VAL D 95 7.88 -12.50 9.69
N ARG D 96 8.99 -12.17 9.03
CA ARG D 96 8.99 -12.03 7.57
C ARG D 96 8.57 -13.31 6.83
N GLN D 97 9.07 -14.46 7.27
CA GLN D 97 8.75 -15.75 6.64
C GLN D 97 7.33 -16.22 6.97
N THR D 98 6.88 -15.97 8.19
CA THR D 98 5.50 -16.21 8.61
C THR D 98 4.51 -15.44 7.74
N ALA D 99 4.80 -14.16 7.52
CA ALA D 99 3.91 -13.31 6.72
C ALA D 99 3.88 -13.71 5.23
N ALA D 100 5.01 -14.19 4.72
CA ALA D 100 5.07 -14.69 3.34
C ALA D 100 4.24 -15.96 3.16
N VAL D 101 4.38 -16.89 4.10
CA VAL D 101 3.61 -18.14 4.09
C VAL D 101 2.11 -17.84 4.26
N ALA D 102 1.81 -16.96 5.20
CA ALA D 102 0.44 -16.51 5.43
C ALA D 102 -0.17 -16.05 4.12
N ALA D 103 0.53 -15.15 3.42
CA ALA D 103 0.02 -14.56 2.19
C ALA D 103 -0.18 -15.62 1.09
N LYS D 104 0.75 -16.56 1.00
CA LYS D 104 0.67 -17.63 0.01
CA LYS D 104 0.68 -17.65 0.02
C LYS D 104 -0.58 -18.49 0.22
N LEU D 105 -0.95 -18.70 1.48
CA LEU D 105 -2.07 -19.59 1.83
C LEU D 105 -3.43 -18.94 2.10
N GLY D 106 -3.53 -17.62 1.91
CA GLY D 106 -4.78 -16.92 2.15
C GLY D 106 -5.10 -16.72 3.63
N LEU D 107 -4.11 -16.96 4.48
CA LEU D 107 -4.27 -16.74 5.93
C LEU D 107 -3.94 -15.30 6.30
N HIS D 108 -4.62 -14.77 7.31
CA HIS D 108 -4.22 -13.48 7.86
C HIS D 108 -2.98 -13.61 8.70
N CYS D 109 -2.24 -12.51 8.86
CA CYS D 109 -1.03 -12.51 9.70
C CYS D 109 -0.98 -11.27 10.60
N VAL D 110 -0.73 -11.50 11.89
CA VAL D 110 -0.62 -10.43 12.87
C VAL D 110 0.74 -10.55 13.55
N ALA D 111 1.51 -9.48 13.49
CA ALA D 111 2.89 -9.46 14.00
C ALA D 111 3.02 -8.50 15.17
N LEU D 112 3.41 -9.03 16.33
CA LEU D 112 3.76 -8.19 17.47
C LEU D 112 5.26 -7.87 17.40
N LEU D 113 5.60 -6.58 17.29
CA LEU D 113 7.00 -6.18 17.05
C LEU D 113 7.60 -5.29 18.13
N GLU D 114 8.89 -5.49 18.39
CA GLU D 114 9.65 -4.64 19.27
C GLU D 114 10.88 -4.09 18.56
N ASN D 115 11.36 -2.95 19.06
CA ASN D 115 12.66 -2.41 18.70
C ASN D 115 13.63 -2.84 19.80
N PRO D 116 14.47 -3.85 19.52
CA PRO D 116 15.26 -4.49 20.58
C PRO D 116 16.59 -3.81 20.83
N ILE D 117 16.91 -2.78 20.06
CA ILE D 117 18.24 -2.16 20.13
C ILE D 117 18.17 -0.65 20.38
N GLY D 118 16.95 -0.12 20.55
CA GLY D 118 16.72 1.29 20.84
C GLY D 118 17.13 2.26 19.74
N THR D 119 17.13 1.78 18.50
CA THR D 119 17.61 2.59 17.36
C THR D 119 16.52 3.47 16.75
N THR D 120 16.94 4.63 16.25
CA THR D 120 16.07 5.55 15.52
C THR D 120 16.48 5.61 14.03
N ALA D 121 17.45 4.79 13.64
CA ALA D 121 17.90 4.71 12.24
C ALA D 121 16.77 4.30 11.29
N GLU D 122 16.59 5.08 10.23
CA GLU D 122 15.52 4.88 9.23
C GLU D 122 15.47 3.50 8.56
N ASN D 123 16.61 3.04 8.07
CA ASN D 123 16.66 1.72 7.42
C ASN D 123 16.29 0.57 8.37
N TYR D 124 16.66 0.68 9.65
CA TYR D 124 16.24 -0.33 10.61
C TYR D 124 14.73 -0.29 10.84
N LEU D 125 14.17 0.91 10.92
CA LEU D 125 12.74 1.06 11.22
C LEU D 125 11.78 0.74 10.06
N THR D 126 12.25 0.86 8.81
CA THR D 126 11.33 0.82 7.67
C THR D 126 11.77 -0.02 6.46
N ASN D 127 13.04 -0.44 6.41
CA ASN D 127 13.60 -1.18 5.27
C ASN D 127 13.79 -2.66 5.60
N GLY D 128 14.47 -3.40 4.72
CA GLY D 128 14.78 -4.81 4.96
C GLY D 128 13.55 -5.66 5.22
N ASN D 129 13.63 -6.53 6.21
CA ASN D 129 12.49 -7.37 6.62
C ASN D 129 11.21 -6.57 6.90
N ARG D 130 11.34 -5.44 7.59
CA ARG D 130 10.19 -4.60 7.94
C ARG D 130 9.43 -4.08 6.70
N LEU D 131 10.19 -3.75 5.66
CA LEU D 131 9.59 -3.37 4.39
C LEU D 131 8.79 -4.54 3.82
N LEU D 132 9.37 -5.74 3.88
CA LEU D 132 8.73 -6.90 3.29
C LEU D 132 7.37 -7.19 3.92
N LEU D 133 7.25 -6.93 5.23
CA LEU D 133 6.00 -7.14 5.97
C LEU D 133 4.84 -6.34 5.39
N ASP D 134 5.10 -5.13 4.93
CA ASP D 134 4.04 -4.29 4.38
C ASP D 134 3.60 -4.80 3.01
N LEU D 135 4.53 -5.34 2.23
CA LEU D 135 4.18 -5.96 0.96
C LEU D 135 3.28 -7.19 1.17
N PHE D 136 3.46 -7.88 2.30
CA PHE D 136 2.61 -9.04 2.60
C PHE D 136 1.34 -8.70 3.37
N ASN D 137 0.99 -7.42 3.46
CA ASN D 137 -0.19 -6.99 4.23
C ASN D 137 -0.22 -7.50 5.67
N THR D 138 0.93 -7.50 6.34
CA THR D 138 0.99 -7.91 7.74
C THR D 138 0.32 -6.86 8.63
N GLN D 139 -0.55 -7.29 9.53
CA GLN D 139 -1.06 -6.39 10.55
C GLN D 139 -0.01 -6.21 11.66
N ILE D 140 0.42 -4.97 11.86
CA ILE D 140 1.50 -4.66 12.80
C ILE D 140 0.99 -4.20 14.15
N GLU D 141 1.38 -4.91 15.19
CA GLU D 141 1.16 -4.46 16.56
C GLU D 141 2.52 -4.15 17.19
N MET D 142 2.75 -2.88 17.49
CA MET D 142 3.98 -2.48 18.15
C MET D 142 3.83 -2.65 19.66
N CYS D 143 4.91 -3.10 20.31
CA CYS D 143 4.99 -3.05 21.76
C CYS D 143 6.35 -2.48 22.18
N ASP D 144 6.39 -1.95 23.41
CA ASP D 144 7.63 -1.39 23.97
C ASP D 144 8.73 -2.44 24.12
N ALA D 145 8.37 -3.66 24.51
CA ALA D 145 9.34 -4.74 24.67
C ALA D 145 8.66 -6.10 24.79
N LEU D 146 9.29 -7.12 24.22
CA LEU D 146 8.86 -8.49 24.41
C LEU D 146 9.39 -9.04 25.75
N THR D 147 8.82 -8.54 26.83
CA THR D 147 9.18 -8.96 28.18
C THR D 147 8.56 -10.32 28.53
N ASP D 148 7.28 -10.50 28.18
CA ASP D 148 6.62 -11.79 28.36
C ASP D 148 5.87 -12.18 27.06
N PRO D 149 6.62 -12.70 26.06
CA PRO D 149 6.03 -12.89 24.72
C PRO D 149 4.84 -13.84 24.67
N ASP D 150 4.86 -14.92 25.45
CA ASP D 150 3.72 -15.85 25.52
C ASP D 150 2.45 -15.19 26.04
N ALA D 151 2.57 -14.37 27.09
CA ALA D 151 1.42 -13.67 27.63
C ALA D 151 0.97 -12.57 26.69
N GLN D 152 1.95 -11.86 26.12
CA GLN D 152 1.66 -10.74 25.22
C GLN D 152 0.98 -11.21 23.93
N LEU D 153 1.40 -12.37 23.42
CA LEU D 153 0.77 -12.99 22.25
C LEU D 153 -0.65 -13.47 22.58
N GLN D 154 -0.83 -13.97 23.81
CA GLN D 154 -2.15 -14.41 24.29
C GLN D 154 -3.14 -13.25 24.24
N THR D 155 -2.77 -12.13 24.86
CA THR D 155 -3.59 -10.92 24.88
C THR D 155 -3.93 -10.46 23.46
N LEU D 156 -2.93 -10.46 22.57
CA LEU D 156 -3.13 -10.07 21.19
C LEU D 156 -4.12 -10.99 20.47
N ALA D 157 -4.00 -12.30 20.70
CA ALA D 157 -4.93 -13.30 20.15
C ALA D 157 -6.37 -13.08 20.60
N THR D 158 -6.57 -12.75 21.87
CA THR D 158 -7.89 -12.46 22.42
C THR D 158 -8.59 -11.34 21.64
N ARG D 159 -7.88 -10.25 21.38
CA ARG D 159 -8.44 -9.12 20.64
C ARG D 159 -8.70 -9.51 19.18
N ILE D 160 -7.80 -10.30 18.62
CA ILE D 160 -7.96 -10.80 17.26
C ILE D 160 -9.18 -11.71 17.15
N GLU D 161 -9.38 -12.59 18.13
CA GLU D 161 -10.52 -13.50 18.08
C GLU D 161 -11.87 -12.76 18.26
N ALA D 162 -11.86 -11.65 19.00
CA ALA D 162 -13.06 -10.83 19.21
C ALA D 162 -13.53 -10.20 17.89
N GLN D 163 -12.60 -10.05 16.96
CA GLN D 163 -12.91 -9.55 15.63
C GLN D 163 -13.42 -10.65 14.73
N GLY D 164 -13.41 -11.88 15.24
CA GLY D 164 -13.92 -13.03 14.49
C GLY D 164 -12.89 -13.87 13.74
N PHE D 165 -11.62 -13.46 13.76
CA PHE D 165 -10.57 -14.32 13.22
C PHE D 165 -10.44 -15.58 14.06
N ARG D 166 -9.87 -16.62 13.50
CA ARG D 166 -9.52 -17.83 14.25
C ARG D 166 -8.00 -17.96 14.35
N PRO D 167 -7.40 -17.39 15.41
CA PRO D 167 -5.94 -17.30 15.41
C PRO D 167 -5.20 -18.57 15.83
N TYR D 168 -3.99 -18.73 15.28
CA TYR D 168 -3.01 -19.69 15.76
C TYR D 168 -1.75 -18.93 16.13
N VAL D 169 -1.30 -19.11 17.37
CA VAL D 169 -0.14 -18.40 17.90
C VAL D 169 1.17 -19.16 17.67
N ILE D 170 2.09 -18.57 16.93
CA ILE D 170 3.43 -19.16 16.81
C ILE D 170 4.37 -18.43 17.78
N PRO D 171 5.09 -19.18 18.63
CA PRO D 171 6.04 -18.54 19.56
C PRO D 171 7.21 -17.85 18.84
N VAL D 172 7.86 -16.92 19.54
CA VAL D 172 9.05 -16.21 19.03
C VAL D 172 10.01 -17.19 18.35
N GLY D 173 10.42 -16.86 17.13
CA GLY D 173 11.39 -17.67 16.39
C GLY D 173 10.85 -18.96 15.82
N GLY D 174 9.57 -19.26 16.08
CA GLY D 174 8.98 -20.53 15.72
C GLY D 174 9.51 -21.67 16.56
N SER D 175 10.08 -21.37 17.72
CA SER D 175 10.78 -22.38 18.51
C SER D 175 9.90 -23.07 19.56
N SER D 176 9.19 -24.10 19.12
CA SER D 176 8.53 -25.05 20.01
C SER D 176 9.03 -26.39 19.55
N ALA D 177 8.68 -27.44 20.28
CA ALA D 177 9.13 -28.78 19.95
C ALA D 177 8.67 -29.15 18.54
N LEU D 178 7.43 -28.79 18.23
CA LEU D 178 6.84 -29.05 16.93
C LEU D 178 7.60 -28.31 15.82
N GLY D 179 7.91 -27.04 16.04
CA GLY D 179 8.67 -26.25 15.07
C GLY D 179 10.06 -26.81 14.85
N ALA D 180 10.67 -27.27 15.94
CA ALA D 180 12.03 -27.83 15.93
C ALA D 180 12.15 -29.11 15.11
N MET D 181 11.01 -29.77 14.84
CA MET D 181 10.98 -30.94 13.95
C MET D 181 11.57 -30.63 12.57
N GLY D 182 11.52 -29.36 12.18
CA GLY D 182 12.15 -28.89 10.96
C GLY D 182 13.64 -29.19 10.94
N TYR D 183 14.28 -29.03 12.09
CA TYR D 183 15.71 -29.28 12.19
C TYR D 183 16.15 -30.69 12.52
N VAL D 184 15.23 -31.50 13.06
CA VAL D 184 15.44 -32.94 13.09
C VAL D 184 15.46 -33.41 11.65
N GLU D 185 14.53 -32.90 10.84
CA GLU D 185 14.45 -33.24 9.42
C GLU D 185 15.66 -32.73 8.65
N SER D 186 16.09 -31.50 8.93
CA SER D 186 17.33 -30.95 8.36
C SER D 186 18.55 -31.84 8.69
N ALA D 187 18.65 -32.26 9.95
CA ALA D 187 19.70 -33.19 10.37
C ALA D 187 19.74 -34.45 9.51
N LEU D 188 18.56 -34.96 9.15
CA LEU D 188 18.46 -36.14 8.30
C LEU D 188 19.01 -35.90 6.88
N GLU D 189 18.81 -34.69 6.35
CA GLU D 189 19.37 -34.30 5.05
C GLU D 189 20.90 -34.27 5.13
N ILE D 190 21.39 -33.66 6.21
CA ILE D 190 22.82 -33.50 6.44
C ILE D 190 23.52 -34.86 6.51
N ALA D 191 22.98 -35.77 7.32
CA ALA D 191 23.54 -37.13 7.43
C ALA D 191 23.65 -37.80 6.07
N GLN D 192 22.59 -37.70 5.27
CA GLN D 192 22.56 -38.30 3.93
C GLN D 192 23.52 -37.61 2.98
N GLN D 193 23.59 -36.29 3.05
CA GLN D 193 24.50 -35.53 2.19
C GLN D 193 25.97 -35.72 2.57
N CYS D 194 26.24 -36.04 3.84
CA CYS D 194 27.62 -36.20 4.33
C CYS D 194 28.24 -37.57 4.10
N GLU D 195 27.48 -38.51 3.53
CA GLU D 195 28.04 -39.80 3.11
C GLU D 195 28.90 -39.60 1.86
N GLU D 196 29.88 -38.70 1.97
CA GLU D 196 30.70 -38.18 0.88
C GLU D 196 31.78 -37.27 1.45
N VAL D 197 31.56 -36.72 2.64
CA VAL D 197 32.55 -35.87 3.30
C VAL D 197 33.33 -36.68 4.33
N VAL D 198 34.64 -36.79 4.10
CA VAL D 198 35.48 -37.68 4.89
C VAL D 198 35.75 -37.13 6.29
N GLY D 199 35.11 -37.75 7.27
CA GLY D 199 35.30 -37.41 8.68
C GLY D 199 34.80 -36.04 9.11
N LEU D 200 33.53 -35.73 8.87
CA LEU D 200 32.92 -34.52 9.42
C LEU D 200 33.10 -34.51 10.94
N SER D 201 33.70 -33.44 11.45
CA SER D 201 34.06 -33.39 12.86
C SER D 201 33.16 -32.45 13.68
N SER D 202 32.75 -31.33 13.09
CA SER D 202 32.03 -30.30 13.83
C SER D 202 30.93 -29.65 13.02
N VAL D 203 29.88 -29.26 13.71
CA VAL D 203 28.81 -28.47 13.12
C VAL D 203 28.68 -27.18 13.94
N VAL D 204 28.57 -26.05 13.24
CA VAL D 204 28.31 -24.76 13.88
C VAL D 204 26.99 -24.17 13.39
N VAL D 205 26.20 -23.68 14.33
CA VAL D 205 24.97 -22.97 14.02
C VAL D 205 24.75 -21.84 15.03
N ALA D 206 24.08 -20.78 14.60
CA ALA D 206 23.67 -19.72 15.49
C ALA D 206 22.59 -20.24 16.45
N SER D 207 22.63 -19.80 17.70
CA SER D 207 21.70 -20.26 18.73
C SER D 207 20.95 -19.07 19.32
N GLY D 208 19.69 -18.89 18.89
CA GLY D 208 18.83 -17.80 19.33
C GLY D 208 17.65 -18.29 20.14
N SER D 209 16.49 -18.43 19.48
CA SER D 209 15.30 -18.94 20.16
C SER D 209 15.37 -20.46 20.40
N ALA D 210 16.40 -21.09 19.84
CA ALA D 210 16.88 -22.43 20.23
C ALA D 210 16.31 -23.63 19.49
N GLY D 211 15.20 -23.44 18.77
CA GLY D 211 14.60 -24.51 17.97
C GLY D 211 15.56 -25.17 16.98
N THR D 212 16.37 -24.36 16.31
CA THR D 212 17.30 -24.86 15.29
C THR D 212 18.39 -25.72 15.94
N HIS D 213 19.06 -25.14 16.93
CA HIS D 213 20.08 -25.85 17.68
C HIS D 213 19.55 -27.16 18.24
N ALA D 214 18.37 -27.11 18.85
CA ALA D 214 17.80 -28.26 19.54
C ALA D 214 17.36 -29.38 18.59
N GLY D 215 16.76 -28.99 17.47
CA GLY D 215 16.33 -29.94 16.44
C GLY D 215 17.54 -30.65 15.87
N LEU D 216 18.57 -29.88 15.55
CA LEU D 216 19.85 -30.44 15.10
C LEU D 216 20.46 -31.36 16.14
N ALA D 217 20.37 -30.97 17.41
CA ALA D 217 20.94 -31.78 18.50
C ALA D 217 20.34 -33.19 18.57
N VAL D 218 19.00 -33.29 18.57
CA VAL D 218 18.32 -34.59 18.62
C VAL D 218 18.65 -35.42 17.38
N GLY D 219 18.44 -34.83 16.20
CA GLY D 219 18.77 -35.48 14.92
C GLY D 219 20.20 -36.00 14.83
N LEU D 220 21.16 -35.13 15.16
CA LEU D 220 22.58 -35.49 15.07
C LEU D 220 23.03 -36.52 16.12
N GLU D 221 22.53 -36.39 17.36
CA GLU D 221 22.81 -37.41 18.38
C GLU D 221 22.49 -38.83 17.89
N HIS D 222 21.44 -38.95 17.09
CA HIS D 222 21.04 -40.27 16.60
C HIS D 222 21.62 -40.66 15.27
N LEU D 223 21.88 -39.69 14.40
CA LEU D 223 22.40 -40.00 13.07
C LEU D 223 23.91 -39.90 12.95
N MET D 224 24.51 -38.95 13.67
CA MET D 224 25.97 -38.74 13.58
C MET D 224 26.53 -38.50 14.98
N PRO D 225 26.47 -39.53 15.86
CA PRO D 225 26.73 -39.38 17.30
C PRO D 225 28.12 -38.82 17.66
N ASP D 226 29.10 -39.02 16.78
CA ASP D 226 30.48 -38.54 17.05
C ASP D 226 30.75 -37.10 16.61
N VAL D 227 29.82 -36.52 15.86
CA VAL D 227 29.96 -35.14 15.42
C VAL D 227 29.67 -34.19 16.59
N GLU D 228 30.53 -33.18 16.73
CA GLU D 228 30.40 -32.16 17.77
C GLU D 228 29.52 -31.01 17.25
N LEU D 229 28.41 -30.73 17.94
CA LEU D 229 27.53 -29.62 17.57
C LEU D 229 27.77 -28.42 18.47
N ILE D 230 28.13 -27.30 17.87
CA ILE D 230 28.36 -26.07 18.62
C ILE D 230 27.36 -24.97 18.23
N GLY D 231 26.60 -24.52 19.21
CA GLY D 231 25.72 -23.38 19.03
C GLY D 231 26.45 -22.11 19.40
N VAL D 232 26.44 -21.13 18.49
CA VAL D 232 27.01 -19.81 18.79
C VAL D 232 25.85 -18.90 19.19
N THR D 233 25.83 -18.51 20.46
CA THR D 233 24.72 -17.69 20.95
C THR D 233 24.74 -16.32 20.29
N VAL D 234 23.54 -15.78 20.06
CA VAL D 234 23.38 -14.50 19.41
C VAL D 234 22.70 -13.47 20.30
N SER D 235 22.15 -13.92 21.42
CA SER D 235 21.38 -13.07 22.32
C SER D 235 21.70 -13.26 23.81
N ARG D 236 22.26 -14.41 24.17
CA ARG D 236 22.41 -14.81 25.59
C ARG D 236 23.74 -15.46 25.91
N SER D 237 24.10 -15.39 27.20
CA SER D 237 25.21 -16.14 27.76
C SER D 237 24.87 -17.63 27.83
N VAL D 238 25.92 -18.47 27.96
CA VAL D 238 25.75 -19.91 28.09
C VAL D 238 24.69 -20.26 29.16
N ALA D 239 24.85 -19.69 30.35
CA ALA D 239 24.00 -20.00 31.49
C ALA D 239 22.52 -19.75 31.18
N GLU D 240 22.21 -18.72 30.40
CA GLU D 240 20.83 -18.37 30.10
C GLU D 240 20.26 -19.13 28.92
N GLN D 241 21.13 -19.46 27.95
CA GLN D 241 20.72 -20.13 26.71
C GLN D 241 20.58 -21.64 26.86
N LYS D 242 21.52 -22.25 27.59
CA LYS D 242 21.58 -23.72 27.68
C LYS D 242 20.26 -24.40 28.15
N PRO D 243 19.61 -23.89 29.21
CA PRO D 243 18.32 -24.45 29.65
C PRO D 243 17.24 -24.44 28.56
N LYS D 244 17.26 -23.42 27.71
CA LYS D 244 16.30 -23.32 26.60
C LYS D 244 16.56 -24.40 25.55
N VAL D 245 17.84 -24.64 25.23
CA VAL D 245 18.14 -25.64 24.21
C VAL D 245 17.80 -27.03 24.77
N ILE D 246 18.17 -27.26 26.02
CA ILE D 246 17.90 -28.54 26.69
C ILE D 246 16.41 -28.85 26.83
N ALA D 247 15.61 -27.87 27.25
CA ALA D 247 14.14 -28.09 27.37
C ALA D 247 13.54 -28.53 26.03
N LEU D 248 13.94 -27.85 24.95
CA LEU D 248 13.49 -28.24 23.62
C LEU D 248 14.06 -29.58 23.19
N GLN D 249 15.37 -29.75 23.34
CA GLN D 249 16.01 -31.04 23.02
C GLN D 249 15.23 -32.21 23.64
N GLN D 250 14.87 -32.09 24.92
CA GLN D 250 14.19 -33.18 25.63
C GLN D 250 12.76 -33.37 25.16
N ALA D 251 12.03 -32.28 24.95
CA ALA D 251 10.66 -32.36 24.41
C ALA D 251 10.64 -33.02 23.02
N ILE D 252 11.49 -32.53 22.12
CA ILE D 252 11.62 -33.10 20.79
C ILE D 252 11.85 -34.61 20.87
N ALA D 253 12.80 -35.01 21.73
CA ALA D 253 13.14 -36.43 21.86
C ALA D 253 11.95 -37.25 22.33
N GLY D 254 11.26 -36.77 23.36
CA GLY D 254 10.07 -37.42 23.90
C GLY D 254 8.97 -37.56 22.86
N GLN D 255 8.72 -36.51 22.09
CA GLN D 255 7.74 -36.52 21.01
C GLN D 255 8.06 -37.56 19.94
N LEU D 256 9.34 -37.91 19.83
CA LEU D 256 9.80 -38.88 18.85
C LEU D 256 10.06 -40.24 19.47
N ALA D 257 9.66 -40.39 20.74
CA ALA D 257 9.90 -41.61 21.51
C ALA D 257 11.38 -42.00 21.57
N LEU D 258 12.24 -40.99 21.67
CA LEU D 258 13.68 -41.19 21.79
C LEU D 258 14.18 -40.60 23.09
N THR D 259 15.34 -41.04 23.52
CA THR D 259 16.04 -40.36 24.60
C THR D 259 17.16 -39.56 23.94
N ALA D 260 17.60 -38.51 24.62
CA ALA D 260 18.71 -37.72 24.13
C ALA D 260 19.61 -37.40 25.31
N THR D 261 20.79 -38.02 25.31
CA THR D 261 21.73 -37.88 26.43
C THR D 261 22.88 -36.92 26.13
N ALA D 262 22.97 -36.42 24.91
CA ALA D 262 24.08 -35.53 24.54
C ALA D 262 24.10 -34.23 25.34
N ASP D 263 25.29 -33.79 25.71
CA ASP D 263 25.46 -32.48 26.32
C ASP D 263 25.27 -31.42 25.24
N ILE D 264 24.68 -30.28 25.60
CA ILE D 264 24.55 -29.16 24.68
C ILE D 264 25.81 -28.31 24.79
N HIS D 265 26.39 -27.93 23.64
CA HIS D 265 27.59 -27.06 23.62
C HIS D 265 27.25 -25.70 23.10
N LEU D 266 27.72 -24.68 23.81
CA LEU D 266 27.44 -23.30 23.46
C LEU D 266 28.64 -22.38 23.66
N TRP D 267 28.85 -21.47 22.71
CA TRP D 267 29.87 -20.42 22.84
C TRP D 267 29.19 -19.10 22.84
N ASP D 268 29.48 -18.28 23.85
CA ASP D 268 28.79 -17.00 24.01
C ASP D 268 29.68 -15.79 23.86
N ASP D 269 30.87 -15.99 23.29
CA ASP D 269 31.86 -14.94 23.16
C ASP D 269 31.66 -14.01 21.97
N TYR D 270 30.64 -14.25 21.15
CA TYR D 270 30.59 -13.62 19.83
C TYR D 270 29.40 -12.71 19.51
N PHE D 271 28.57 -12.40 20.51
CA PHE D 271 27.35 -11.63 20.25
C PHE D 271 27.33 -10.24 20.89
N ALA D 272 28.20 -10.02 21.89
CA ALA D 272 28.36 -8.70 22.52
C ALA D 272 28.56 -7.62 21.46
N PRO D 273 28.01 -6.41 21.68
CA PRO D 273 27.32 -5.95 22.89
C PRO D 273 25.84 -6.35 23.06
N GLY D 274 25.32 -7.25 22.23
CA GLY D 274 23.97 -7.74 22.47
C GLY D 274 23.21 -8.19 21.25
N TYR D 275 22.05 -8.79 21.48
CA TYR D 275 21.21 -9.22 20.37
C TYR D 275 20.90 -8.06 19.43
N GLY D 276 21.11 -8.28 18.14
CA GLY D 276 20.72 -7.29 17.14
C GLY D 276 21.68 -6.12 17.00
N VAL D 277 22.76 -6.14 17.76
CA VAL D 277 23.81 -5.12 17.65
C VAL D 277 24.99 -5.71 16.89
N PRO D 278 25.34 -5.13 15.73
CA PRO D 278 26.47 -5.67 14.96
C PRO D 278 27.76 -5.49 15.73
N ASN D 279 28.71 -6.41 15.56
CA ASN D 279 30.06 -6.20 16.09
C ASN D 279 31.11 -6.36 14.98
N ASP D 280 32.36 -6.01 15.28
CA ASP D 280 33.43 -6.00 14.25
C ASP D 280 33.76 -7.37 13.66
N ALA D 281 33.86 -8.38 14.53
CA ALA D 281 34.11 -9.75 14.09
C ALA D 281 32.98 -10.28 13.21
N GLY D 282 31.75 -9.99 13.61
CA GLY D 282 30.57 -10.36 12.84
C GLY D 282 30.61 -9.75 11.44
N MET D 283 30.89 -8.45 11.38
CA MET D 283 30.93 -7.75 10.09
C MET D 283 32.13 -8.20 9.23
N GLU D 284 33.26 -8.51 9.87
CA GLU D 284 34.42 -9.08 9.18
C GLU D 284 34.10 -10.45 8.56
N ALA D 285 33.37 -11.27 9.30
CA ALA D 285 32.89 -12.57 8.81
C ALA D 285 32.01 -12.41 7.57
N VAL D 286 31.08 -11.45 7.62
CA VAL D 286 30.25 -11.09 6.47
C VAL D 286 31.12 -10.73 5.27
N LYS D 287 32.02 -9.77 5.46
CA LYS D 287 32.94 -9.32 4.41
C LYS D 287 33.78 -10.48 3.88
N LEU D 288 34.28 -11.32 4.78
CA LEU D 288 35.07 -12.49 4.39
C LEU D 288 34.30 -13.46 3.50
N LEU D 289 33.08 -13.81 3.91
CA LEU D 289 32.31 -14.81 3.17
C LEU D 289 31.86 -14.30 1.80
N ALA D 290 31.46 -13.04 1.75
CA ALA D 290 31.07 -12.40 0.49
C ALA D 290 32.25 -12.34 -0.48
N SER D 291 33.41 -11.89 0.00
CA SER D 291 34.58 -11.69 -0.86
C SER D 291 35.29 -12.97 -1.25
N LEU D 292 35.30 -13.96 -0.36
CA LEU D 292 35.95 -15.24 -0.69
C LEU D 292 35.03 -16.23 -1.38
N GLU D 293 33.74 -16.17 -1.10
CA GLU D 293 32.83 -17.22 -1.57
C GLU D 293 31.57 -16.74 -2.28
N GLY D 294 31.31 -15.44 -2.28
CA GLY D 294 30.09 -14.89 -2.88
C GLY D 294 28.85 -15.23 -2.08
N VAL D 295 29.05 -15.53 -0.80
CA VAL D 295 27.97 -15.92 0.10
C VAL D 295 27.62 -14.76 1.02
N LEU D 296 26.34 -14.43 1.08
CA LEU D 296 25.88 -13.36 1.95
C LEU D 296 25.41 -13.89 3.32
N LEU D 297 26.11 -13.47 4.38
CA LEU D 297 25.68 -13.67 5.75
C LEU D 297 24.99 -12.41 6.23
N ASP D 298 24.65 -12.36 7.51
CA ASP D 298 23.91 -11.24 8.07
C ASP D 298 24.51 -10.74 9.39
N PRO D 299 24.26 -9.45 9.74
CA PRO D 299 24.82 -8.81 10.94
C PRO D 299 24.38 -9.39 12.30
N VAL D 300 23.18 -9.98 12.35
CA VAL D 300 22.55 -10.38 13.61
C VAL D 300 22.85 -11.83 14.01
N TYR D 301 22.84 -12.73 13.03
CA TYR D 301 22.91 -14.15 13.30
C TYR D 301 24.11 -14.86 12.70
N THR D 302 24.15 -14.98 11.38
CA THR D 302 25.14 -15.81 10.69
C THR D 302 26.53 -15.19 10.64
N GLY D 303 26.60 -13.86 10.64
CA GLY D 303 27.87 -13.15 10.78
C GLY D 303 28.52 -13.44 12.12
N LYS D 304 27.72 -13.38 13.18
CA LYS D 304 28.24 -13.66 14.51
C LYS D 304 28.59 -15.14 14.67
N ALA D 305 27.75 -16.03 14.13
CA ALA D 305 28.03 -17.48 14.17
C ALA D 305 29.30 -17.85 13.41
N MET D 306 29.48 -17.23 12.24
CA MET D 306 30.69 -17.45 11.42
C MET D 306 31.95 -16.90 12.11
N ALA D 307 31.83 -15.76 12.77
CA ALA D 307 32.93 -15.20 13.58
C ALA D 307 33.30 -16.14 14.70
N GLY D 308 32.28 -16.81 15.26
CA GLY D 308 32.49 -17.86 16.23
C GLY D 308 33.33 -19.01 15.68
N LEU D 309 32.96 -19.47 14.49
CA LEU D 309 33.64 -20.57 13.81
C LEU D 309 35.10 -20.21 13.58
N ILE D 310 35.33 -19.00 13.05
CA ILE D 310 36.67 -18.53 12.70
C ILE D 310 37.58 -18.46 13.94
N ASP D 311 37.07 -17.83 14.99
CA ASP D 311 37.79 -17.78 16.25
C ASP D 311 38.02 -19.18 16.85
N GLY D 312 37.00 -20.03 16.78
CA GLY D 312 37.16 -21.43 17.18
C GLY D 312 38.36 -22.12 16.56
N ILE D 313 38.53 -21.98 15.25
CA ILE D 313 39.70 -22.52 14.56
C ILE D 313 40.97 -21.84 15.07
N SER D 314 40.94 -20.51 15.10
CA SER D 314 42.05 -19.69 15.54
C SER D 314 42.57 -20.09 16.93
N GLN D 315 41.65 -20.29 17.87
CA GLN D 315 41.98 -20.61 19.28
C GLN D 315 41.95 -22.12 19.58
N LYS D 316 41.84 -22.95 18.55
CA LYS D 316 41.72 -24.41 18.72
C LYS D 316 40.65 -24.79 19.75
N ARG D 317 39.45 -24.24 19.55
CA ARG D 317 38.31 -24.52 20.41
C ARG D 317 37.56 -25.79 20.04
N PHE D 318 37.71 -26.27 18.81
CA PHE D 318 36.99 -27.47 18.38
C PHE D 318 37.71 -28.72 18.89
N ASN D 319 36.99 -29.84 18.90
CA ASN D 319 37.52 -31.13 19.38
C ASN D 319 38.79 -31.61 18.66
N ASP D 320 38.82 -31.50 17.34
CA ASP D 320 40.04 -31.80 16.57
C ASP D 320 40.22 -30.86 15.38
N ASP D 321 40.92 -31.31 14.34
CA ASP D 321 41.18 -30.49 13.15
C ASP D 321 40.39 -30.89 11.92
N GLY D 322 39.36 -31.71 12.12
CA GLY D 322 38.56 -32.22 11.00
C GLY D 322 37.58 -31.22 10.40
N PRO D 323 36.88 -31.62 9.32
CA PRO D 323 35.93 -30.76 8.63
C PRO D 323 34.86 -30.14 9.56
N ILE D 324 34.50 -28.89 9.27
CA ILE D 324 33.45 -28.19 9.97
C ILE D 324 32.34 -27.89 8.97
N LEU D 325 31.11 -28.18 9.38
CA LEU D 325 29.93 -27.78 8.64
C LEU D 325 29.29 -26.56 9.30
N PHE D 326 29.17 -25.47 8.54
CA PHE D 326 28.46 -24.28 8.99
C PHE D 326 27.02 -24.37 8.53
N ILE D 327 26.08 -24.14 9.45
CA ILE D 327 24.66 -24.12 9.08
C ILE D 327 24.29 -22.70 8.69
N HIS D 328 24.08 -22.46 7.39
CA HIS D 328 23.64 -21.15 6.96
C HIS D 328 22.15 -21.07 7.16
N THR D 329 21.77 -20.33 8.21
CA THR D 329 20.37 -20.21 8.60
C THR D 329 19.64 -19.04 7.91
N GLY D 330 20.37 -18.25 7.12
CA GLY D 330 19.78 -17.16 6.34
C GLY D 330 20.06 -15.78 6.88
N GLY D 331 19.09 -14.87 6.80
CA GLY D 331 19.19 -13.57 7.43
C GLY D 331 19.58 -12.37 6.57
N ALA D 332 20.06 -12.64 5.35
CA ALA D 332 20.58 -11.60 4.46
C ALA D 332 19.73 -10.34 4.26
N PRO D 333 18.39 -10.44 4.31
CA PRO D 333 17.63 -9.18 4.20
C PRO D 333 18.00 -8.10 5.22
N ALA D 334 18.51 -8.50 6.39
CA ALA D 334 18.86 -7.55 7.45
C ALA D 334 20.05 -6.68 7.03
N LEU D 335 20.85 -7.16 6.09
CA LEU D 335 21.96 -6.39 5.57
C LEU D 335 21.47 -5.02 5.14
N PHE D 336 20.31 -4.98 4.49
CA PHE D 336 19.76 -3.76 3.93
C PHE D 336 19.18 -2.82 4.99
N ALA D 337 18.68 -3.41 6.06
CA ALA D 337 18.19 -2.62 7.19
C ALA D 337 19.32 -2.05 8.06
N TYR D 338 20.41 -2.81 8.19
CA TYR D 338 21.51 -2.40 9.07
C TYR D 338 22.44 -1.38 8.45
N HIS D 339 22.35 -1.22 7.14
CA HIS D 339 23.17 -0.25 6.42
C HIS D 339 22.48 1.09 6.38
N PRO D 340 23.23 2.19 6.55
CA PRO D 340 24.68 2.31 6.82
C PRO D 340 25.09 2.09 8.28
N HIS D 341 24.17 2.26 9.22
CA HIS D 341 24.46 1.99 10.62
C HIS D 341 23.24 1.88 11.51
N VAL D 342 23.48 1.27 12.67
CA VAL D 342 22.54 1.20 13.81
C VAL D 342 21.18 0.62 13.44
S SO4 E . -3.28 24.10 2.49
O1 SO4 E . -3.33 25.58 2.43
O2 SO4 E . -1.99 23.65 1.93
O3 SO4 E . -4.42 23.53 1.75
O4 SO4 E . -3.42 23.66 3.89
CL CL F . -28.34 34.37 21.64
C1 BEN G . -23.39 36.26 20.93
C2 BEN G . -22.02 35.99 21.05
C3 BEN G . -21.14 36.48 20.09
C4 BEN G . -21.60 37.24 19.02
C5 BEN G . -22.96 37.52 18.90
C6 BEN G . -23.86 37.03 19.86
C BEN G . -24.36 35.74 21.95
N1 BEN G . -24.01 35.60 23.17
N2 BEN G . -25.61 35.43 21.58
S SO4 H . -24.31 2.25 10.18
O1 SO4 H . -24.53 3.56 9.53
O2 SO4 H . -22.85 2.02 10.20
O3 SO4 H . -24.97 1.16 9.44
O4 SO4 H . -24.87 2.25 11.55
C1 BEN I . -9.46 -8.65 -14.37
C2 BEN I . -9.59 -9.19 -13.08
C3 BEN I . -8.92 -8.59 -12.01
C4 BEN I . -8.12 -7.47 -12.22
C5 BEN I . -7.98 -6.94 -13.51
C6 BEN I . -8.66 -7.53 -14.58
C BEN I . -10.18 -9.30 -15.52
N1 BEN I . -10.66 -8.59 -16.44
N2 BEN I . -10.32 -10.61 -15.58
C1 BEN J . -6.09 -9.01 -2.39
C2 BEN J . -7.32 -9.50 -2.87
C3 BEN J . -7.99 -10.49 -2.14
C4 BEN J . -7.44 -10.99 -0.96
C5 BEN J . -6.22 -10.50 -0.49
C6 BEN J . -5.55 -9.51 -1.21
C BEN J . -5.37 -7.94 -3.16
N1 BEN J . -4.08 -7.75 -2.94
N2 BEN J . -5.97 -7.23 -4.02
S SO4 K . 20.86 -5.05 -14.99
O1 SO4 K . 22.20 -4.46 -15.18
O2 SO4 K . 20.16 -5.10 -16.28
O3 SO4 K . 20.07 -4.22 -14.05
O4 SO4 K . 20.95 -6.39 -14.38
C1 BEN L . -2.96 0.91 -10.31
C2 BEN L . -2.82 0.28 -11.55
C3 BEN L . -2.38 1.00 -12.65
C4 BEN L . -2.09 2.36 -12.52
C5 BEN L . -2.24 3.00 -11.29
C6 BEN L . -2.68 2.28 -10.19
C BEN L . -3.44 0.14 -9.13
N1 BEN L . -3.93 0.79 -8.06
N2 BEN L . -3.40 -1.12 -9.14
S SO4 M . 14.04 -14.02 14.28
O1 SO4 M . 14.69 -15.00 15.18
O2 SO4 M . 14.94 -12.92 13.89
O3 SO4 M . 12.85 -13.48 14.99
O4 SO4 M . 13.67 -14.70 13.02
C1 BEN N . 43.26 -17.15 9.58
C2 BEN N . 43.16 -18.53 9.73
C3 BEN N . 42.29 -19.08 10.69
C4 BEN N . 41.52 -18.24 11.50
C5 BEN N . 41.62 -16.86 11.34
C6 BEN N . 42.49 -16.32 10.40
C BEN N . 44.18 -16.55 8.54
N1 BEN N . 44.75 -15.36 8.75
N2 BEN N . 44.40 -17.15 7.45
#